data_6OTD
# 
_entry.id   6OTD 
# 
_audit_conform.dict_name       mmcif_pdbx.dic 
_audit_conform.dict_version    5.380 
_audit_conform.dict_location   http://mmcif.pdb.org/dictionaries/ascii/mmcif_pdbx.dic 
# 
loop_
_database_2.database_id 
_database_2.database_code 
_database_2.pdbx_database_accession 
_database_2.pdbx_DOI 
PDB   6OTD         pdb_00006otd 10.2210/pdb6otd/pdb 
WWPDB D_1000239563 ?            ?                   
# 
loop_
_pdbx_database_related.db_name 
_pdbx_database_related.details 
_pdbx_database_related.db_id 
_pdbx_database_related.content_type 
PDB . 5OHE unspecified 
PDB . 5OHF unspecified 
# 
_pdbx_database_status.status_code                     REL 
_pdbx_database_status.status_code_sf                  REL 
_pdbx_database_status.status_code_mr                  ? 
_pdbx_database_status.entry_id                        6OTD 
_pdbx_database_status.recvd_initial_deposition_date   2019-05-03 
_pdbx_database_status.SG_entry                        N 
_pdbx_database_status.deposit_site                    RCSB 
_pdbx_database_status.process_site                    RCSB 
_pdbx_database_status.status_code_cs                  ? 
_pdbx_database_status.methods_development_category    ? 
_pdbx_database_status.pdb_format_compatible           Y 
_pdbx_database_status.status_code_nmr_data            ? 
# 
loop_
_audit_author.name 
_audit_author.pdbx_ordinal 
_audit_author.identifier_ORCID 
'Skalova, T.'    1 0000-0003-3186-2431 
'Dohnalek, J.'   2 0000-0002-8083-7980 
'Kolenko, P.'    3 0000-0002-4619-9276 
'Stranava, M.'   4 ?                   
'Lengalova, A.'  5 0000-0002-8386-9363 
'Martinkova, M.' 6 0000-0002-0865-8785 
# 
_citation.abstract                  ? 
_citation.abstract_id_CAS           ? 
_citation.book_id_ISBN              ? 
_citation.book_publisher            ? 
_citation.book_publisher_city       ? 
_citation.book_title                ? 
_citation.coordinate_linkage        ? 
_citation.country                   US 
_citation.database_id_Medline       ? 
_citation.details                   ? 
_citation.id                        primary 
_citation.journal_abbrev            J.Biol.Chem. 
_citation.journal_id_ASTM           JBCHA3 
_citation.journal_id_CSD            0071 
_citation.journal_id_ISSN           1083-351X 
_citation.journal_full              ? 
_citation.journal_issue             ? 
_citation.journal_volume            295 
_citation.language                  ? 
_citation.page_first                1587 
_citation.page_last                 1597 
_citation.title                     
;Disruption of the dimerization interface of the sensing domain in the dimeric heme-based oxygen sensorAfGcHK abolishes bacterial signal transduction.
;
_citation.year                      2020 
_citation.database_id_CSD           ? 
_citation.pdbx_database_id_DOI      10.1074/jbc.RA119.011574 
_citation.pdbx_database_id_PubMed   31914416 
_citation.unpublished_flag          ? 
# 
loop_
_citation_author.citation_id 
_citation_author.name 
_citation_author.ordinal 
_citation_author.identifier_ORCID 
primary 'Skalova, T.'    1  0000-0003-3186-2431 
primary 'Lengalova, A.'  2  0000-0002-8386-9363 
primary 'Dohnalek, J.'   3  0000-0002-8083-7980 
primary 'Harlos, K.'     4  ?                   
primary 'Mihalcin, P.'   5  ?                   
primary 'Kolenko, P.'    6  0000-0002-4619-9276 
primary 'Stranava, M.'   7  ?                   
primary 'Blaha, J.'      8  ?                   
primary 'Shimizu, T.'    9  ?                   
primary 'Martinkova, M.' 10 0000-0002-0865-8785 
# 
_cell.angle_alpha                  90.00 
_cell.angle_alpha_esd              ? 
_cell.angle_beta                   90.00 
_cell.angle_beta_esd               ? 
_cell.angle_gamma                  120.00 
_cell.angle_gamma_esd              ? 
_cell.entry_id                     6OTD 
_cell.details                      ? 
_cell.formula_units_Z              ? 
_cell.length_a                     69.440 
_cell.length_a_esd                 ? 
_cell.length_b                     69.440 
_cell.length_b_esd                 ? 
_cell.length_c                     113.364 
_cell.length_c_esd                 ? 
_cell.volume                       ? 
_cell.volume_esd                   ? 
_cell.Z_PDB                        12 
_cell.reciprocal_angle_alpha       ? 
_cell.reciprocal_angle_beta        ? 
_cell.reciprocal_angle_gamma       ? 
_cell.reciprocal_angle_alpha_esd   ? 
_cell.reciprocal_angle_beta_esd    ? 
_cell.reciprocal_angle_gamma_esd   ? 
_cell.reciprocal_length_a          ? 
_cell.reciprocal_length_b          ? 
_cell.reciprocal_length_c          ? 
_cell.reciprocal_length_a_esd      ? 
_cell.reciprocal_length_b_esd      ? 
_cell.reciprocal_length_c_esd      ? 
_cell.pdbx_unique_axis             ? 
# 
_symmetry.entry_id                         6OTD 
_symmetry.cell_setting                     ? 
_symmetry.Int_Tables_number                178 
_symmetry.space_group_name_Hall            ? 
_symmetry.space_group_name_H-M             'P 61 2 2' 
_symmetry.pdbx_full_space_group_name_H-M   ? 
# 
loop_
_entity.id 
_entity.type 
_entity.src_method 
_entity.pdbx_description 
_entity.formula_weight 
_entity.pdbx_number_of_molecules 
_entity.pdbx_ec 
_entity.pdbx_mutation 
_entity.pdbx_fragment 
_entity.details 
1 polymer     man 'Globin-coupled histidine kinase' 18370.861 1  2.7.13.3 ? ? ? 
2 non-polymer syn 'PROTOPORPHYRIN IX CONTAINING FE' 616.487   1  ?        ? ? ? 
3 non-polymer syn '(4S)-2-METHYL-2,4-PENTANEDIOL'   118.174   1  ?        ? ? ? 
4 non-polymer syn IMIDAZOLE                         69.085    2  ?        ? ? ? 
5 water       nat water                             18.015    68 ?        ? ? ? 
# 
_entity_name_com.entity_id   1 
_entity_name_com.name        'AfGcHK,Heme-based oxygen-sensor histidine kinase' 
# 
_entity_poly.entity_id                      1 
_entity_poly.type                           'polypeptide(L)' 
_entity_poly.nstd_linkage                   no 
_entity_poly.nstd_monomer                   no 
_entity_poly.pdbx_seq_one_letter_code       
;GTGVPETVFEELKRYVGWGDGDERALRSLHGAAAPHFPRLAEEFYDRILGHEGARTALVGGESQVGHLKVTMIAWLDELL
GGPWDEAYWDRRYRIGRVHVRIGLPQHYMFGAMNVHRTGLARLAYERFHGDPPELERVRNALGKVLDLELAVMLHTYRED
L
;
_entity_poly.pdbx_seq_one_letter_code_can   
;GTGVPETVFEELKRYVGWGDGDERALRSLHGAAAPHFPRLAEEFYDRILGHEGARTALVGGESQVGHLKVTMIAWLDELL
GGPWDEAYWDRRYRIGRVHVRIGLPQHYMFGAMNVHRTGLARLAYERFHGDPPELERVRNALGKVLDLELAVMLHTYRED
L
;
_entity_poly.pdbx_strand_id                 A 
_entity_poly.pdbx_target_identifier         ? 
# 
loop_
_entity_poly_seq.entity_id 
_entity_poly_seq.num 
_entity_poly_seq.mon_id 
_entity_poly_seq.hetero 
1 1   GLY n 
1 2   THR n 
1 3   GLY n 
1 4   VAL n 
1 5   PRO n 
1 6   GLU n 
1 7   THR n 
1 8   VAL n 
1 9   PHE n 
1 10  GLU n 
1 11  GLU n 
1 12  LEU n 
1 13  LYS n 
1 14  ARG n 
1 15  TYR n 
1 16  VAL n 
1 17  GLY n 
1 18  TRP n 
1 19  GLY n 
1 20  ASP n 
1 21  GLY n 
1 22  ASP n 
1 23  GLU n 
1 24  ARG n 
1 25  ALA n 
1 26  LEU n 
1 27  ARG n 
1 28  SER n 
1 29  LEU n 
1 30  HIS n 
1 31  GLY n 
1 32  ALA n 
1 33  ALA n 
1 34  ALA n 
1 35  PRO n 
1 36  HIS n 
1 37  PHE n 
1 38  PRO n 
1 39  ARG n 
1 40  LEU n 
1 41  ALA n 
1 42  GLU n 
1 43  GLU n 
1 44  PHE n 
1 45  TYR n 
1 46  ASP n 
1 47  ARG n 
1 48  ILE n 
1 49  LEU n 
1 50  GLY n 
1 51  HIS n 
1 52  GLU n 
1 53  GLY n 
1 54  ALA n 
1 55  ARG n 
1 56  THR n 
1 57  ALA n 
1 58  LEU n 
1 59  VAL n 
1 60  GLY n 
1 61  GLY n 
1 62  GLU n 
1 63  SER n 
1 64  GLN n 
1 65  VAL n 
1 66  GLY n 
1 67  HIS n 
1 68  LEU n 
1 69  LYS n 
1 70  VAL n 
1 71  THR n 
1 72  MET n 
1 73  ILE n 
1 74  ALA n 
1 75  TRP n 
1 76  LEU n 
1 77  ASP n 
1 78  GLU n 
1 79  LEU n 
1 80  LEU n 
1 81  GLY n 
1 82  GLY n 
1 83  PRO n 
1 84  TRP n 
1 85  ASP n 
1 86  GLU n 
1 87  ALA n 
1 88  TYR n 
1 89  TRP n 
1 90  ASP n 
1 91  ARG n 
1 92  ARG n 
1 93  TYR n 
1 94  ARG n 
1 95  ILE n 
1 96  GLY n 
1 97  ARG n 
1 98  VAL n 
1 99  HIS n 
1 100 VAL n 
1 101 ARG n 
1 102 ILE n 
1 103 GLY n 
1 104 LEU n 
1 105 PRO n 
1 106 GLN n 
1 107 HIS n 
1 108 TYR n 
1 109 MET n 
1 110 PHE n 
1 111 GLY n 
1 112 ALA n 
1 113 MET n 
1 114 ASN n 
1 115 VAL n 
1 116 HIS n 
1 117 ARG n 
1 118 THR n 
1 119 GLY n 
1 120 LEU n 
1 121 ALA n 
1 122 ARG n 
1 123 LEU n 
1 124 ALA n 
1 125 TYR n 
1 126 GLU n 
1 127 ARG n 
1 128 PHE n 
1 129 HIS n 
1 130 GLY n 
1 131 ASP n 
1 132 PRO n 
1 133 PRO n 
1 134 GLU n 
1 135 LEU n 
1 136 GLU n 
1 137 ARG n 
1 138 VAL n 
1 139 ARG n 
1 140 ASN n 
1 141 ALA n 
1 142 LEU n 
1 143 GLY n 
1 144 LYS n 
1 145 VAL n 
1 146 LEU n 
1 147 ASP n 
1 148 LEU n 
1 149 GLU n 
1 150 LEU n 
1 151 ALA n 
1 152 VAL n 
1 153 MET n 
1 154 LEU n 
1 155 HIS n 
1 156 THR n 
1 157 TYR n 
1 158 ARG n 
1 159 GLU n 
1 160 ASP n 
1 161 LEU n 
# 
_entity_src_gen.entity_id                          1 
_entity_src_gen.pdbx_src_id                        1 
_entity_src_gen.pdbx_alt_source_flag               sample 
_entity_src_gen.pdbx_seq_type                      'Biological sequence' 
_entity_src_gen.pdbx_beg_seq_num                   1 
_entity_src_gen.pdbx_end_seq_num                   161 
_entity_src_gen.gene_src_common_name               ? 
_entity_src_gen.gene_src_genus                     ? 
_entity_src_gen.pdbx_gene_src_gene                 'gchK, Anae109_2438' 
_entity_src_gen.gene_src_species                   ? 
_entity_src_gen.gene_src_strain                    Fw109-5 
_entity_src_gen.gene_src_tissue                    ? 
_entity_src_gen.gene_src_tissue_fraction           ? 
_entity_src_gen.gene_src_details                   ? 
_entity_src_gen.pdbx_gene_src_fragment             ? 
_entity_src_gen.pdbx_gene_src_scientific_name      'Anaeromyxobacter sp. Fw109-5' 
_entity_src_gen.pdbx_gene_src_ncbi_taxonomy_id     404589 
_entity_src_gen.pdbx_gene_src_variant              ? 
_entity_src_gen.pdbx_gene_src_cell_line            ? 
_entity_src_gen.pdbx_gene_src_atcc                 ? 
_entity_src_gen.pdbx_gene_src_organ                ? 
_entity_src_gen.pdbx_gene_src_organelle            ? 
_entity_src_gen.pdbx_gene_src_cell                 ? 
_entity_src_gen.pdbx_gene_src_cellular_location    ? 
_entity_src_gen.host_org_common_name               ? 
_entity_src_gen.pdbx_host_org_scientific_name      'Escherichia coli BL21(DE3)' 
_entity_src_gen.pdbx_host_org_ncbi_taxonomy_id     469008 
_entity_src_gen.host_org_genus                     ? 
_entity_src_gen.pdbx_host_org_gene                 ? 
_entity_src_gen.pdbx_host_org_organ                ? 
_entity_src_gen.host_org_species                   ? 
_entity_src_gen.pdbx_host_org_tissue               ? 
_entity_src_gen.pdbx_host_org_tissue_fraction      ? 
_entity_src_gen.pdbx_host_org_strain               ? 
_entity_src_gen.pdbx_host_org_variant              ? 
_entity_src_gen.pdbx_host_org_cell_line            ? 
_entity_src_gen.pdbx_host_org_atcc                 ? 
_entity_src_gen.pdbx_host_org_culture_collection   ? 
_entity_src_gen.pdbx_host_org_cell                 ? 
_entity_src_gen.pdbx_host_org_organelle            ? 
_entity_src_gen.pdbx_host_org_cellular_location    ? 
_entity_src_gen.pdbx_host_org_vector_type          ? 
_entity_src_gen.pdbx_host_org_vector               ? 
_entity_src_gen.host_org_details                   ? 
_entity_src_gen.expression_system_id               ? 
_entity_src_gen.plasmid_name                       'pET-21c(+)' 
_entity_src_gen.plasmid_details                    ? 
_entity_src_gen.pdbx_description                   ? 
# 
_struct_ref.id                         1 
_struct_ref.db_name                    UNP 
_struct_ref.db_code                    GCHK_ANADF 
_struct_ref.pdbx_db_accession          A7HD43 
_struct_ref.pdbx_db_isoform            ? 
_struct_ref.entity_id                  1 
_struct_ref.pdbx_seq_one_letter_code   
;TGVPETVFEELKRYVGWGDGDERALRSLHGAAAPHFPRLAEEFYDRILGHEGARTALVGGESQVGHLKVTMIAWLDELLG
GPWDEAYWDRRYRIGRVHVRIGLPQHYMFGAMNVHRTGLARLAYERFHGDPPELERVRNALGKVLDLELAVMLHTYREDL

;
_struct_ref.pdbx_align_begin           2 
# 
_struct_ref_seq.align_id                      1 
_struct_ref_seq.ref_id                        1 
_struct_ref_seq.pdbx_PDB_id_code              6OTD 
_struct_ref_seq.pdbx_strand_id                A 
_struct_ref_seq.seq_align_beg                 2 
_struct_ref_seq.pdbx_seq_align_beg_ins_code   ? 
_struct_ref_seq.seq_align_end                 161 
_struct_ref_seq.pdbx_seq_align_end_ins_code   ? 
_struct_ref_seq.pdbx_db_accession             A7HD43 
_struct_ref_seq.db_align_beg                  2 
_struct_ref_seq.pdbx_db_align_beg_ins_code    ? 
_struct_ref_seq.db_align_end                  161 
_struct_ref_seq.pdbx_db_align_end_ins_code    ? 
_struct_ref_seq.pdbx_auth_seq_align_beg       2 
_struct_ref_seq.pdbx_auth_seq_align_end       161 
# 
_struct_ref_seq_dif.align_id                     1 
_struct_ref_seq_dif.pdbx_pdb_id_code             6OTD 
_struct_ref_seq_dif.mon_id                       GLY 
_struct_ref_seq_dif.pdbx_pdb_strand_id           A 
_struct_ref_seq_dif.seq_num                      1 
_struct_ref_seq_dif.pdbx_pdb_ins_code            ? 
_struct_ref_seq_dif.pdbx_seq_db_name             UNP 
_struct_ref_seq_dif.pdbx_seq_db_accession_code   A7HD43 
_struct_ref_seq_dif.db_mon_id                    ? 
_struct_ref_seq_dif.pdbx_seq_db_seq_num          ? 
_struct_ref_seq_dif.details                      'expression tag' 
_struct_ref_seq_dif.pdbx_auth_seq_num            1 
_struct_ref_seq_dif.pdbx_ordinal                 1 
# 
loop_
_chem_comp.id 
_chem_comp.type 
_chem_comp.mon_nstd_flag 
_chem_comp.name 
_chem_comp.pdbx_synonyms 
_chem_comp.formula 
_chem_comp.formula_weight 
ALA 'L-peptide linking' y ALANINE                           ?    'C3 H7 N O2'       89.093  
ARG 'L-peptide linking' y ARGININE                          ?    'C6 H15 N4 O2 1'   175.209 
ASN 'L-peptide linking' y ASPARAGINE                        ?    'C4 H8 N2 O3'      132.118 
ASP 'L-peptide linking' y 'ASPARTIC ACID'                   ?    'C4 H7 N O4'       133.103 
GLN 'L-peptide linking' y GLUTAMINE                         ?    'C5 H10 N2 O3'     146.144 
GLU 'L-peptide linking' y 'GLUTAMIC ACID'                   ?    'C5 H9 N O4'       147.129 
GLY 'peptide linking'   y GLYCINE                           ?    'C2 H5 N O2'       75.067  
HEM non-polymer         . 'PROTOPORPHYRIN IX CONTAINING FE' HEME 'C34 H32 Fe N4 O4' 616.487 
HIS 'L-peptide linking' y HISTIDINE                         ?    'C6 H10 N3 O2 1'   156.162 
HOH non-polymer         . WATER                             ?    'H2 O'             18.015  
ILE 'L-peptide linking' y ISOLEUCINE                        ?    'C6 H13 N O2'      131.173 
IMD non-polymer         . IMIDAZOLE                         ?    'C3 H5 N2 1'       69.085  
LEU 'L-peptide linking' y LEUCINE                           ?    'C6 H13 N O2'      131.173 
LYS 'L-peptide linking' y LYSINE                            ?    'C6 H15 N2 O2 1'   147.195 
MET 'L-peptide linking' y METHIONINE                        ?    'C5 H11 N O2 S'    149.211 
MPD non-polymer         . '(4S)-2-METHYL-2,4-PENTANEDIOL'   ?    'C6 H14 O2'        118.174 
PHE 'L-peptide linking' y PHENYLALANINE                     ?    'C9 H11 N O2'      165.189 
PRO 'L-peptide linking' y PROLINE                           ?    'C5 H9 N O2'       115.130 
SER 'L-peptide linking' y SERINE                            ?    'C3 H7 N O3'       105.093 
THR 'L-peptide linking' y THREONINE                         ?    'C4 H9 N O3'       119.119 
TRP 'L-peptide linking' y TRYPTOPHAN                        ?    'C11 H12 N2 O2'    204.225 
TYR 'L-peptide linking' y TYROSINE                          ?    'C9 H11 N O3'      181.189 
VAL 'L-peptide linking' y VALINE                            ?    'C5 H11 N O2'      117.146 
# 
_exptl.absorpt_coefficient_mu     ? 
_exptl.absorpt_correction_T_max   ? 
_exptl.absorpt_correction_T_min   ? 
_exptl.absorpt_correction_type    ? 
_exptl.absorpt_process_details    ? 
_exptl.entry_id                   6OTD 
_exptl.crystals_number            1 
_exptl.details                    ? 
_exptl.method                     'X-RAY DIFFRACTION' 
_exptl.method_details             ? 
# 
_exptl_crystal.colour                      ? 
_exptl_crystal.density_diffrn              ? 
_exptl_crystal.density_Matthews            2.2 
_exptl_crystal.density_method              ? 
_exptl_crystal.density_percent_sol         43 
_exptl_crystal.description                 ? 
_exptl_crystal.F_000                       ? 
_exptl_crystal.id                          1 
_exptl_crystal.preparation                 ? 
_exptl_crystal.size_max                    ? 
_exptl_crystal.size_mid                    ? 
_exptl_crystal.size_min                    ? 
_exptl_crystal.size_rad                    ? 
_exptl_crystal.colour_lustre               ? 
_exptl_crystal.colour_modifier             ? 
_exptl_crystal.colour_primary              ? 
_exptl_crystal.density_meas                ? 
_exptl_crystal.density_meas_esd            ? 
_exptl_crystal.density_meas_gt             ? 
_exptl_crystal.density_meas_lt             ? 
_exptl_crystal.density_meas_temp           ? 
_exptl_crystal.density_meas_temp_esd       ? 
_exptl_crystal.density_meas_temp_gt        ? 
_exptl_crystal.density_meas_temp_lt        ? 
_exptl_crystal.pdbx_crystal_image_url      ? 
_exptl_crystal.pdbx_crystal_image_format   ? 
_exptl_crystal.pdbx_mosaicity              ? 
_exptl_crystal.pdbx_mosaicity_esd          ? 
# 
_exptl_crystal_grow.apparatus       ? 
_exptl_crystal_grow.atmosphere      ? 
_exptl_crystal_grow.crystal_id      1 
_exptl_crystal_grow.details         ? 
_exptl_crystal_grow.method          'VAPOR DIFFUSION, SITTING DROP' 
_exptl_crystal_grow.method_ref      ? 
_exptl_crystal_grow.pH              6.5 
_exptl_crystal_grow.pressure        ? 
_exptl_crystal_grow.pressure_esd    ? 
_exptl_crystal_grow.seeding         ? 
_exptl_crystal_grow.seeding_ref     ? 
_exptl_crystal_grow.temp            294 
_exptl_crystal_grow.temp_details    ? 
_exptl_crystal_grow.temp_esd        ? 
_exptl_crystal_grow.time            ? 
_exptl_crystal_grow.pdbx_details    
;C4 Morpheus condition (0.09M NPS ligand stock (NaNO3, Na2HPO4, (NH4)2SO4), 0.1M buffer system pH 6.5 (imidazole, MES) and 37.5% precipitant stock MPD_P1K_P3350 (MPD, PEG 1000 and PEG 3350)
;
_exptl_crystal_grow.pdbx_pH_range   ? 
# 
_diffrn.ambient_environment              ? 
_diffrn.ambient_temp                     100 
_diffrn.ambient_temp_details             ? 
_diffrn.ambient_temp_esd                 ? 
_diffrn.crystal_id                       1 
_diffrn.crystal_support                  ? 
_diffrn.crystal_treatment                ? 
_diffrn.details                          ? 
_diffrn.id                               1 
_diffrn.ambient_pressure                 ? 
_diffrn.ambient_pressure_esd             ? 
_diffrn.ambient_pressure_gt              ? 
_diffrn.ambient_pressure_lt              ? 
_diffrn.ambient_temp_gt                  ? 
_diffrn.ambient_temp_lt                  ? 
_diffrn.pdbx_serial_crystal_experiment   N 
# 
_diffrn_detector.details                      ? 
_diffrn_detector.detector                     PIXEL 
_diffrn_detector.diffrn_id                    1 
_diffrn_detector.type                         'DECTRIS PILATUS 6M-F' 
_diffrn_detector.area_resol_mean              ? 
_diffrn_detector.dtime                        ? 
_diffrn_detector.pdbx_frames_total            ? 
_diffrn_detector.pdbx_collection_time_total   ? 
_diffrn_detector.pdbx_collection_date         2015-11-27 
_diffrn_detector.pdbx_frequency               ? 
# 
_diffrn_radiation.collimation                      ? 
_diffrn_radiation.diffrn_id                        1 
_diffrn_radiation.filter_edge                      ? 
_diffrn_radiation.inhomogeneity                    ? 
_diffrn_radiation.monochromator                    ? 
_diffrn_radiation.polarisn_norm                    ? 
_diffrn_radiation.polarisn_ratio                   ? 
_diffrn_radiation.probe                            ? 
_diffrn_radiation.type                             ? 
_diffrn_radiation.xray_symbol                      ? 
_diffrn_radiation.wavelength_id                    1 
_diffrn_radiation.pdbx_monochromatic_or_laue_m_l   M 
_diffrn_radiation.pdbx_wavelength_list             ? 
_diffrn_radiation.pdbx_wavelength                  ? 
_diffrn_radiation.pdbx_diffrn_protocol             'SINGLE WAVELENGTH' 
_diffrn_radiation.pdbx_analyzer                    ? 
_diffrn_radiation.pdbx_scattering_type             x-ray 
# 
_diffrn_radiation_wavelength.id           1 
_diffrn_radiation_wavelength.wavelength   0.97 
_diffrn_radiation_wavelength.wt           1.0 
# 
_diffrn_source.current                     ? 
_diffrn_source.details                     ? 
_diffrn_source.diffrn_id                   1 
_diffrn_source.power                       ? 
_diffrn_source.size                        ? 
_diffrn_source.source                      SYNCHROTRON 
_diffrn_source.target                      ? 
_diffrn_source.type                        'DIAMOND BEAMLINE I02' 
_diffrn_source.voltage                     ? 
_diffrn_source.take-off_angle              ? 
_diffrn_source.pdbx_wavelength_list        0.97 
_diffrn_source.pdbx_wavelength             ? 
_diffrn_source.pdbx_synchrotron_beamline   I02 
_diffrn_source.pdbx_synchrotron_site       Diamond 
# 
_reflns.B_iso_Wilson_estimate            29 
_reflns.entry_id                         6OTD 
_reflns.data_reduction_details           ? 
_reflns.data_reduction_method            ? 
_reflns.d_resolution_high                1.8 
_reflns.d_resolution_low                 41.25 
_reflns.details                          ? 
_reflns.limit_h_max                      ? 
_reflns.limit_h_min                      ? 
_reflns.limit_k_max                      ? 
_reflns.limit_k_min                      ? 
_reflns.limit_l_max                      ? 
_reflns.limit_l_min                      ? 
_reflns.number_all                       ? 
_reflns.number_obs                       15414 
_reflns.observed_criterion               ? 
_reflns.observed_criterion_F_max         ? 
_reflns.observed_criterion_F_min         ? 
_reflns.observed_criterion_I_max         ? 
_reflns.observed_criterion_I_min         ? 
_reflns.observed_criterion_sigma_F       ? 
_reflns.observed_criterion_sigma_I       -3.7 
_reflns.percent_possible_obs             99.2 
_reflns.R_free_details                   ? 
_reflns.Rmerge_F_all                     ? 
_reflns.Rmerge_F_obs                     ? 
_reflns.Friedel_coverage                 ? 
_reflns.number_gt                        ? 
_reflns.threshold_expression             ? 
_reflns.pdbx_redundancy                  13.9 
_reflns.pdbx_Rmerge_I_obs                0.073 
_reflns.pdbx_Rmerge_I_all                ? 
_reflns.pdbx_Rsym_value                  ? 
_reflns.pdbx_netI_over_av_sigmaI         ? 
_reflns.pdbx_netI_over_sigmaI            18.3 
_reflns.pdbx_res_netI_over_av_sigmaI_2   ? 
_reflns.pdbx_res_netI_over_sigmaI_2      ? 
_reflns.pdbx_chi_squared                 ? 
_reflns.pdbx_scaling_rejects             ? 
_reflns.pdbx_d_res_high_opt              ? 
_reflns.pdbx_d_res_low_opt               ? 
_reflns.pdbx_d_res_opt_method            ? 
_reflns.phase_calculation_details        ? 
_reflns.pdbx_Rrim_I_all                  ? 
_reflns.pdbx_Rpim_I_all                  0.028 
_reflns.pdbx_d_opt                       ? 
_reflns.pdbx_number_measured_all         ? 
_reflns.pdbx_diffrn_id                   1 
_reflns.pdbx_ordinal                     1 
_reflns.pdbx_CC_half                     0.999 
_reflns.pdbx_R_split                     ? 
# 
_reflns_shell.d_res_high                  1.80 
_reflns_shell.d_res_low                   1.84 
_reflns_shell.meanI_over_sigI_all         ? 
_reflns_shell.meanI_over_sigI_obs         ? 
_reflns_shell.number_measured_all         ? 
_reflns_shell.number_measured_obs         ? 
_reflns_shell.number_possible             ? 
_reflns_shell.number_unique_all           ? 
_reflns_shell.number_unique_obs           902 
_reflns_shell.percent_possible_all        99.9 
_reflns_shell.percent_possible_obs        ? 
_reflns_shell.Rmerge_F_all                ? 
_reflns_shell.Rmerge_F_obs                ? 
_reflns_shell.Rmerge_I_all                ? 
_reflns_shell.Rmerge_I_obs                1.32 
_reflns_shell.meanI_over_sigI_gt          ? 
_reflns_shell.meanI_over_uI_all           ? 
_reflns_shell.meanI_over_uI_gt            ? 
_reflns_shell.number_measured_gt          ? 
_reflns_shell.number_unique_gt            ? 
_reflns_shell.percent_possible_gt         ? 
_reflns_shell.Rmerge_F_gt                 ? 
_reflns_shell.Rmerge_I_gt                 ? 
_reflns_shell.pdbx_redundancy             14.2 
_reflns_shell.pdbx_Rsym_value             ? 
_reflns_shell.pdbx_chi_squared            ? 
_reflns_shell.pdbx_netI_over_sigmaI_all   ? 
_reflns_shell.pdbx_netI_over_sigmaI_obs   ? 
_reflns_shell.pdbx_Rrim_I_all             ? 
_reflns_shell.pdbx_Rpim_I_all             0.506 
_reflns_shell.pdbx_rejects                ? 
_reflns_shell.pdbx_ordinal                1 
_reflns_shell.pdbx_diffrn_id              1 
_reflns_shell.pdbx_CC_half                0.703 
_reflns_shell.pdbx_R_split                ? 
# 
_refine.aniso_B[1][1]                            -0.69 
_refine.aniso_B[1][2]                            -0.34 
_refine.aniso_B[1][3]                            -0.00 
_refine.aniso_B[2][2]                            -0.69 
_refine.aniso_B[2][3]                            0.00 
_refine.aniso_B[3][3]                            2.24 
_refine.B_iso_max                                ? 
_refine.B_iso_mean                               35.201 
_refine.B_iso_min                                ? 
_refine.correlation_coeff_Fo_to_Fc               0.966 
_refine.correlation_coeff_Fo_to_Fc_free          ? 
_refine.details                                  
;Authors state that RFREE was used in all cycles of refinement and model building. The last reciprocal refinement cycle was run against all measured reflections. The last value of RFREE before the last refinement cycle was 0.231.
;
_refine.diff_density_max                         ? 
_refine.diff_density_max_esd                     ? 
_refine.diff_density_min                         ? 
_refine.diff_density_min_esd                     ? 
_refine.diff_density_rms                         ? 
_refine.diff_density_rms_esd                     ? 
_refine.entry_id                                 6OTD 
_refine.pdbx_refine_id                           'X-RAY DIFFRACTION' 
_refine.ls_abs_structure_details                 ? 
_refine.ls_abs_structure_Flack                   ? 
_refine.ls_abs_structure_Flack_esd               ? 
_refine.ls_abs_structure_Rogers                  ? 
_refine.ls_abs_structure_Rogers_esd              ? 
_refine.ls_d_res_high                            1.80 
_refine.ls_d_res_low                             41.25 
_refine.ls_extinction_coef                       ? 
_refine.ls_extinction_coef_esd                   ? 
_refine.ls_extinction_expression                 ? 
_refine.ls_extinction_method                     ? 
_refine.ls_goodness_of_fit_all                   ? 
_refine.ls_goodness_of_fit_all_esd               ? 
_refine.ls_goodness_of_fit_obs                   ? 
_refine.ls_goodness_of_fit_obs_esd               ? 
_refine.ls_hydrogen_treatment                    ? 
_refine.ls_matrix_type                           ? 
_refine.ls_number_constraints                    ? 
_refine.ls_number_parameters                     ? 
_refine.ls_number_reflns_all                     ? 
_refine.ls_number_reflns_obs                     15412 
_refine.ls_number_reflns_R_free                  754 
_refine.ls_number_reflns_R_work                  ? 
_refine.ls_number_restraints                     ? 
_refine.ls_percent_reflns_obs                    98.66 
_refine.ls_percent_reflns_R_free                 5 
_refine.ls_R_factor_all                          ? 
_refine.ls_R_factor_obs                          0.18588 
_refine.ls_R_factor_R_free                       0.231 
_refine.ls_R_factor_R_free_error                 ? 
_refine.ls_R_factor_R_free_error_details         ? 
_refine.ls_R_factor_R_work                       0.182 
_refine.ls_R_Fsqd_factor_obs                     ? 
_refine.ls_R_I_factor_obs                        ? 
_refine.ls_redundancy_reflns_all                 ? 
_refine.ls_redundancy_reflns_obs                 ? 
_refine.ls_restrained_S_all                      ? 
_refine.ls_restrained_S_obs                      ? 
_refine.ls_shift_over_esd_max                    ? 
_refine.ls_shift_over_esd_mean                   ? 
_refine.ls_structure_factor_coef                 ? 
_refine.ls_weighting_details                     ? 
_refine.ls_weighting_scheme                      ? 
_refine.ls_wR_factor_all                         ? 
_refine.ls_wR_factor_obs                         ? 
_refine.ls_wR_factor_R_free                      ? 
_refine.ls_wR_factor_R_work                      ? 
_refine.occupancy_max                            ? 
_refine.occupancy_min                            ? 
_refine.solvent_model_details                    ? 
_refine.solvent_model_param_bsol                 ? 
_refine.solvent_model_param_ksol                 ? 
_refine.ls_R_factor_gt                           ? 
_refine.ls_goodness_of_fit_gt                    ? 
_refine.ls_goodness_of_fit_ref                   ? 
_refine.ls_shift_over_su_max                     ? 
_refine.ls_shift_over_su_max_lt                  ? 
_refine.ls_shift_over_su_mean                    ? 
_refine.ls_shift_over_su_mean_lt                 ? 
_refine.pdbx_ls_sigma_I                          ? 
_refine.pdbx_ls_sigma_F                          ? 
_refine.pdbx_ls_sigma_Fsqd                       ? 
_refine.pdbx_data_cutoff_high_absF               ? 
_refine.pdbx_data_cutoff_high_rms_absF           ? 
_refine.pdbx_data_cutoff_low_absF                ? 
_refine.pdbx_isotropic_thermal_model             ? 
_refine.pdbx_ls_cross_valid_method               THROUGHOUT 
_refine.pdbx_method_to_determine_struct          'MOLECULAR REPLACEMENT' 
_refine.pdbx_starting_model                      5OHF 
_refine.pdbx_stereochemistry_target_values       ? 
_refine.pdbx_R_Free_selection_details            'random selection' 
_refine.pdbx_stereochem_target_val_spec_case     ? 
_refine.pdbx_overall_ESU_R                       0.127 
_refine.pdbx_overall_ESU_R_Free                  ? 
_refine.pdbx_solvent_vdw_probe_radii             1.20 
_refine.pdbx_solvent_ion_probe_radii             0.80 
_refine.pdbx_solvent_shrinkage_radii             0.80 
_refine.pdbx_real_space_R                        ? 
_refine.pdbx_density_correlation                 ? 
_refine.pdbx_pd_number_of_powder_patterns        ? 
_refine.pdbx_pd_number_of_points                 ? 
_refine.pdbx_pd_meas_number_of_points            ? 
_refine.pdbx_pd_proc_ls_prof_R_factor            ? 
_refine.pdbx_pd_proc_ls_prof_wR_factor           ? 
_refine.pdbx_pd_Marquardt_correlation_coeff      ? 
_refine.pdbx_pd_Fsqrd_R_factor                   ? 
_refine.pdbx_pd_ls_matrix_band_width             ? 
_refine.pdbx_overall_phase_error                 ? 
_refine.pdbx_overall_SU_R_free_Cruickshank_DPI   ? 
_refine.pdbx_overall_SU_R_free_Blow_DPI          ? 
_refine.pdbx_overall_SU_R_Blow_DPI               ? 
_refine.pdbx_TLS_residual_ADP_flag               ? 
_refine.pdbx_diffrn_id                           1 
_refine.overall_SU_B                             3.520 
_refine.overall_SU_ML                            0.100 
_refine.overall_SU_R_Cruickshank_DPI             ? 
_refine.overall_SU_R_free                        ? 
_refine.overall_FOM_free_R_set                   ? 
_refine.overall_FOM_work_R_set                   ? 
_refine.pdbx_average_fsc_overall                 ? 
_refine.pdbx_average_fsc_work                    ? 
_refine.pdbx_average_fsc_free                    ? 
# 
_refine_hist.pdbx_refine_id                   'X-RAY DIFFRACTION' 
_refine_hist.cycle_id                         1 
_refine_hist.details                          ? 
_refine_hist.d_res_high                       1.80 
_refine_hist.d_res_low                        41.25 
_refine_hist.number_atoms_solvent             68 
_refine_hist.number_atoms_total               1372 
_refine_hist.number_reflns_all                ? 
_refine_hist.number_reflns_obs                ? 
_refine_hist.number_reflns_R_free             ? 
_refine_hist.number_reflns_R_work             ? 
_refine_hist.R_factor_all                     ? 
_refine_hist.R_factor_obs                     ? 
_refine_hist.R_factor_R_free                  ? 
_refine_hist.R_factor_R_work                  ? 
_refine_hist.pdbx_number_residues_total       ? 
_refine_hist.pdbx_B_iso_mean_ligand           ? 
_refine_hist.pdbx_B_iso_mean_solvent          ? 
_refine_hist.pdbx_number_atoms_protein        1243 
_refine_hist.pdbx_number_atoms_nucleic_acid   0 
_refine_hist.pdbx_number_atoms_ligand         61 
_refine_hist.pdbx_number_atoms_lipid          ? 
_refine_hist.pdbx_number_atoms_carb           ? 
_refine_hist.pdbx_pseudo_atom_details         ? 
# 
loop_
_refine_ls_restr.pdbx_refine_id 
_refine_ls_restr.criterion 
_refine_ls_restr.dev_ideal 
_refine_ls_restr.dev_ideal_target 
_refine_ls_restr.number 
_refine_ls_restr.rejects 
_refine_ls_restr.type 
_refine_ls_restr.weight 
_refine_ls_restr.pdbx_restraint_function 
'X-RAY DIFFRACTION' ? 0.017  0.019  1381 ? r_bond_refined_d             ? ? 
'X-RAY DIFFRACTION' ? 0.002  0.020  1267 ? r_bond_other_d               ? ? 
'X-RAY DIFFRACTION' ? 1.700  1.992  1885 ? r_angle_refined_deg          ? ? 
'X-RAY DIFFRACTION' ? 1.054  3.000  2892 ? r_angle_other_deg            ? ? 
'X-RAY DIFFRACTION' ? 4.623  5.000  162  ? r_dihedral_angle_1_deg       ? ? 
'X-RAY DIFFRACTION' ? 27.886 21.268 71   ? r_dihedral_angle_2_deg       ? ? 
'X-RAY DIFFRACTION' ? 15.375 15.000 215  ? r_dihedral_angle_3_deg       ? ? 
'X-RAY DIFFRACTION' ? 18.874 15.000 18   ? r_dihedral_angle_4_deg       ? ? 
'X-RAY DIFFRACTION' ? 0.133  0.200  184  ? r_chiral_restr               ? ? 
'X-RAY DIFFRACTION' ? 0.010  0.020  1571 ? r_gen_planes_refined         ? ? 
'X-RAY DIFFRACTION' ? 0.007  0.020  351  ? r_gen_planes_other           ? ? 
'X-RAY DIFFRACTION' ? ?      ?      ?    ? r_nbd_refined                ? ? 
'X-RAY DIFFRACTION' ? ?      ?      ?    ? r_nbd_other                  ? ? 
'X-RAY DIFFRACTION' ? ?      ?      ?    ? r_nbtor_refined              ? ? 
'X-RAY DIFFRACTION' ? ?      ?      ?    ? r_nbtor_other                ? ? 
'X-RAY DIFFRACTION' ? ?      ?      ?    ? r_xyhbond_nbd_refined        ? ? 
'X-RAY DIFFRACTION' ? ?      ?      ?    ? r_xyhbond_nbd_other          ? ? 
'X-RAY DIFFRACTION' ? ?      ?      ?    ? r_metal_ion_refined          ? ? 
'X-RAY DIFFRACTION' ? ?      ?      ?    ? r_metal_ion_other            ? ? 
'X-RAY DIFFRACTION' ? ?      ?      ?    ? r_symmetry_vdw_refined       ? ? 
'X-RAY DIFFRACTION' ? ?      ?      ?    ? r_symmetry_vdw_other         ? ? 
'X-RAY DIFFRACTION' ? ?      ?      ?    ? r_symmetry_hbond_refined     ? ? 
'X-RAY DIFFRACTION' ? ?      ?      ?    ? r_symmetry_hbond_other       ? ? 
'X-RAY DIFFRACTION' ? ?      ?      ?    ? r_symmetry_metal_ion_refined ? ? 
'X-RAY DIFFRACTION' ? ?      ?      ?    ? r_symmetry_metal_ion_other   ? ? 
'X-RAY DIFFRACTION' ? 2.726  3.119  624  ? r_mcbond_it                  ? ? 
'X-RAY DIFFRACTION' ? 2.721  3.113  623  ? r_mcbond_other               ? ? 
'X-RAY DIFFRACTION' ? 3.714  4.642  782  ? r_mcangle_it                 ? ? 
'X-RAY DIFFRACTION' ? 3.712  4.650  783  ? r_mcangle_other              ? ? 
'X-RAY DIFFRACTION' ? 3.739  3.771  757  ? r_scbond_it                  ? ? 
'X-RAY DIFFRACTION' ? 3.737  3.775  758  ? r_scbond_other               ? ? 
'X-RAY DIFFRACTION' ? ?      ?      ?    ? r_scangle_it                 ? ? 
'X-RAY DIFFRACTION' ? 5.836  5.435  1100 ? r_scangle_other              ? ? 
'X-RAY DIFFRACTION' ? 7.571  36.908 1670 ? r_long_range_B_refined       ? ? 
'X-RAY DIFFRACTION' ? 7.561  36.829 1664 ? r_long_range_B_other         ? ? 
'X-RAY DIFFRACTION' ? ?      ?      ?    ? r_rigid_bond_restr           ? ? 
'X-RAY DIFFRACTION' ? ?      ?      ?    ? r_sphericity_free            ? ? 
'X-RAY DIFFRACTION' ? ?      ?      ?    ? r_sphericity_bonded          ? ? 
# 
_refine_ls_shell.pdbx_refine_id                   'X-RAY DIFFRACTION' 
_refine_ls_shell.d_res_high                       1.800 
_refine_ls_shell.d_res_low                        1.847 
_refine_ls_shell.number_reflns_all                ? 
_refine_ls_shell.number_reflns_obs                ? 
_refine_ls_shell.number_reflns_R_free             68 
_refine_ls_shell.number_reflns_R_work             1123 
_refine_ls_shell.percent_reflns_obs               99.82 
_refine_ls_shell.percent_reflns_R_free            5 
_refine_ls_shell.R_factor_all                     ? 
_refine_ls_shell.R_factor_obs                     ? 
_refine_ls_shell.R_factor_R_free                  0.333 
_refine_ls_shell.R_factor_R_free_error            ? 
_refine_ls_shell.R_factor_R_work                  0.278 
_refine_ls_shell.redundancy_reflns_all            ? 
_refine_ls_shell.redundancy_reflns_obs            ? 
_refine_ls_shell.wR_factor_all                    ? 
_refine_ls_shell.wR_factor_obs                    ? 
_refine_ls_shell.wR_factor_R_free                 ? 
_refine_ls_shell.wR_factor_R_work                 ? 
_refine_ls_shell.pdbx_total_number_of_bins_used   ? 
_refine_ls_shell.pdbx_phase_error                 ? 
_refine_ls_shell.pdbx_fsc_work                    ? 
_refine_ls_shell.pdbx_fsc_free                    ? 
# 
_struct.entry_id                     6OTD 
_struct.title                        'Globin sensor domain of AfGcHK in monomeric form, with imidazole' 
_struct.pdbx_model_details           ? 
_struct.pdbx_formula_weight          ? 
_struct.pdbx_formula_weight_method   ? 
_struct.pdbx_model_type_details      ? 
_struct.pdbx_CASP_flag               N 
# 
_struct_keywords.entry_id        6OTD 
_struct_keywords.text            'HEME, SENSOR PROTEIN, OXYGEN SENSOR, GLOBIN SENSOR DOMAIN, GLOBIN DOMAIN, TRANSFERASE, IMIDAZOLE' 
_struct_keywords.pdbx_keywords   TRANSFERASE 
# 
loop_
_struct_asym.id 
_struct_asym.pdbx_blank_PDB_chainid_flag 
_struct_asym.pdbx_modified 
_struct_asym.entity_id 
_struct_asym.details 
A N N 1 ? 
B N N 2 ? 
C N N 3 ? 
D N N 4 ? 
E N N 4 ? 
F N N 5 ? 
# 
loop_
_struct_conf.conf_type_id 
_struct_conf.id 
_struct_conf.pdbx_PDB_helix_id 
_struct_conf.beg_label_comp_id 
_struct_conf.beg_label_asym_id 
_struct_conf.beg_label_seq_id 
_struct_conf.pdbx_beg_PDB_ins_code 
_struct_conf.end_label_comp_id 
_struct_conf.end_label_asym_id 
_struct_conf.end_label_seq_id 
_struct_conf.pdbx_end_PDB_ins_code 
_struct_conf.beg_auth_comp_id 
_struct_conf.beg_auth_asym_id 
_struct_conf.beg_auth_seq_id 
_struct_conf.end_auth_comp_id 
_struct_conf.end_auth_asym_id 
_struct_conf.end_auth_seq_id 
_struct_conf.pdbx_PDB_helix_class 
_struct_conf.details 
_struct_conf.pdbx_PDB_helix_length 
HELX_P HELX_P1 AA1 THR A 7   ? GLY A 17  ? THR A 7   GLY A 17  1 ? 11 
HELX_P HELX_P2 AA2 GLY A 19  ? ALA A 34  ? GLY A 19  ALA A 34  1 ? 16 
HELX_P HELX_P3 AA3 HIS A 36  ? GLY A 50  ? HIS A 36  GLY A 50  1 ? 15 
HELX_P HELX_P4 AA4 HIS A 51  ? THR A 56  ? HIS A 51  THR A 56  1 ? 6  
HELX_P HELX_P5 AA5 GLY A 60  ? GLY A 82  ? GLY A 60  GLY A 82  1 ? 23 
HELX_P HELX_P6 AA6 ASP A 85  ? GLY A 103 ? ASP A 85  GLY A 103 1 ? 19 
HELX_P HELX_P7 AA7 GLN A 106 ? HIS A 129 ? GLN A 106 HIS A 129 1 ? 24 
HELX_P HELX_P8 AA8 ASP A 131 ? THR A 156 ? ASP A 131 THR A 156 1 ? 26 
# 
_struct_conf_type.id          HELX_P 
_struct_conf_type.criteria    ? 
_struct_conf_type.reference   ? 
# 
loop_
_struct_conn.id 
_struct_conn.conn_type_id 
_struct_conn.pdbx_leaving_atom_flag 
_struct_conn.pdbx_PDB_id 
_struct_conn.ptnr1_label_asym_id 
_struct_conn.ptnr1_label_comp_id 
_struct_conn.ptnr1_label_seq_id 
_struct_conn.ptnr1_label_atom_id 
_struct_conn.pdbx_ptnr1_label_alt_id 
_struct_conn.pdbx_ptnr1_PDB_ins_code 
_struct_conn.pdbx_ptnr1_standard_comp_id 
_struct_conn.ptnr1_symmetry 
_struct_conn.ptnr2_label_asym_id 
_struct_conn.ptnr2_label_comp_id 
_struct_conn.ptnr2_label_seq_id 
_struct_conn.ptnr2_label_atom_id 
_struct_conn.pdbx_ptnr2_label_alt_id 
_struct_conn.pdbx_ptnr2_PDB_ins_code 
_struct_conn.ptnr1_auth_asym_id 
_struct_conn.ptnr1_auth_comp_id 
_struct_conn.ptnr1_auth_seq_id 
_struct_conn.ptnr2_auth_asym_id 
_struct_conn.ptnr2_auth_comp_id 
_struct_conn.ptnr2_auth_seq_id 
_struct_conn.ptnr2_symmetry 
_struct_conn.pdbx_ptnr3_label_atom_id 
_struct_conn.pdbx_ptnr3_label_seq_id 
_struct_conn.pdbx_ptnr3_label_comp_id 
_struct_conn.pdbx_ptnr3_label_asym_id 
_struct_conn.pdbx_ptnr3_label_alt_id 
_struct_conn.pdbx_ptnr3_PDB_ins_code 
_struct_conn.details 
_struct_conn.pdbx_dist_value 
_struct_conn.pdbx_value_order 
_struct_conn.pdbx_role 
metalc1 metalc ? ? A HIS 99 NE2 ? ? ? 1_555 B HEM . FE ? ? A HIS 99  A HEM 201 1_555 ? ? ? ? ? ? ? 2.078 ? ? 
metalc2 metalc ? ? B HEM .  FE  ? ? ? 1_555 D IMD . N3 ? ? A HEM 201 A IMD 203 1_555 ? ? ? ? ? ? ? 2.219 ? ? 
# 
_struct_conn_type.id          metalc 
_struct_conn_type.criteria    ? 
_struct_conn_type.reference   ? 
# 
_struct_mon_prot_cis.pdbx_id                1 
_struct_mon_prot_cis.label_comp_id          GLY 
_struct_mon_prot_cis.label_seq_id           82 
_struct_mon_prot_cis.label_asym_id          A 
_struct_mon_prot_cis.label_alt_id           . 
_struct_mon_prot_cis.pdbx_PDB_ins_code      ? 
_struct_mon_prot_cis.auth_comp_id           GLY 
_struct_mon_prot_cis.auth_seq_id            82 
_struct_mon_prot_cis.auth_asym_id           A 
_struct_mon_prot_cis.pdbx_label_comp_id_2   PRO 
_struct_mon_prot_cis.pdbx_label_seq_id_2    83 
_struct_mon_prot_cis.pdbx_label_asym_id_2   A 
_struct_mon_prot_cis.pdbx_PDB_ins_code_2    ? 
_struct_mon_prot_cis.pdbx_auth_comp_id_2    PRO 
_struct_mon_prot_cis.pdbx_auth_seq_id_2     83 
_struct_mon_prot_cis.pdbx_auth_asym_id_2    A 
_struct_mon_prot_cis.pdbx_PDB_model_num     1 
_struct_mon_prot_cis.pdbx_omega_angle       -2.81 
# 
loop_
_struct_site.id 
_struct_site.pdbx_evidence_code 
_struct_site.pdbx_auth_asym_id 
_struct_site.pdbx_auth_comp_id 
_struct_site.pdbx_auth_seq_id 
_struct_site.pdbx_auth_ins_code 
_struct_site.pdbx_num_residues 
_struct_site.details 
AC1 Software A HEM 201 ? 15 'binding site for residue HEM A 201' 
AC2 Software A MPD 202 ? 3  'binding site for residue MPD A 202' 
AC3 Software A IMD 203 ? 4  'binding site for residue IMD A 203' 
# 
loop_
_struct_site_gen.id 
_struct_site_gen.site_id 
_struct_site_gen.pdbx_num_res 
_struct_site_gen.label_comp_id 
_struct_site_gen.label_asym_id 
_struct_site_gen.label_seq_id 
_struct_site_gen.pdbx_auth_ins_code 
_struct_site_gen.auth_comp_id 
_struct_site_gen.auth_asym_id 
_struct_site_gen.auth_seq_id 
_struct_site_gen.label_atom_id 
_struct_site_gen.label_alt_id 
_struct_site_gen.symmetry 
_struct_site_gen.details 
1  AC1 15 ALA A 54  ? ALA A 54  . ? 1_555 ? 
2  AC1 15 GLN A 64  ? GLN A 64  . ? 1_555 ? 
3  AC1 15 HIS A 67  ? HIS A 67  . ? 1_555 ? 
4  AC1 15 LEU A 68  ? LEU A 68  . ? 1_555 ? 
5  AC1 15 THR A 71  ? THR A 71  . ? 1_555 ? 
6  AC1 15 MET A 72  ? MET A 72  . ? 1_555 ? 
7  AC1 15 TRP A 75  ? TRP A 75  . ? 1_555 ? 
8  AC1 15 HIS A 99  ? HIS A 99  . ? 1_555 ? 
9  AC1 15 ILE A 102 ? ILE A 102 . ? 1_555 ? 
10 AC1 15 LEU A 104 ? LEU A 104 . ? 1_555 ? 
11 AC1 15 PHE A 110 ? PHE A 110 . ? 5_554 ? 
12 AC1 15 ALA A 112 ? ALA A 112 . ? 1_555 ? 
13 AC1 15 MET A 113 ? MET A 113 . ? 1_555 ? 
14 AC1 15 ARG A 158 ? ARG A 158 . ? 5_554 ? 
15 AC1 15 IMD D .   ? IMD A 203 . ? 1_555 ? 
16 AC2 3  GLU A 62  ? GLU A 62  . ? 1_555 ? 
17 AC2 3  ARG A 139 ? ARG A 139 . ? 5_554 ? 
18 AC2 3  GLY A 143 ? GLY A 143 . ? 5_554 ? 
19 AC3 4  PHE A 44  ? PHE A 44  . ? 1_555 ? 
20 AC3 4  LEU A 68  ? LEU A 68  . ? 1_555 ? 
21 AC3 4  THR A 71  ? THR A 71  . ? 1_555 ? 
22 AC3 4  HEM B .   ? HEM A 201 . ? 1_555 ? 
# 
_atom_sites.entry_id                    6OTD 
_atom_sites.fract_transf_matrix[1][1]   -0.01572427 
_atom_sites.fract_transf_matrix[1][2]   0.00532092 
_atom_sites.fract_transf_matrix[1][3]   -0.00097285 
_atom_sites.fract_transf_matrix[2][1]   -0.00957708 
_atom_sites.fract_transf_matrix[2][2]   0.00016635 
_atom_sites.fract_transf_matrix[2][3]   0.01359322 
_atom_sites.fract_transf_matrix[3][1]   0.00267017 
_atom_sites.fract_transf_matrix[3][2]   0.00821641 
_atom_sites.fract_transf_matrix[3][3]   0.00178071 
_atom_sites.fract_transf_vector[1]      -0.175860 
_atom_sites.fract_transf_vector[2]      -0.379007 
_atom_sites.fract_transf_vector[3]      -0.006768 
# 
loop_
_atom_type.symbol 
C  
FE 
N  
O  
S  
# 
loop_
_atom_site.group_PDB 
_atom_site.id 
_atom_site.type_symbol 
_atom_site.label_atom_id 
_atom_site.label_alt_id 
_atom_site.label_comp_id 
_atom_site.label_asym_id 
_atom_site.label_entity_id 
_atom_site.label_seq_id 
_atom_site.pdbx_PDB_ins_code 
_atom_site.Cartn_x 
_atom_site.Cartn_y 
_atom_site.Cartn_z 
_atom_site.occupancy 
_atom_site.B_iso_or_equiv 
_atom_site.pdbx_formal_charge 
_atom_site.auth_seq_id 
_atom_site.auth_comp_id 
_atom_site.auth_asym_id 
_atom_site.auth_atom_id 
_atom_site.pdbx_PDB_model_num 
ATOM   1    N  N   . GLU A 1 6   ? -24.997 5.364   -2.339  1.00 68.50 ? 6   GLU A N   1 
ATOM   2    C  CA  . GLU A 1 6   ? -23.526 5.361   -2.556  1.00 64.36 ? 6   GLU A CA  1 
ATOM   3    C  C   . GLU A 1 6   ? -22.804 5.062   -1.236  1.00 61.63 ? 6   GLU A C   1 
ATOM   4    O  O   . GLU A 1 6   ? -22.985 5.782   -0.245  1.00 56.84 ? 6   GLU A O   1 
ATOM   5    C  CB  . GLU A 1 6   ? -23.066 6.712   -3.140  1.00 66.81 ? 6   GLU A CB  1 
ATOM   6    C  CG  . GLU A 1 6   ? -21.594 6.727   -3.552  1.00 69.70 ? 6   GLU A CG  1 
ATOM   7    C  CD  . GLU A 1 6   ? -21.188 7.884   -4.475  1.00 70.07 ? 6   GLU A CD  1 
ATOM   8    O  OE1 . GLU A 1 6   ? -21.454 9.059   -4.129  1.00 65.26 ? 6   GLU A OE1 1 
ATOM   9    O  OE2 . GLU A 1 6   ? -20.553 7.612   -5.533  1.00 61.47 ? 6   GLU A OE2 1 
ATOM   10   N  N   . THR A 1 7   ? -21.978 4.015   -1.227  1.00 54.82 ? 7   THR A N   1 
ATOM   11   C  CA  . THR A 1 7   ? -21.146 3.715   -0.049  1.00 57.27 ? 7   THR A CA  1 
ATOM   12   C  C   . THR A 1 7   ? -20.022 4.757   0.142   1.00 54.27 ? 7   THR A C   1 
ATOM   13   O  O   . THR A 1 7   ? -19.654 5.481   -0.795  1.00 47.46 ? 7   THR A O   1 
ATOM   14   C  CB  . THR A 1 7   ? -20.520 2.290   -0.122  1.00 61.12 ? 7   THR A CB  1 
ATOM   15   O  OG1 . THR A 1 7   ? -19.482 2.230   -1.131  1.00 59.71 ? 7   THR A OG1 1 
ATOM   16   C  CG2 . THR A 1 7   ? -21.602 1.207   -0.405  1.00 61.66 ? 7   THR A CG2 1 
ATOM   17   N  N   . VAL A 1 8   ? -19.462 4.796   1.345   1.00 53.21 ? 8   VAL A N   1 
ATOM   18   C  CA  . VAL A 1 8   ? -18.377 5.740   1.664   1.00 54.10 ? 8   VAL A CA  1 
ATOM   19   C  C   . VAL A 1 8   ? -17.158 5.454   0.757   1.00 48.99 ? 8   VAL A C   1 
ATOM   20   O  O   . VAL A 1 8   ? -16.534 6.368   0.198   1.00 43.83 ? 8   VAL A O   1 
ATOM   21   C  CB  . VAL A 1 8   ? -18.007 5.673   3.168   1.00 56.72 ? 8   VAL A CB  1 
ATOM   22   C  CG1 . VAL A 1 8   ? -16.714 6.428   3.494   1.00 57.42 ? 8   VAL A CG1 1 
ATOM   23   C  CG2 . VAL A 1 8   ? -19.153 6.214   4.010   1.00 61.81 ? 8   VAL A CG2 1 
ATOM   24   N  N   . PHE A 1 9   ? -16.855 4.173   0.591   1.00 40.20 ? 9   PHE A N   1 
ATOM   25   C  CA  . PHE A 1 9   ? -15.739 3.778   -0.235  1.00 41.96 ? 9   PHE A CA  1 
ATOM   26   C  C   . PHE A 1 9   ? -15.966 4.133   -1.727  1.00 40.16 ? 9   PHE A C   1 
ATOM   27   O  O   . PHE A 1 9   ? -15.060 4.665   -2.389  1.00 32.89 ? 9   PHE A O   1 
ATOM   28   C  CB  . PHE A 1 9   ? -15.380 2.303   0.031   1.00 42.07 ? 9   PHE A CB  1 
ATOM   29   C  CG  . PHE A 1 9   ? -15.044 2.013   1.494   1.00 49.47 ? 9   PHE A CG  1 
ATOM   30   C  CD1 . PHE A 1 9   ? -14.070 2.768   2.184   1.00 49.92 ? 9   PHE A CD1 1 
ATOM   31   C  CD2 . PHE A 1 9   ? -15.663 0.946   2.192   1.00 50.97 ? 9   PHE A CD2 1 
ATOM   32   C  CE1 . PHE A 1 9   ? -13.749 2.480   3.516   1.00 50.43 ? 9   PHE A CE1 1 
ATOM   33   C  CE2 . PHE A 1 9   ? -15.329 0.666   3.522   1.00 49.44 ? 9   PHE A CE2 1 
ATOM   34   C  CZ  . PHE A 1 9   ? -14.386 1.440   4.179   1.00 47.34 ? 9   PHE A CZ  1 
ATOM   35   N  N   . GLU A 1 10  ? -17.175 3.902   -2.235  1.00 40.01 ? 10  GLU A N   1 
ATOM   36   C  CA  . GLU A 1 10  ? -17.564 4.369   -3.580  1.00 41.53 ? 10  GLU A CA  1 
ATOM   37   C  C   . GLU A 1 10  ? -17.421 5.865   -3.774  1.00 39.77 ? 10  GLU A C   1 
ATOM   38   O  O   . GLU A 1 10  ? -17.001 6.280   -4.823  1.00 39.39 ? 10  GLU A O   1 
ATOM   39   C  CB  . GLU A 1 10  ? -19.045 3.989   -3.907  1.00 47.65 ? 10  GLU A CB  1 
ATOM   40   C  CG  . GLU A 1 10  ? -19.226 2.557   -4.456  1.00 52.89 ? 10  GLU A CG  1 
ATOM   41   C  CD  . GLU A 1 10  ? -20.635 1.948   -4.200  1.00 61.27 ? 10  GLU A CD  1 
ATOM   42   O  OE1 . GLU A 1 10  ? -20.776 0.707   -4.380  1.00 60.23 ? 10  GLU A OE1 1 
ATOM   43   O  OE2 . GLU A 1 10  ? -21.587 2.682   -3.790  1.00 58.68 ? 10  GLU A OE2 1 
ATOM   44   N  N   . GLU A 1 11  ? -17.855 6.663   -2.786  1.00 39.05 ? 11  GLU A N   1 
ATOM   45   C  CA  . GLU A 1 11  ? -17.643 8.124   -2.754  1.00 41.23 ? 11  GLU A CA  1 
ATOM   46   C  C   . GLU A 1 11  ? -16.159 8.492   -2.923  1.00 37.25 ? 11  GLU A C   1 
ATOM   47   O  O   . GLU A 1 11  ? -15.815 9.410   -3.641  1.00 30.02 ? 11  GLU A O   1 
ATOM   48   C  CB  . GLU A 1 11  ? -18.035 8.739   -1.376  1.00 46.11 ? 11  GLU A CB  1 
ATOM   49   C  CG  . GLU A 1 11  ? -19.397 9.373   -1.282  1.00 55.21 ? 11  GLU A CG  1 
ATOM   50   C  CD  . GLU A 1 11  ? -19.730 9.877   0.125   1.00 59.95 ? 11  GLU A CD  1 
ATOM   51   O  OE1 . GLU A 1 11  ? -18.907 9.756   1.077   1.00 60.96 ? 11  GLU A OE1 1 
ATOM   52   O  OE2 . GLU A 1 11  ? -20.842 10.412  0.268   1.00 63.33 ? 11  GLU A OE2 1 
ATOM   53   N  N   . LEU A 1 12  ? -15.334 7.841   -2.138  1.00 31.12 ? 12  LEU A N   1 
ATOM   54   C  CA  . LEU A 1 12  ? -13.887 8.101   -2.144  1.00 34.92 ? 12  LEU A CA  1 
ATOM   55   C  C   . LEU A 1 12  ? -13.338 7.829   -3.549  1.00 32.78 ? 12  LEU A C   1 
ATOM   56   O  O   . LEU A 1 12  ? -12.556 8.631   -4.123  1.00 29.45 ? 12  LEU A O   1 
ATOM   57   C  CB  . LEU A 1 12  ? -13.162 7.241   -1.113  1.00 35.76 ? 12  LEU A CB  1 
ATOM   58   C  CG  . LEU A 1 12  ? -12.867 7.865   0.256   1.00 42.90 ? 12  LEU A CG  1 
ATOM   59   C  CD1 . LEU A 1 12  ? -12.267 6.820   1.180   1.00 41.09 ? 12  LEU A CD1 1 
ATOM   60   C  CD2 . LEU A 1 12  ? -11.920 9.067   0.128   1.00 46.82 ? 12  LEU A CD2 1 
ATOM   61   N  N   . LYS A 1 13  ? -13.824 6.729   -4.125  1.00 32.24 ? 13  LYS A N   1 
ATOM   62   C  CA  . LYS A 1 13  ? -13.429 6.371   -5.518  1.00 37.44 ? 13  LYS A CA  1 
ATOM   63   C  C   . LYS A 1 13  ? -13.799 7.466   -6.518  1.00 37.06 ? 13  LYS A C   1 
ATOM   64   O  O   . LYS A 1 13  ? -12.973 7.891   -7.355  1.00 31.49 ? 13  LYS A O   1 
ATOM   65   C  CB  . LYS A 1 13  ? -13.985 5.012   -5.912  1.00 34.82 ? 13  LYS A CB  1 
ATOM   66   C  CG  . LYS A 1 13  ? -13.264 3.899   -5.162  1.00 39.09 ? 13  LYS A CG  1 
ATOM   67   C  CD  . LYS A 1 13  ? -14.031 2.575   -5.151  1.00 43.91 ? 13  LYS A CD  1 
ATOM   68   C  CE  . LYS A 1 13  ? -13.771 1.814   -6.425  1.00 43.64 ? 13  LYS A CE  1 
ATOM   69   N  NZ  . LYS A 1 13  ? -14.321 0.446   -6.331  1.00 45.32 ? 13  LYS A NZ  1 
ATOM   70   N  N   . ARG A 1 14  ? -15.040 7.932   -6.391  1.00 35.89 ? 14  ARG A N   1 
ATOM   71   C  CA  . ARG A 1 14  ? -15.507 9.109   -7.148  1.00 37.86 ? 14  ARG A CA  1 
ATOM   72   C  C   . ARG A 1 14  ? -14.562 10.306  -6.936  1.00 31.96 ? 14  ARG A C   1 
ATOM   73   O  O   . ARG A 1 14  ? -14.130 10.917  -7.883  1.00 31.68 ? 14  ARG A O   1 
ATOM   74   C  CB  . ARG A 1 14  ? -16.948 9.484   -6.707  1.00 46.43 ? 14  ARG A CB  1 
ATOM   75   C  CG  . ARG A 1 14  ? -17.847 10.116  -7.768  1.00 55.32 ? 14  ARG A CG  1 
ATOM   76   C  CD  . ARG A 1 14  ? -18.571 11.380  -7.253  1.00 56.01 ? 14  ARG A CD  1 
ATOM   77   N  NE  . ARG A 1 14  ? -19.310 11.215  -5.991  1.00 49.30 ? 14  ARG A NE  1 
ATOM   78   C  CZ  . ARG A 1 14  ? -19.692 12.233  -5.198  1.00 54.25 ? 14  ARG A CZ  1 
ATOM   79   N  NH1 . ARG A 1 14  ? -19.411 13.513  -5.497  1.00 51.43 ? 14  ARG A NH1 1 
ATOM   80   N  NH2 . ARG A 1 14  ? -20.366 11.977  -4.067  1.00 53.19 ? 14  ARG A NH2 1 
ATOM   81   N  N   . TYR A 1 15  ? -14.229 10.628  -5.688  1.00 31.53 ? 15  TYR A N   1 
ATOM   82   C  CA  . TYR A 1 15  ? -13.372 11.768  -5.411  1.00 35.54 ? 15  TYR A CA  1 
ATOM   83   C  C   . TYR A 1 15  ? -12.026 11.737  -6.150  1.00 38.83 ? 15  TYR A C   1 
ATOM   84   O  O   . TYR A 1 15  ? -11.576 12.766  -6.659  1.00 34.21 ? 15  TYR A O   1 
ATOM   85   C  CB  . TYR A 1 15  ? -13.107 11.903  -3.896  1.00 35.54 ? 15  TYR A CB  1 
ATOM   86   C  CG  . TYR A 1 15  ? -14.315 12.150  -3.023  1.00 34.73 ? 15  TYR A CG  1 
ATOM   87   C  CD1 . TYR A 1 15  ? -15.546 12.637  -3.552  1.00 31.42 ? 15  TYR A CD1 1 
ATOM   88   C  CD2 . TYR A 1 15  ? -14.250 11.911  -1.647  1.00 34.46 ? 15  TYR A CD2 1 
ATOM   89   C  CE1 . TYR A 1 15  ? -16.631 12.852  -2.722  1.00 32.40 ? 15  TYR A CE1 1 
ATOM   90   C  CE2 . TYR A 1 15  ? -15.358 12.123  -0.815  1.00 33.52 ? 15  TYR A CE2 1 
ATOM   91   C  CZ  . TYR A 1 15  ? -16.534 12.607  -1.359  1.00 32.03 ? 15  TYR A CZ  1 
ATOM   92   O  OH  . TYR A 1 15  ? -17.627 12.827  -0.566  1.00 33.60 ? 15  TYR A OH  1 
ATOM   93   N  N   . VAL A 1 16  ? -11.380 10.567  -6.207  1.00 33.18 ? 16  VAL A N   1 
ATOM   94   C  CA  . VAL A 1 16  ? -10.086 10.489  -6.896  1.00 32.90 ? 16  VAL A CA  1 
ATOM   95   C  C   . VAL A 1 16  ? -10.196 10.196  -8.402  1.00 32.37 ? 16  VAL A C   1 
ATOM   96   O  O   . VAL A 1 16  ? -9.198  10.086  -9.061  1.00 30.09 ? 16  VAL A O   1 
ATOM   97   C  CB  . VAL A 1 16  ? -9.137  9.467   -6.202  1.00 34.47 ? 16  VAL A CB  1 
ATOM   98   C  CG1 . VAL A 1 16  ? -8.913  9.823   -4.733  1.00 33.59 ? 16  VAL A CG1 1 
ATOM   99   C  CG2 . VAL A 1 16  ? -9.629  8.046   -6.363  1.00 30.97 ? 16  VAL A CG2 1 
ATOM   100  N  N   . GLY A 1 17  ? -11.400 10.026  -8.946  1.00 30.92 ? 17  GLY A N   1 
ATOM   101  C  CA  . GLY A 1 17  ? -11.551 9.666   -10.349 1.00 30.00 ? 17  GLY A CA  1 
ATOM   102  C  C   . GLY A 1 17  ? -11.189 8.211   -10.670 1.00 29.31 ? 17  GLY A C   1 
ATOM   103  O  O   . GLY A 1 17  ? -10.742 7.914   -11.755 1.00 33.31 ? 17  GLY A O   1 
ATOM   104  N  N   . TRP A 1 18  ? -11.511 7.281   -9.772  1.00 29.17 ? 18  TRP A N   1 
ATOM   105  C  CA  . TRP A 1 18  ? -11.203 5.869   -9.998  1.00 30.17 ? 18  TRP A CA  1 
ATOM   106  C  C   . TRP A 1 18  ? -12.016 5.322   -11.154 1.00 31.27 ? 18  TRP A C   1 
ATOM   107  O  O   . TRP A 1 18  ? -13.175 5.635   -11.262 1.00 33.23 ? 18  TRP A O   1 
ATOM   108  C  CB  . TRP A 1 18  ? -11.607 5.074   -8.780  1.00 31.54 ? 18  TRP A CB  1 
ATOM   109  C  CG  . TRP A 1 18  ? -11.121 3.670   -8.795  1.00 32.40 ? 18  TRP A CG  1 
ATOM   110  C  CD1 . TRP A 1 18  ? -11.854 2.556   -9.067  1.00 34.31 ? 18  TRP A CD1 1 
ATOM   111  C  CD2 . TRP A 1 18  ? -9.821  3.222   -8.470  1.00 31.27 ? 18  TRP A CD2 1 
ATOM   112  N  NE1 . TRP A 1 18  ? -11.093 1.436   -8.928  1.00 30.24 ? 18  TRP A NE1 1 
ATOM   113  C  CE2 . TRP A 1 18  ? -9.830  1.807   -8.586  1.00 31.57 ? 18  TRP A CE2 1 
ATOM   114  C  CE3 . TRP A 1 18  ? -8.638  3.872   -8.076  1.00 30.01 ? 18  TRP A CE3 1 
ATOM   115  C  CZ2 . TRP A 1 18  ? -8.713  1.024   -8.305  1.00 30.58 ? 18  TRP A CZ2 1 
ATOM   116  C  CZ3 . TRP A 1 18  ? -7.524  3.107   -7.840  1.00 33.19 ? 18  TRP A CZ3 1 
ATOM   117  C  CH2 . TRP A 1 18  ? -7.557  1.696   -7.963  1.00 32.89 ? 18  TRP A CH2 1 
ATOM   118  N  N   . GLY A 1 19  ? -11.408 4.524   -12.015 1.00 28.87 ? 19  GLY A N   1 
ATOM   119  C  CA  . GLY A 1 19  ? -12.159 3.863   -13.045 1.00 28.17 ? 19  GLY A CA  1 
ATOM   120  C  C   . GLY A 1 19  ? -11.512 2.582   -13.510 1.00 30.84 ? 19  GLY A C   1 
ATOM   121  O  O   . GLY A 1 19  ? -10.469 2.156   -12.991 1.00 27.11 ? 19  GLY A O   1 
ATOM   122  N  N   . ASP A 1 20  ? -12.124 1.962   -14.510 1.00 30.36 ? 20  ASP A N   1 
ATOM   123  C  CA  . ASP A 1 20  ? -11.622 0.699   -14.994 1.00 30.19 ? 20  ASP A CA  1 
ATOM   124  C  C   . ASP A 1 20  ? -10.195 0.790   -15.446 1.00 28.85 ? 20  ASP A C   1 
ATOM   125  O  O   . ASP A 1 20  ? -9.478  -0.229  -15.432 1.00 27.65 ? 20  ASP A O   1 
ATOM   126  C  CB  . ASP A 1 20  ? -12.488 0.121   -16.145 1.00 34.78 ? 20  ASP A CB  1 
ATOM   127  C  CG  . ASP A 1 20  ? -13.878 -0.328  -15.683 1.00 38.08 ? 20  ASP A CG  1 
ATOM   128  O  OD1 . ASP A 1 20  ? -14.141 -0.492  -14.476 1.00 45.42 ? 20  ASP A OD1 1 
ATOM   129  O  OD2 . ASP A 1 20  ? -14.755 -0.462  -16.569 1.00 47.64 ? 20  ASP A OD2 1 
ATOM   130  N  N   . GLY A 1 21  ? -9.800  1.949   -15.972 1.00 27.45 ? 21  GLY A N   1 
ATOM   131  C  CA  . GLY A 1 21  ? -8.458  2.146   -16.433 1.00 26.08 ? 21  GLY A CA  1 
ATOM   132  C  C   . GLY A 1 21  ? -7.384  1.992   -15.350 1.00 26.51 ? 21  GLY A C   1 
ATOM   133  O  O   . GLY A 1 21  ? -6.285  1.520   -15.579 1.00 25.99 ? 21  GLY A O   1 
ATOM   134  N  N   . ASP A 1 22  ? -7.723  2.405   -14.147 1.00 24.93 ? 22  ASP A N   1 
ATOM   135  C  CA  . ASP A 1 22  ? -6.802  2.297   -13.064 1.00 24.77 ? 22  ASP A CA  1 
ATOM   136  C  C   . ASP A 1 22  ? -6.683  0.844   -12.662 1.00 24.14 ? 22  ASP A C   1 
ATOM   137  O  O   . ASP A 1 22  ? -5.616  0.432   -12.338 1.00 22.69 ? 22  ASP A O   1 
ATOM   138  C  CB  . ASP A 1 22  ? -7.297  3.112   -11.856 1.00 25.02 ? 22  ASP A CB  1 
ATOM   139  C  CG  . ASP A 1 22  ? -7.473  4.544   -12.191 1.00 26.89 ? 22  ASP A CG  1 
ATOM   140  O  OD1 . ASP A 1 22  ? -6.416  5.190   -12.464 1.00 26.44 ? 22  ASP A OD1 1 
ATOM   141  O  OD2 . ASP A 1 22  ? -8.644  4.986   -12.186 1.00 27.09 ? 22  ASP A OD2 1 
ATOM   142  N  N   . GLU A 1 23  ? -7.795  0.089   -12.708 1.00 24.39 ? 23  GLU A N   1 
ATOM   143  C  CA  . GLU A 1 23  ? -7.776  -1.337  -12.323 1.00 25.07 ? 23  GLU A CA  1 
ATOM   144  C  C   . GLU A 1 23  ? -6.985  -2.142  -13.347 1.00 26.00 ? 23  GLU A C   1 
ATOM   145  O  O   . GLU A 1 23  ? -6.190  -3.004  -12.969 1.00 24.70 ? 23  GLU A O   1 
ATOM   146  C  CB  . GLU A 1 23  ? -9.226  -1.897  -12.168 1.00 26.22 ? 23  GLU A CB  1 
ATOM   147  C  CG  . GLU A 1 23  ? -10.075 -1.020  -11.233 1.00 28.25 ? 23  GLU A CG  1 
ATOM   148  C  CD  . GLU A 1 23  ? -11.435 -1.620  -10.905 1.00 31.58 ? 23  GLU A CD  1 
ATOM   149  O  OE1 . GLU A 1 23  ? -11.855 -2.493  -11.691 1.00 30.66 ? 23  GLU A OE1 1 
ATOM   150  O  OE2 . GLU A 1 23  ? -12.040 -1.208  -9.885  1.00 28.03 ? 23  GLU A OE2 1 
ATOM   151  N  N   . ARG A 1 24  ? -7.080  -1.780  -14.622 1.00 26.37 ? 24  ARG A N   1 
ATOM   152  C  CA  . ARG A 1 24  ? -6.312  -2.464  -15.673 1.00 27.74 ? 24  ARG A CA  1 
ATOM   153  C  C   . ARG A 1 24  ? -4.837  -2.197  -15.492 1.00 26.54 ? 24  ARG A C   1 
ATOM   154  O  O   . ARG A 1 24  ? -4.021  -3.122  -15.546 1.00 23.07 ? 24  ARG A O   1 
ATOM   155  C  CB  . ARG A 1 24  ? -6.738  -2.043  -17.092 1.00 31.66 ? 24  ARG A CB  1 
ATOM   156  C  CG  . ARG A 1 24  ? -6.126  -2.856  -18.234 1.00 34.89 ? 24  ARG A CG  1 
ATOM   157  C  CD  . ARG A 1 24  ? -6.195  -2.097  -19.574 1.00 35.41 ? 24  ARG A CD  1 
ATOM   158  N  NE  . ARG A 1 24  ? -5.400  -0.869  -19.503 1.00 37.10 ? 24  ARG A NE  1 
ATOM   159  C  CZ  . ARG A 1 24  ? -4.071  -0.787  -19.493 1.00 37.84 ? 24  ARG A CZ  1 
ATOM   160  N  NH1 . ARG A 1 24  ? -3.304  -1.878  -19.627 1.00 37.74 ? 24  ARG A NH1 1 
ATOM   161  N  NH2 . ARG A 1 24  ? -3.498  0.412   -19.362 1.00 36.45 ? 24  ARG A NH2 1 
ATOM   162  N  N   . ALA A 1 25  ? -4.524  -0.946  -15.209 1.00 30.07 ? 25  ALA A N   1 
ATOM   163  C  CA  . ALA A 1 25  ? -3.131  -0.496  -15.046 1.00 27.92 ? 25  ALA A CA  1 
ATOM   164  C  C   . ALA A 1 25  ? -2.442  -1.163  -13.844 1.00 28.75 ? 25  ALA A C   1 
ATOM   165  O  O   . ALA A 1 25  ? -1.286  -1.595  -13.948 1.00 26.65 ? 25  ALA A O   1 
ATOM   166  C  CB  . ALA A 1 25  ? -3.069  1.017   -14.917 1.00 30.96 ? 25  ALA A CB  1 
ATOM   167  N  N   . LEU A 1 26  ? -3.163  -1.263  -12.723 1.00 26.78 ? 26  LEU A N   1 
ATOM   168  C  CA  . LEU A 1 26  ? -2.576  -1.888  -11.543 1.00 26.08 ? 26  LEU A CA  1 
ATOM   169  C  C   . LEU A 1 26  ? -2.331  -3.381  -11.787 1.00 27.00 ? 26  LEU A C   1 
ATOM   170  O  O   . LEU A 1 26  ? -1.304  -3.912  -11.392 1.00 26.04 ? 26  LEU A O   1 
ATOM   171  C  CB  . LEU A 1 26  ? -3.396  -1.659  -10.330 1.00 27.10 ? 26  LEU A CB  1 
ATOM   172  C  CG  . LEU A 1 26  ? -3.497  -0.210  -9.852  1.00 28.73 ? 26  LEU A CG  1 
ATOM   173  C  CD1 . LEU A 1 26  ? -4.497  -0.173  -8.743  1.00 29.74 ? 26  LEU A CD1 1 
ATOM   174  C  CD2 . LEU A 1 26  ? -2.191  0.405   -9.387  1.00 28.94 ? 26  LEU A CD2 1 
ATOM   175  N  N   . ARG A 1 27  ? -3.275  -4.043  -12.446 1.00 26.32 ? 27  ARG A N   1 
ATOM   176  C  CA  . ARG A 1 27  ? -3.161  -5.459  -12.748 1.00 29.71 ? 27  ARG A CA  1 
ATOM   177  C  C   . ARG A 1 27  ? -2.018  -5.735  -13.705 1.00 31.30 ? 27  ARG A C   1 
ATOM   178  O  O   . ARG A 1 27  ? -1.322  -6.735  -13.605 1.00 31.18 ? 27  ARG A O   1 
ATOM   179  C  CB  . ARG A 1 27  ? -4.468  -5.987  -13.322 1.00 31.97 ? 27  ARG A CB  1 
ATOM   180  C  CG  . ARG A 1 27  ? -5.498  -6.181  -12.253 1.00 34.44 ? 27  ARG A CG  1 
ATOM   181  C  CD  . ARG A 1 27  ? -6.755  -6.833  -12.778 1.00 38.76 ? 27  ARG A CD  1 
ATOM   182  N  NE  . ARG A 1 27  ? -7.583  -7.043  -11.599 1.00 46.20 ? 27  ARG A NE  1 
ATOM   183  C  CZ  . ARG A 1 27  ? -8.804  -6.547  -11.365 1.00 45.34 ? 27  ARG A CZ  1 
ATOM   184  N  NH1 . ARG A 1 27  ? -9.456  -5.811  -12.281 1.00 40.09 ? 27  ARG A NH1 1 
ATOM   185  N  NH2 . ARG A 1 27  ? -9.377  -6.831  -10.181 1.00 38.31 ? 27  ARG A NH2 1 
ATOM   186  N  N   . SER A 1 28  ? -1.773  -4.774  -14.584 1.00 30.74 ? 28  SER A N   1 
ATOM   187  C  CA  . SER A 1 28  ? -0.675  -4.824  -15.517 1.00 30.22 ? 28  SER A CA  1 
ATOM   188  C  C   . SER A 1 28  ? 0.676   -4.740  -14.798 1.00 27.72 ? 28  SER A C   1 
ATOM   189  O  O   . SER A 1 28  ? 1.629   -5.375  -15.151 1.00 29.30 ? 28  SER A O   1 
ATOM   190  C  CB  . SER A 1 28  ? -0.892  -3.699  -16.617 1.00 31.28 ? 28  SER A CB  1 
ATOM   191  O  OG  . SER A 1 28  ? 0.285   -3.471  -17.357 1.00 36.78 ? 28  SER A OG  1 
ATOM   192  N  N   . LEU A 1 29  ? 0.767   -3.924  -13.792 1.00 26.31 ? 29  LEU A N   1 
ATOM   193  C  CA  . LEU A 1 29  ? 1.982   -3.849  -12.997 1.00 28.39 ? 29  LEU A CA  1 
ATOM   194  C  C   . LEU A 1 29  ? 2.135   -5.087  -12.061 1.00 29.84 ? 29  LEU A C   1 
ATOM   195  O  O   . LEU A 1 29  ? 3.239   -5.456  -11.737 1.00 31.40 ? 29  LEU A O   1 
ATOM   196  C  CB  . LEU A 1 29  ? 1.950   -2.617  -12.123 1.00 27.67 ? 29  LEU A CB  1 
ATOM   197  C  CG  . LEU A 1 29  ? 3.122   -2.398  -11.170 1.00 28.98 ? 29  LEU A CG  1 
ATOM   198  C  CD1 . LEU A 1 29  ? 4.438   -2.272  -11.926 1.00 33.04 ? 29  LEU A CD1 1 
ATOM   199  C  CD2 . LEU A 1 29  ? 2.823   -1.220  -10.274 1.00 27.97 ? 29  LEU A CD2 1 
ATOM   200  N  N   A HIS A 1 30  ? 1.011   -5.666  -11.635 0.50 27.24 ? 30  HIS A N   1 
ATOM   201  N  N   B HIS A 1 30  ? 1.016   -5.676  -11.632 0.50 27.94 ? 30  HIS A N   1 
ATOM   202  C  CA  A HIS A 1 30  ? 0.979   -6.733  -10.624 0.50 25.96 ? 30  HIS A CA  1 
ATOM   203  C  CA  B HIS A 1 30  ? 1.047   -6.714  -10.594 0.50 26.97 ? 30  HIS A CA  1 
ATOM   204  C  C   A HIS A 1 30  ? 1.899   -7.904  -10.894 0.50 27.12 ? 30  HIS A C   1 
ATOM   205  C  C   B HIS A 1 30  ? 1.950   -7.883  -10.906 0.50 27.73 ? 30  HIS A C   1 
ATOM   206  O  O   A HIS A 1 30  ? 2.670   -8.274  -10.045 0.50 24.27 ? 30  HIS A O   1 
ATOM   207  O  O   B HIS A 1 30  ? 2.778   -8.221  -10.096 0.50 25.00 ? 30  HIS A O   1 
ATOM   208  C  CB  A HIS A 1 30  ? -0.459  -7.228  -10.512 0.50 25.72 ? 30  HIS A CB  1 
ATOM   209  C  CB  B HIS A 1 30  ? -0.348  -7.250  -10.303 0.50 27.64 ? 30  HIS A CB  1 
ATOM   210  C  CG  A HIS A 1 30  ? -0.678  -8.266  -9.459  0.50 26.75 ? 30  HIS A CG  1 
ATOM   211  C  CG  B HIS A 1 30  ? -0.337  -8.503  -9.486  0.50 29.70 ? 30  HIS A CG  1 
ATOM   212  N  ND1 A HIS A 1 30  ? -1.631  -9.253  -9.583  0.50 26.41 ? 30  HIS A ND1 1 
ATOM   213  N  ND1 B HIS A 1 30  ? 0.093   -9.710  -9.987  0.50 30.86 ? 30  HIS A ND1 1 
ATOM   214  C  CD2 A HIS A 1 30  ? -0.086  -8.461  -8.257  0.50 26.23 ? 30  HIS A CD2 1 
ATOM   215  C  CD2 B HIS A 1 30  ? -0.680  -8.729  -8.196  0.50 30.38 ? 30  HIS A CD2 1 
ATOM   216  C  CE1 A HIS A 1 30  ? -1.620  -10.006 -8.497  0.50 27.31 ? 30  HIS A CE1 1 
ATOM   217  C  CE1 B HIS A 1 30  ? -0.003  -10.632 -9.046  0.50 32.56 ? 30  HIS A CE1 1 
ATOM   218  N  NE2 A HIS A 1 30  ? -0.702  -9.538  -7.673  0.50 24.66 ? 30  HIS A NE2 1 
ATOM   219  N  NE2 B HIS A 1 30  ? -0.464  -10.058 -7.947  0.50 31.40 ? 30  HIS A NE2 1 
ATOM   220  N  N   . GLY A 1 31  ? 1.797   -8.499  -12.083 1.00 31.12 ? 31  GLY A N   1 
ATOM   221  C  CA  . GLY A 1 31  ? 2.636   -9.647  -12.437 1.00 32.74 ? 31  GLY A CA  1 
ATOM   222  C  C   . GLY A 1 31  ? 4.136   -9.363  -12.421 1.00 34.43 ? 31  GLY A C   1 
ATOM   223  O  O   . GLY A 1 31  ? 4.898   -10.176 -11.922 1.00 34.67 ? 31  GLY A O   1 
ATOM   224  N  N   . ALA A 1 32  ? 4.514   -8.176  -12.881 1.00 30.90 ? 32  ALA A N   1 
ATOM   225  C  CA  . ALA A 1 32  ? 5.898   -7.706  -12.847 1.00 32.55 ? 32  ALA A CA  1 
ATOM   226  C  C   . ALA A 1 32  ? 6.390   -7.317  -11.458 1.00 31.01 ? 32  ALA A C   1 
ATOM   227  O  O   . ALA A 1 32  ? 7.521   -7.596  -11.108 1.00 32.06 ? 32  ALA A O   1 
ATOM   228  C  CB  . ALA A 1 32  ? 6.022   -6.511  -13.753 1.00 33.38 ? 32  ALA A CB  1 
ATOM   229  N  N   . ALA A 1 33  ? 5.543   -6.687  -10.645 1.00 28.43 ? 33  ALA A N   1 
ATOM   230  C  CA  . ALA A 1 33  ? 6.004   -6.279  -9.294  1.00 27.40 ? 33  ALA A CA  1 
ATOM   231  C  C   . ALA A 1 33  ? 6.000   -7.428  -8.312  1.00 25.88 ? 33  ALA A C   1 
ATOM   232  O  O   . ALA A 1 33  ? 6.760   -7.411  -7.363  1.00 25.14 ? 33  ALA A O   1 
ATOM   233  C  CB  . ALA A 1 33  ? 5.126   -5.158  -8.734  1.00 29.03 ? 33  ALA A CB  1 
ATOM   234  N  N   . ALA A 1 34  ? 5.046   -8.350  -8.455  1.00 27.11 ? 34  ALA A N   1 
ATOM   235  C  CA  . ALA A 1 34  ? 4.872   -9.414  -7.431  1.00 29.29 ? 34  ALA A CA  1 
ATOM   236  C  C   . ALA A 1 34  ? 6.146   -10.138 -6.953  1.00 30.72 ? 34  ALA A C   1 
ATOM   237  O  O   . ALA A 1 34  ? 6.342   -10.275 -5.764  1.00 25.65 ? 34  ALA A O   1 
ATOM   238  C  CB  . ALA A 1 34  ? 3.797   -10.424 -7.837  1.00 31.50 ? 34  ALA A CB  1 
ATOM   239  N  N   . PRO A 1 35  ? 7.026   -10.581 -7.891  1.00 32.56 ? 35  PRO A N   1 
ATOM   240  C  CA  . PRO A 1 35  ? 8.307   -11.189 -7.515  1.00 33.72 ? 35  PRO A CA  1 
ATOM   241  C  C   . PRO A 1 35  ? 9.175   -10.310 -6.597  1.00 32.46 ? 35  PRO A C   1 
ATOM   242  O  O   . PRO A 1 35  ? 10.026  -10.822 -5.873  1.00 29.03 ? 35  PRO A O   1 
ATOM   243  C  CB  . PRO A 1 35  ? 9.016   -11.348 -8.864  1.00 35.97 ? 35  PRO A CB  1 
ATOM   244  C  CG  . PRO A 1 35  ? 7.904   -11.378 -9.865  1.00 37.21 ? 35  PRO A CG  1 
ATOM   245  C  CD  . PRO A 1 35  ? 6.861   -10.489 -9.347  1.00 35.00 ? 35  PRO A CD  1 
ATOM   246  N  N   . HIS A 1 36  ? 8.989   -8.978  -6.665  1.00 28.75 ? 36  HIS A N   1 
ATOM   247  C  CA  . HIS A 1 36  ? 9.757   -8.044  -5.845  1.00 29.24 ? 36  HIS A CA  1 
ATOM   248  C  C   . HIS A 1 36  ? 9.126   -7.822  -4.468  1.00 26.50 ? 36  HIS A C   1 
ATOM   249  O  O   . HIS A 1 36  ? 9.674   -7.128  -3.611  1.00 24.26 ? 36  HIS A O   1 
ATOM   250  C  CB  . HIS A 1 36  ? 9.820   -6.666  -6.564  1.00 31.86 ? 36  HIS A CB  1 
ATOM   251  C  CG  . HIS A 1 36  ? 10.537  -6.668  -7.886  1.00 32.43 ? 36  HIS A CG  1 
ATOM   252  N  ND1 . HIS A 1 36  ? 11.865  -6.314  -8.002  1.00 29.32 ? 36  HIS A ND1 1 
ATOM   253  C  CD2 . HIS A 1 36  ? 10.097  -6.915  -9.150  1.00 31.43 ? 36  HIS A CD2 1 
ATOM   254  C  CE1 . HIS A 1 36  ? 12.221  -6.351  -9.275  1.00 29.59 ? 36  HIS A CE1 1 
ATOM   255  N  NE2 . HIS A 1 36  ? 11.167  -6.714  -9.993  1.00 32.64 ? 36  HIS A NE2 1 
ATOM   256  N  N   . PHE A 1 37  ? 7.919   -8.335  -4.241  1.00 24.76 ? 37  PHE A N   1 
ATOM   257  C  CA  . PHE A 1 37  ? 7.221   -7.988  -2.976  1.00 25.23 ? 37  PHE A CA  1 
ATOM   258  C  C   . PHE A 1 37  ? 7.995   -8.319  -1.715  1.00 24.37 ? 37  PHE A C   1 
ATOM   259  O  O   . PHE A 1 37  ? 7.975   -7.534  -0.779  1.00 23.36 ? 37  PHE A O   1 
ATOM   260  C  CB  . PHE A 1 37  ? 5.823   -8.631  -2.859  1.00 24.75 ? 37  PHE A CB  1 
ATOM   261  C  CG  . PHE A 1 37  ? 4.791   -8.115  -3.809  1.00 26.09 ? 37  PHE A CG  1 
ATOM   262  C  CD1 . PHE A 1 37  ? 4.930   -6.939  -4.527  1.00 24.89 ? 37  PHE A CD1 1 
ATOM   263  C  CD2 . PHE A 1 37  ? 3.605   -8.851  -3.978  1.00 24.39 ? 37  PHE A CD2 1 
ATOM   264  C  CE1 . PHE A 1 37  ? 3.921   -6.544  -5.405  1.00 27.17 ? 37  PHE A CE1 1 
ATOM   265  C  CE2 . PHE A 1 37  ? 2.660   -8.479  -4.867  1.00 25.02 ? 37  PHE A CE2 1 
ATOM   266  C  CZ  . PHE A 1 37  ? 2.792   -7.316  -5.584  1.00 25.45 ? 37  PHE A CZ  1 
ATOM   267  N  N   . PRO A 1 38  ? 8.671   -9.491  -1.672  1.00 24.34 ? 38  PRO A N   1 
ATOM   268  C  CA  . PRO A 1 38  ? 9.412   -9.804  -0.480  1.00 27.29 ? 38  PRO A CA  1 
ATOM   269  C  C   . PRO A 1 38  ? 10.502  -8.782  -0.194  1.00 25.77 ? 38  PRO A C   1 
ATOM   270  O  O   . PRO A 1 38  ? 10.657  -8.359  0.931   1.00 28.13 ? 38  PRO A O   1 
ATOM   271  C  CB  . PRO A 1 38  ? 10.018  -11.236 -0.772  1.00 28.55 ? 38  PRO A CB  1 
ATOM   272  C  CG  . PRO A 1 38  ? 8.976   -11.828 -1.688  1.00 28.67 ? 38  PRO A CG  1 
ATOM   273  C  CD  . PRO A 1 38  ? 8.609   -10.640 -2.593  1.00 27.11 ? 38  PRO A CD  1 
ATOM   274  N  N   . ARG A 1 39  ? 11.208  -8.347  -1.230  1.00 30.51 ? 39  ARG A N   1 
ATOM   275  C  CA  . ARG A 1 39  ? 12.248  -7.303  -1.079  1.00 31.42 ? 39  ARG A CA  1 
ATOM   276  C  C   . ARG A 1 39  ? 11.586  -5.994  -0.656  1.00 27.81 ? 39  ARG A C   1 
ATOM   277  O  O   . ARG A 1 39  ? 12.043  -5.336  0.251   1.00 26.69 ? 39  ARG A O   1 
ATOM   278  C  CB  . ARG A 1 39  ? 12.965  -7.102  -2.409  1.00 37.37 ? 39  ARG A CB  1 
ATOM   279  C  CG  . ARG A 1 39  ? 14.258  -6.299  -2.367  1.00 49.13 ? 39  ARG A CG  1 
ATOM   280  C  CD  . ARG A 1 39  ? 14.563  -5.721  -3.764  1.00 60.03 ? 39  ARG A CD  1 
ATOM   281  N  NE  . ARG A 1 39  ? 14.078  -4.340  -3.879  1.00 68.44 ? 39  ARG A NE  1 
ATOM   282  C  CZ  . ARG A 1 39  ? 13.448  -3.796  -4.922  1.00 69.01 ? 39  ARG A CZ  1 
ATOM   283  N  NH1 . ARG A 1 39  ? 13.191  -4.478  -6.036  1.00 70.89 ? 39  ARG A NH1 1 
ATOM   284  N  NH2 . ARG A 1 39  ? 13.074  -2.528  -4.840  1.00 73.27 ? 39  ARG A NH2 1 
ATOM   285  N  N   . LEU A 1 40  ? 10.469  -5.637  -1.286  1.00 30.09 ? 40  LEU A N   1 
ATOM   286  C  CA  . LEU A 1 40  ? 9.765   -4.392  -0.874  1.00 29.48 ? 40  LEU A CA  1 
ATOM   287  C  C   . LEU A 1 40  ? 9.335   -4.451  0.610   1.00 29.01 ? 40  LEU A C   1 
ATOM   288  O  O   . LEU A 1 40  ? 9.442   -3.458  1.340   1.00 31.65 ? 40  LEU A O   1 
ATOM   289  C  CB  . LEU A 1 40  ? 8.544   -4.105  -1.753  1.00 31.59 ? 40  LEU A CB  1 
ATOM   290  C  CG  . LEU A 1 40  ? 8.759   -3.458  -3.119  1.00 38.90 ? 40  LEU A CG  1 
ATOM   291  C  CD1 . LEU A 1 40  ? 7.412   -3.247  -3.751  1.00 39.88 ? 40  LEU A CD1 1 
ATOM   292  C  CD2 . LEU A 1 40  ? 9.518   -2.131  -3.051  1.00 41.47 ? 40  LEU A CD2 1 
ATOM   293  N  N   . ALA A 1 41  ? 8.814   -5.600  1.045   1.00 27.62 ? 41  ALA A N   1 
ATOM   294  C  CA  . ALA A 1 41  ? 8.394   -5.751  2.451   1.00 28.20 ? 41  ALA A CA  1 
ATOM   295  C  C   . ALA A 1 41  ? 9.600   -5.592  3.384   1.00 28.17 ? 41  ALA A C   1 
ATOM   296  O  O   . ALA A 1 41  ? 9.524   -4.964  4.416   1.00 25.85 ? 41  ALA A O   1 
ATOM   297  C  CB  . ALA A 1 41  ? 7.743   -7.089  2.660   1.00 26.02 ? 41  ALA A CB  1 
ATOM   298  N  N   . GLU A 1 42  ? 10.708  -6.212  3.006   1.00 30.70 ? 42  GLU A N   1 
ATOM   299  C  CA  . GLU A 1 42  ? 11.953  -6.060  3.773   1.00 33.46 ? 42  GLU A CA  1 
ATOM   300  C  C   . GLU A 1 42  ? 12.475  -4.658  3.848   1.00 29.48 ? 42  GLU A C   1 
ATOM   301  O  O   . GLU A 1 42  ? 12.886  -4.228  4.905   1.00 33.36 ? 42  GLU A O   1 
ATOM   302  C  CB  . GLU A 1 42  ? 13.023  -7.068  3.282   1.00 36.90 ? 42  GLU A CB  1 
ATOM   303  C  CG  . GLU A 1 42  ? 12.634  -8.463  3.754   1.00 43.74 ? 42  GLU A CG  1 
ATOM   304  C  CD  . GLU A 1 42  ? 13.562  -9.609  3.371   1.00 59.06 ? 42  GLU A CD  1 
ATOM   305  O  OE1 . GLU A 1 42  ? 14.174  -9.599  2.277   1.00 68.65 ? 42  GLU A OE1 1 
ATOM   306  O  OE2 . GLU A 1 42  ? 13.614  -10.570 4.171   1.00 61.79 ? 42  GLU A OE2 1 
ATOM   307  N  N   . GLU A 1 43  ? 12.492  -3.946  2.732   1.00 30.29 ? 43  GLU A N   1 
ATOM   308  C  CA  . GLU A 1 43  ? 12.863  -2.537  2.713   1.00 32.99 ? 43  GLU A CA  1 
ATOM   309  C  C   . GLU A 1 43  ? 11.961  -1.699  3.618   1.00 31.17 ? 43  GLU A C   1 
ATOM   310  O  O   . GLU A 1 43  ? 12.435  -0.901  4.396   1.00 27.89 ? 43  GLU A O   1 
ATOM   311  C  CB  . GLU A 1 43  ? 12.825  -1.964  1.285   1.00 36.84 ? 43  GLU A CB  1 
ATOM   312  C  CG  . GLU A 1 43  ? 13.899  -2.588  0.370   1.00 41.31 ? 43  GLU A CG  1 
ATOM   313  C  CD  . GLU A 1 43  ? 13.830  -2.195  -1.098  0.50 40.13 ? 43  GLU A CD  1 
ATOM   314  O  OE1 . GLU A 1 43  ? 12.799  -1.669  -1.567  0.50 39.04 ? 43  GLU A OE1 1 
ATOM   315  O  OE2 . GLU A 1 43  ? 14.833  -2.434  -1.798  0.50 37.21 ? 43  GLU A OE2 1 
ATOM   316  N  N   . PHE A 1 44  ? 10.658  -1.947  3.556   1.00 27.85 ? 44  PHE A N   1 
ATOM   317  C  CA  . PHE A 1 44  ? 9.707   -1.254  4.421   1.00 27.97 ? 44  PHE A CA  1 
ATOM   318  C  C   . PHE A 1 44  ? 9.998   -1.509  5.934   1.00 27.39 ? 44  PHE A C   1 
ATOM   319  O  O   . PHE A 1 44  ? 10.018  -0.598  6.780   1.00 28.20 ? 44  PHE A O   1 
ATOM   320  C  CB  . PHE A 1 44  ? 8.284   -1.707  4.022   1.00 26.91 ? 44  PHE A CB  1 
ATOM   321  C  CG  . PHE A 1 44  ? 7.196   -0.924  4.707   1.00 27.26 ? 44  PHE A CG  1 
ATOM   322  C  CD1 . PHE A 1 44  ? 6.754   -1.293  5.938   1.00 28.91 ? 44  PHE A CD1 1 
ATOM   323  C  CD2 . PHE A 1 44  ? 6.661   0.227   4.109   1.00 31.00 ? 44  PHE A CD2 1 
ATOM   324  C  CE1 . PHE A 1 44  ? 5.744   -0.580  6.568   1.00 32.59 ? 44  PHE A CE1 1 
ATOM   325  C  CE2 . PHE A 1 44  ? 5.662   0.956   4.737   1.00 30.20 ? 44  PHE A CE2 1 
ATOM   326  C  CZ  . PHE A 1 44  ? 5.209   0.549   5.972   1.00 32.39 ? 44  PHE A CZ  1 
ATOM   327  N  N   . TYR A 1 45  ? 10.221  -2.784  6.253   1.00 28.14 ? 45  TYR A N   1 
ATOM   328  C  CA  . TYR A 1 45  ? 10.492  -3.190  7.603   1.00 27.00 ? 45  TYR A CA  1 
ATOM   329  C  C   . TYR A 1 45  ? 11.853  -2.535  8.055   1.00 30.85 ? 45  TYR A C   1 
ATOM   330  O  O   . TYR A 1 45  ? 11.966  -2.058  9.164   1.00 31.18 ? 45  TYR A O   1 
ATOM   331  C  CB  . TYR A 1 45  ? 10.537  -4.697  7.643   1.00 29.38 ? 45  TYR A CB  1 
ATOM   332  C  CG  . TYR A 1 45  ? 10.987  -5.222  8.977   1.00 31.24 ? 45  TYR A CG  1 
ATOM   333  C  CD1 . TYR A 1 45  ? 10.138  -5.148  10.103  1.00 32.16 ? 45  TYR A CD1 1 
ATOM   334  C  CD2 . TYR A 1 45  ? 12.234  -5.813  9.126   1.00 28.99 ? 45  TYR A CD2 1 
ATOM   335  C  CE1 . TYR A 1 45  ? 10.549  -5.609  11.335  1.00 32.97 ? 45  TYR A CE1 1 
ATOM   336  C  CE2 . TYR A 1 45  ? 12.645  -6.316  10.342  1.00 29.21 ? 45  TYR A CE2 1 
ATOM   337  C  CZ  . TYR A 1 45  ? 11.817  -6.182  11.456  1.00 31.79 ? 45  TYR A CZ  1 
ATOM   338  O  OH  . TYR A 1 45  ? 12.195  -6.665  12.663  1.00 31.07 ? 45  TYR A OH  1 
ATOM   339  N  N   . ASP A 1 46  ? 12.834  -2.475  7.154   1.00 31.44 ? 46  ASP A N   1 
ATOM   340  C  CA  . ASP A 1 46  ? 14.119  -1.798  7.469   1.00 30.59 ? 46  ASP A CA  1 
ATOM   341  C  C   . ASP A 1 46  ? 13.898  -0.312  7.820   1.00 31.31 ? 46  ASP A C   1 
ATOM   342  O  O   . ASP A 1 46  ? 14.549  0.199   8.742   1.00 30.65 ? 46  ASP A O   1 
ATOM   343  C  CB  . ASP A 1 46  ? 15.111  -1.957  6.336   1.00 29.28 ? 46  ASP A CB  1 
ATOM   344  C  CG  . ASP A 1 46  ? 15.655  -3.393  6.205   1.00 32.22 ? 46  ASP A CG  1 
ATOM   345  O  OD1 . ASP A 1 46  ? 15.407  -4.232  7.102   1.00 30.44 ? 46  ASP A OD1 1 
ATOM   346  O  OD2 . ASP A 1 46  ? 16.352  -3.669  5.186   1.00 30.69 ? 46  ASP A OD2 1 
ATOM   347  N  N   . ARG A 1 47  ? 12.967  0.365   7.136   1.00 31.23 ? 47  ARG A N   1 
ATOM   348  C  CA  A ARG A 1 47  ? 12.671  1.763   7.447   0.50 32.32 ? 47  ARG A CA  1 
ATOM   349  C  CA  B ARG A 1 47  ? 12.688  1.769   7.442   0.50 32.73 ? 47  ARG A CA  1 
ATOM   350  C  C   . ARG A 1 47  ? 12.112  1.885   8.850   1.00 32.12 ? 47  ARG A C   1 
ATOM   351  O  O   . ARG A 1 47  ? 12.436  2.807   9.566   1.00 35.45 ? 47  ARG A O   1 
ATOM   352  C  CB  A ARG A 1 47  ? 11.728  2.399   6.417   0.50 34.21 ? 47  ARG A CB  1 
ATOM   353  C  CB  B ARG A 1 47  ? 11.775  2.455   6.404   0.50 35.02 ? 47  ARG A CB  1 
ATOM   354  C  CG  A ARG A 1 47  ? 12.346  2.635   5.052   0.50 36.03 ? 47  ARG A CG  1 
ATOM   355  C  CG  B ARG A 1 47  ? 12.103  2.232   4.930   0.50 38.00 ? 47  ARG A CG  1 
ATOM   356  C  CD  A ARG A 1 47  ? 13.399  3.726   5.066   0.50 39.48 ? 47  ARG A CD  1 
ATOM   357  C  CD  B ARG A 1 47  ? 13.322  2.956   4.387   0.50 40.37 ? 47  ARG A CD  1 
ATOM   358  N  NE  A ARG A 1 47  ? 13.086  4.820   4.134   0.50 43.78 ? 47  ARG A NE  1 
ATOM   359  N  NE  B ARG A 1 47  ? 14.595  2.523   4.945   0.50 45.87 ? 47  ARG A NE  1 
ATOM   360  C  CZ  A ARG A 1 47  ? 12.629  5.999   4.538   0.50 44.77 ? 47  ARG A CZ  1 
ATOM   361  C  CZ  B ARG A 1 47  ? 15.264  1.429   4.581   0.50 46.21 ? 47  ARG A CZ  1 
ATOM   362  N  NH1 A ARG A 1 47  ? 12.447  6.224   5.831   0.50 45.09 ? 47  ARG A NH1 1 
ATOM   363  N  NH1 B ARG A 1 47  ? 14.776  0.599   3.657   0.50 43.33 ? 47  ARG A NH1 1 
ATOM   364  N  NH2 A ARG A 1 47  ? 12.376  6.951   3.667   0.50 46.82 ? 47  ARG A NH2 1 
ATOM   365  N  NH2 B ARG A 1 47  ? 16.432  1.174   5.151   0.50 44.04 ? 47  ARG A NH2 1 
ATOM   366  N  N   . ILE A 1 48  ? 11.293  0.900   9.265   1.00 33.37 ? 48  ILE A N   1 
ATOM   367  C  CA  . ILE A 1 48  ? 10.789  0.837   10.624  1.00 29.47 ? 48  ILE A CA  1 
ATOM   368  C  C   . ILE A 1 48  ? 11.962  0.698   11.614  1.00 34.75 ? 48  ILE A C   1 
ATOM   369  O  O   . ILE A 1 48  ? 12.048  1.427   12.639  1.00 30.45 ? 48  ILE A O   1 
ATOM   370  C  CB  . ILE A 1 48  ? 9.773   -0.322  10.807  1.00 30.01 ? 48  ILE A CB  1 
ATOM   371  C  CG1 . ILE A 1 48  ? 8.490   -0.075  9.951   1.00 30.50 ? 48  ILE A CG1 1 
ATOM   372  C  CG2 . ILE A 1 48  ? 9.445   -0.550  12.259  1.00 28.96 ? 48  ILE A CG2 1 
ATOM   373  C  CD1 . ILE A 1 48  ? 7.493   -1.211  10.026  1.00 32.02 ? 48  ILE A CD1 1 
ATOM   374  N  N   . LEU A 1 49  ? 12.837  -0.279  11.342  1.00 34.74 ? 49  LEU A N   1 
ATOM   375  C  CA  . LEU A 1 49  ? 14.020  -0.515  12.190  1.00 36.80 ? 49  LEU A CA  1 
ATOM   376  C  C   . LEU A 1 49  ? 14.926  0.714   12.307  1.00 34.20 ? 49  LEU A C   1 
ATOM   377  O  O   . LEU A 1 49  ? 15.548  0.906   13.343  1.00 37.34 ? 49  LEU A O   1 
ATOM   378  C  CB  . LEU A 1 49  ? 14.851  -1.708  11.664  1.00 38.49 ? 49  LEU A CB  1 
ATOM   379  C  CG  . LEU A 1 49  ? 14.320  -3.100  11.985  1.00 38.84 ? 49  LEU A CG  1 
ATOM   380  C  CD1 . LEU A 1 49  ? 15.222  -4.160  11.336  1.00 41.96 ? 49  LEU A CD1 1 
ATOM   381  C  CD2 . LEU A 1 49  ? 14.170  -3.380  13.460  1.00 42.16 ? 49  LEU A CD2 1 
ATOM   382  N  N   . GLY A 1 50  ? 14.966  1.534   11.258  1.00 35.08 ? 50  GLY A N   1 
ATOM   383  C  CA  . GLY A 1 50  ? 15.766  2.734   11.206  1.00 39.04 ? 50  GLY A CA  1 
ATOM   384  C  C   . GLY A 1 50  ? 15.148  3.934   11.897  1.00 40.87 ? 50  GLY A C   1 
ATOM   385  O  O   . GLY A 1 50  ? 15.739  4.999   11.930  1.00 41.21 ? 50  GLY A O   1 
ATOM   386  N  N   . HIS A 1 51  ? 13.973  3.772   12.455  1.00 37.04 ? 51  HIS A N   1 
ATOM   387  C  CA  . HIS A 1 51  ? 13.265  4.899   13.021  1.00 38.67 ? 51  HIS A CA  1 
ATOM   388  C  C   . HIS A 1 51  ? 12.994  4.543   14.467  1.00 35.90 ? 51  HIS A C   1 
ATOM   389  O  O   . HIS A 1 51  ? 12.253  3.591   14.738  1.00 33.93 ? 51  HIS A O   1 
ATOM   390  C  CB  . HIS A 1 51  ? 11.950  5.168   12.238  1.00 36.90 ? 51  HIS A CB  1 
ATOM   391  C  CG  . HIS A 1 51  ? 11.206  6.362   12.746  1.00 36.17 ? 51  HIS A CG  1 
ATOM   392  N  ND1 . HIS A 1 51  ? 10.449  6.322   13.893  1.00 38.36 ? 51  HIS A ND1 1 
ATOM   393  C  CD2 . HIS A 1 51  ? 11.146  7.638   12.296  1.00 39.00 ? 51  HIS A CD2 1 
ATOM   394  C  CE1 . HIS A 1 51  ? 9.928   7.517   14.116  1.00 42.88 ? 51  HIS A CE1 1 
ATOM   395  N  NE2 . HIS A 1 51  ? 10.343  8.335   13.165  1.00 42.56 ? 51  HIS A NE2 1 
ATOM   396  N  N   . GLU A 1 52  ? 13.595  5.307   15.379  1.00 37.84 ? 52  GLU A N   1 
ATOM   397  C  CA  . GLU A 1 52  ? 13.548  5.040   16.836  1.00 41.80 ? 52  GLU A CA  1 
ATOM   398  C  C   . GLU A 1 52  ? 12.121  4.880   17.360  1.00 41.55 ? 52  GLU A C   1 
ATOM   399  O  O   . GLU A 1 52  ? 11.808  3.931   18.102  1.00 39.55 ? 52  GLU A O   1 
ATOM   400  C  CB  . GLU A 1 52  ? 14.314  6.165   17.587  1.00 51.84 ? 52  GLU A CB  1 
ATOM   401  C  CG  . GLU A 1 52  ? 14.349  6.097   19.112  1.00 63.81 ? 52  GLU A CG  1 
ATOM   402  C  CD  . GLU A 1 52  ? 15.020  7.316   19.789  1.00 73.92 ? 52  GLU A CD  1 
ATOM   403  O  OE1 . GLU A 1 52  ? 15.216  8.375   19.144  1.00 79.66 ? 52  GLU A OE1 1 
ATOM   404  O  OE2 . GLU A 1 52  ? 15.330  7.233   21.001  1.00 76.59 ? 52  GLU A OE2 1 
ATOM   405  N  N   . GLY A 1 53  ? 11.233  5.795   16.964  1.00 37.49 ? 53  GLY A N   1 
ATOM   406  C  CA  . GLY A 1 53  ? 9.856   5.738   17.425  1.00 38.50 ? 53  GLY A CA  1 
ATOM   407  C  C   . GLY A 1 53  ? 9.073   4.525   16.895  1.00 37.75 ? 53  GLY A C   1 
ATOM   408  O  O   . GLY A 1 53  ? 8.447   3.795   17.668  1.00 36.12 ? 53  GLY A O   1 
ATOM   409  N  N   . ALA A 1 54  ? 9.139   4.297   15.571  1.00 36.71 ? 54  ALA A N   1 
ATOM   410  C  CA  . ALA A 1 54  ? 8.392   3.205   14.965  1.00 34.80 ? 54  ALA A CA  1 
ATOM   411  C  C   . ALA A 1 54  ? 8.871   1.876   15.551  1.00 35.16 ? 54  ALA A C   1 
ATOM   412  O  O   . ALA A 1 54  ? 8.081   0.991   15.813  1.00 28.24 ? 54  ALA A O   1 
ATOM   413  C  CB  . ALA A 1 54  ? 8.549   3.199   13.461  1.00 34.14 ? 54  ALA A CB  1 
ATOM   414  N  N   . ARG A 1 55  ? 10.169  1.752   15.819  1.00 33.14 ? 55  ARG A N   1 
ATOM   415  C  CA  . ARG A 1 55  ? 10.634  0.448   16.271  1.00 33.58 ? 55  ARG A CA  1 
ATOM   416  C  C   . ARG A 1 55  ? 10.215  0.021   17.650  1.00 31.10 ? 55  ARG A C   1 
ATOM   417  O  O   . ARG A 1 55  ? 10.341  -1.166  17.993  1.00 29.33 ? 55  ARG A O   1 
ATOM   418  C  CB  . ARG A 1 55  ? 12.123  0.263   15.982  1.00 37.28 ? 55  ARG A CB  1 
ATOM   419  C  CG  . ARG A 1 55  ? 13.085  0.909   16.899  1.00 41.54 ? 55  ARG A CG  1 
ATOM   420  C  CD  . ARG A 1 55  ? 14.508  0.553   16.441  1.00 42.28 ? 55  ARG A CD  1 
ATOM   421  N  NE  . ARG A 1 55  ? 14.891  -0.845  16.736  1.00 41.24 ? 55  ARG A NE  1 
ATOM   422  C  CZ  . ARG A 1 55  ? 15.859  -1.537  16.112  1.00 43.05 ? 55  ARG A CZ  1 
ATOM   423  N  NH1 . ARG A 1 55  ? 16.142  -2.771  16.504  1.00 40.51 ? 55  ARG A NH1 1 
ATOM   424  N  NH2 . ARG A 1 55  ? 16.560  -1.017  15.088  1.00 45.75 ? 55  ARG A NH2 1 
ATOM   425  N  N   . THR A 1 56  ? 9.628   0.947   18.435  1.00 30.99 ? 56  THR A N   1 
ATOM   426  C  CA  . THR A 1 56  ? 9.119   0.603   19.745  1.00 28.96 ? 56  THR A CA  1 
ATOM   427  C  C   . THR A 1 56  ? 7.890   -0.298  19.614  1.00 30.83 ? 56  THR A C   1 
ATOM   428  O  O   . THR A 1 56  ? 7.477   -0.917  20.602  1.00 29.08 ? 56  THR A O   1 
ATOM   429  C  CB  . THR A 1 56  ? 8.714   1.878   20.597  1.00 33.66 ? 56  THR A CB  1 
ATOM   430  O  OG1 . THR A 1 56  ? 7.730   2.636   19.882  1.00 31.71 ? 56  THR A OG1 1 
ATOM   431  C  CG2 . THR A 1 56  ? 9.918   2.788   20.810  1.00 35.91 ? 56  THR A CG2 1 
ATOM   432  N  N   . ALA A 1 57  ? 7.306   -0.415  18.411  1.00 30.30 ? 57  ALA A N   1 
ATOM   433  C  CA  . ALA A 1 57  ? 6.195   -1.413  18.241  1.00 31.89 ? 57  ALA A CA  1 
ATOM   434  C  C   . ALA A 1 57  ? 6.683   -2.884  18.159  1.00 29.69 ? 57  ALA A C   1 
ATOM   435  O  O   . ALA A 1 57  ? 5.881   -3.821  18.213  1.00 28.59 ? 57  ALA A O   1 
ATOM   436  C  CB  . ALA A 1 57  ? 5.405   -1.102  16.999  1.00 30.99 ? 57  ALA A CB  1 
ATOM   437  N  N   . LEU A 1 58  ? 7.983   -3.060  17.998  1.00 29.15 ? 58  LEU A N   1 
ATOM   438  C  CA  . LEU A 1 58  ? 8.547   -4.372  17.681  1.00 30.76 ? 58  LEU A CA  1 
ATOM   439  C  C   . LEU A 1 58  ? 8.858   -5.077  18.978  1.00 32.22 ? 58  LEU A C   1 
ATOM   440  O  O   . LEU A 1 58  ? 10.026  -5.336  19.300  1.00 35.98 ? 58  LEU A O   1 
ATOM   441  C  CB  . LEU A 1 58  ? 9.791   -4.301  16.766  1.00 30.37 ? 58  LEU A CB  1 
ATOM   442  C  CG  . LEU A 1 58  ? 9.601   -3.530  15.469  1.00 33.35 ? 58  LEU A CG  1 
ATOM   443  C  CD1 . LEU A 1 58  ? 10.895  -3.509  14.678  1.00 33.16 ? 58  LEU A CD1 1 
ATOM   444  C  CD2 . LEU A 1 58  ? 8.449   -4.134  14.640  1.00 33.50 ? 58  LEU A CD2 1 
ATOM   445  N  N   . VAL A 1 59  ? 7.791   -5.437  19.681  1.00 30.10 ? 59  VAL A N   1 
ATOM   446  C  CA  . VAL A 1 59  ? 7.887   -6.078  20.983  1.00 33.03 ? 59  VAL A CA  1 
ATOM   447  C  C   . VAL A 1 59  ? 7.466   -7.546  20.939  1.00 35.05 ? 59  VAL A C   1 
ATOM   448  O  O   . VAL A 1 59  ? 7.359   -8.178  21.981  1.00 34.94 ? 59  VAL A O   1 
ATOM   449  C  CB  . VAL A 1 59  ? 7.060   -5.310  22.097  1.00 34.70 ? 59  VAL A CB  1 
ATOM   450  C  CG1 . VAL A 1 59  ? 7.508   -3.861  22.212  1.00 37.14 ? 59  VAL A CG1 1 
ATOM   451  C  CG2 . VAL A 1 59  ? 5.552   -5.406  21.859  1.00 39.25 ? 59  VAL A CG2 1 
ATOM   452  N  N   . GLY A 1 60  ? 7.249   -8.110  19.742  1.00 32.17 ? 60  GLY A N   1 
ATOM   453  C  CA  . GLY A 1 60  ? 6.693   -9.452  19.622  1.00 30.46 ? 60  GLY A CA  1 
ATOM   454  C  C   . GLY A 1 60  ? 7.727   -10.506 19.307  1.00 31.96 ? 60  GLY A C   1 
ATOM   455  O  O   . GLY A 1 60  ? 7.378   -11.615 18.974  1.00 32.59 ? 60  GLY A O   1 
ATOM   456  N  N   . GLY A 1 61  ? 9.014   -10.154 19.404  1.00 30.02 ? 61  GLY A N   1 
ATOM   457  C  CA  . GLY A 1 61  ? 10.065  -11.106 19.162  1.00 28.04 ? 61  GLY A CA  1 
ATOM   458  C  C   . GLY A 1 61  ? 10.176  -11.593 17.731  1.00 28.77 ? 61  GLY A C   1 
ATOM   459  O  O   . GLY A 1 61  ? 9.730   -10.941 16.778  1.00 25.20 ? 61  GLY A O   1 
ATOM   460  N  N   . GLU A 1 62  ? 10.749  -12.795 17.584  1.00 27.87 ? 62  GLU A N   1 
ATOM   461  C  CA  . GLU A 1 62  ? 11.141  -13.276 16.285  1.00 31.08 ? 62  GLU A CA  1 
ATOM   462  C  C   . GLU A 1 62  ? 9.955   -13.521 15.377  1.00 27.90 ? 62  GLU A C   1 
ATOM   463  O  O   . GLU A 1 62  ? 10.003  -13.189 14.198  1.00 30.41 ? 62  GLU A O   1 
ATOM   464  C  CB  . GLU A 1 62  ? 11.971  -14.572 16.442  1.00 36.03 ? 62  GLU A CB  1 
ATOM   465  C  CG  . GLU A 1 62  ? 12.762  -14.997 15.228  1.00 43.75 ? 62  GLU A CG  1 
ATOM   466  C  CD  . GLU A 1 62  ? 13.316  -16.425 15.381  1.00 52.72 ? 62  GLU A CD  1 
ATOM   467  O  OE1 . GLU A 1 62  ? 13.182  -17.217 14.413  1.00 52.80 ? 62  GLU A OE1 1 
ATOM   468  O  OE2 . GLU A 1 62  ? 13.806  -16.767 16.496  1.00 56.82 ? 62  GLU A OE2 1 
ATOM   469  N  N   . SER A 1 63  ? 8.875   -14.084 15.928  1.00 23.70 ? 63  SER A N   1 
ATOM   470  C  CA  A SER A 1 63  ? 7.661   -14.363 15.175  0.50 25.49 ? 63  SER A CA  1 
ATOM   471  C  CA  B SER A 1 63  ? 7.691   -14.376 15.145  0.50 23.41 ? 63  SER A CA  1 
ATOM   472  C  C   . SER A 1 63  ? 7.066   -13.077 14.542  1.00 26.95 ? 63  SER A C   1 
ATOM   473  O  O   . SER A 1 63  ? 6.489   -13.102 13.459  1.00 25.01 ? 63  SER A O   1 
ATOM   474  C  CB  A SER A 1 63  ? 6.599   -14.976 16.091  0.50 24.70 ? 63  SER A CB  1 
ATOM   475  C  CB  B SER A 1 63  ? 6.651   -15.119 15.991  0.50 20.79 ? 63  SER A CB  1 
ATOM   476  O  OG  A SER A 1 63  ? 6.998   -16.226 16.589  0.50 27.26 ? 63  SER A OG  1 
ATOM   477  O  OG  B SER A 1 63  ? 6.133   -14.281 17.012  0.50 18.12 ? 63  SER A OG  1 
ATOM   478  N  N   . GLN A 1 64  ? 7.192   -11.971 15.260  1.00 28.24 ? 64  GLN A N   1 
ATOM   479  C  CA  . GLN A 1 64  ? 6.638   -10.712 14.769  1.00 31.49 ? 64  GLN A CA  1 
ATOM   480  C  C   . GLN A 1 64  ? 7.346   -10.275 13.485  1.00 32.73 ? 64  GLN A C   1 
ATOM   481  O  O   . GLN A 1 64  ? 6.687   -9.723  12.585  1.00 30.30 ? 64  GLN A O   1 
ATOM   482  C  CB  . GLN A 1 64  ? 6.678   -9.604  15.824  1.00 28.55 ? 64  GLN A CB  1 
ATOM   483  C  CG  . GLN A 1 64  ? 6.216   -8.224  15.292  1.00 28.50 ? 64  GLN A CG  1 
ATOM   484  C  CD  . GLN A 1 64  ? 6.329   -7.183  16.364  1.00 32.17 ? 64  GLN A CD  1 
ATOM   485  O  OE1 . GLN A 1 64  ? 7.346   -7.164  17.123  1.00 29.40 ? 64  GLN A OE1 1 
ATOM   486  N  NE2 . GLN A 1 64  ? 5.369   -6.230  16.382  1.00 27.97 ? 64  GLN A NE2 1 
ATOM   487  N  N   . VAL A 1 65  ? 8.650   -10.550 13.392  1.00 29.69 ? 65  VAL A N   1 
ATOM   488  C  CA  . VAL A 1 65  ? 9.411   -10.110 12.243  1.00 31.56 ? 65  VAL A CA  1 
ATOM   489  C  C   . VAL A 1 65  ? 8.839   -10.756 10.961  1.00 30.31 ? 65  VAL A C   1 
ATOM   490  O  O   . VAL A 1 65  ? 8.583   -10.068 9.937   1.00 24.30 ? 65  VAL A O   1 
ATOM   491  C  CB  . VAL A 1 65  ? 10.908  -10.436 12.378  1.00 31.56 ? 65  VAL A CB  1 
ATOM   492  C  CG1 . VAL A 1 65  ? 11.666  -10.064 11.091  1.00 32.22 ? 65  VAL A CG1 1 
ATOM   493  C  CG2 . VAL A 1 65  ? 11.482  -9.730  13.629  1.00 33.24 ? 65  VAL A CG2 1 
ATOM   494  N  N   . GLY A 1 66  ? 8.658   -12.071 11.014  1.00 29.12 ? 66  GLY A N   1 
ATOM   495  C  CA  . GLY A 1 66  ? 8.070   -12.779 9.870   1.00 28.40 ? 66  GLY A CA  1 
ATOM   496  C  C   . GLY A 1 66  ? 6.633   -12.335 9.579   1.00 25.17 ? 66  GLY A C   1 
ATOM   497  O  O   . GLY A 1 66  ? 6.199   -12.340 8.401   1.00 25.69 ? 66  GLY A O   1 
ATOM   498  N  N   . HIS A 1 67  ? 5.884   -12.032 10.640  1.00 24.84 ? 67  HIS A N   1 
ATOM   499  C  CA  . HIS A 1 67  ? 4.488   -11.613 10.470  1.00 26.29 ? 67  HIS A CA  1 
ATOM   500  C  C   . HIS A 1 67  ? 4.391   -10.248 9.749   1.00 24.31 ? 67  HIS A C   1 
ATOM   501  O  O   . HIS A 1 67  ? 3.596   -10.091 8.871   1.00 21.40 ? 67  HIS A O   1 
ATOM   502  C  CB  . HIS A 1 67  ? 3.734   -11.562 11.749  1.00 25.72 ? 67  HIS A CB  1 
ATOM   503  C  CG  . HIS A 1 67  ? 2.264   -11.389 11.543  1.00 28.19 ? 67  HIS A CG  1 
ATOM   504  N  ND1 . HIS A 1 67  ? 1.581   -10.266 11.968  1.00 26.08 ? 67  HIS A ND1 1 
ATOM   505  C  CD2 . HIS A 1 67  ? 1.363   -12.174 10.910  1.00 25.32 ? 67  HIS A CD2 1 
ATOM   506  C  CE1 . HIS A 1 67  ? 0.300   -10.408 11.663  1.00 26.75 ? 67  HIS A CE1 1 
ATOM   507  N  NE2 . HIS A 1 67  ? 0.157   -11.527 10.978  1.00 26.51 ? 67  HIS A NE2 1 
ATOM   508  N  N   . LEU A 1 68  ? 5.251   -9.313  10.127  1.00 23.83 ? 68  LEU A N   1 
ATOM   509  C  CA  . LEU A 1 68  ? 5.334   -7.982  9.456   1.00 22.91 ? 68  LEU A CA  1 
ATOM   510  C  C   . LEU A 1 68  ? 5.702   -8.119  7.990   1.00 23.10 ? 68  LEU A C   1 
ATOM   511  O  O   . LEU A 1 68  ? 5.242   -7.328  7.146   1.00 23.35 ? 68  LEU A O   1 
ATOM   512  C  CB  . LEU A 1 68  ? 6.299   -7.087  10.187  1.00 23.34 ? 68  LEU A CB  1 
ATOM   513  C  CG  . LEU A 1 68  ? 5.742   -6.687  11.587  1.00 25.43 ? 68  LEU A CG  1 
ATOM   514  C  CD1 . LEU A 1 68  ? 6.803   -5.977  12.412  1.00 27.87 ? 68  LEU A CD1 1 
ATOM   515  C  CD2 . LEU A 1 68  ? 4.436   -5.856  11.478  1.00 27.54 ? 68  LEU A CD2 1 
ATOM   516  N  N   . LYS A 1 69  ? 6.564   -9.088  7.671   1.00 22.21 ? 69  LYS A N   1 
ATOM   517  C  CA  . LYS A 1 69  ? 6.941   -9.320  6.318   1.00 24.18 ? 69  LYS A CA  1 
ATOM   518  C  C   . LYS A 1 69  ? 5.744   -9.893  5.519   1.00 23.58 ? 69  LYS A C   1 
ATOM   519  O  O   . LYS A 1 69  ? 5.430   -9.402  4.467   1.00 21.80 ? 69  LYS A O   1 
ATOM   520  C  CB  . LYS A 1 69  ? 8.176   -10.244 6.222   1.00 31.25 ? 69  LYS A CB  1 
ATOM   521  C  CG  . LYS A 1 69  ? 8.532   -10.682 4.796   1.00 37.12 ? 69  LYS A CG  1 
ATOM   522  C  CD  . LYS A 1 69  ? 9.905   -11.338 4.655   1.00 44.02 ? 69  LYS A CD  1 
ATOM   523  C  CE  . LYS A 1 69  ? 10.095  -11.821 3.204   1.00 45.18 ? 69  LYS A CE  1 
ATOM   524  N  NZ  . LYS A 1 69  ? 11.414  -12.466 2.975   1.00 51.55 ? 69  LYS A NZ  1 
ATOM   525  N  N   . VAL A 1 70  ? 5.107   -10.914 6.028   1.00 22.18 ? 70  VAL A N   1 
ATOM   526  C  CA  . VAL A 1 70  ? 4.088   -11.640 5.219   1.00 26.36 ? 70  VAL A CA  1 
ATOM   527  C  C   . VAL A 1 70  ? 2.850   -10.752 5.027   1.00 24.90 ? 70  VAL A C   1 
ATOM   528  O  O   . VAL A 1 70  ? 2.225   -10.788 3.974   1.00 22.00 ? 70  VAL A O   1 
ATOM   529  C  CB  . VAL A 1 70  ? 3.697   -13.036 5.822   1.00 31.62 ? 70  VAL A CB  1 
ATOM   530  C  CG1 . VAL A 1 70  ? 2.889   -12.908 7.075   1.00 33.97 ? 70  VAL A CG1 1 
ATOM   531  C  CG2 . VAL A 1 70  ? 2.852   -13.842 4.848   1.00 36.76 ? 70  VAL A CG2 1 
ATOM   532  N  N   . THR A 1 71  ? 2.495   -9.999  6.077   1.00 18.36 ? 71  THR A N   1 
ATOM   533  C  CA  . THR A 1 71  ? 1.377   -9.093  6.015   1.00 18.89 ? 71  THR A CA  1 
ATOM   534  C  C   . THR A 1 71  ? 1.551   -8.026  4.945   1.00 21.16 ? 71  THR A C   1 
ATOM   535  O  O   . THR A 1 71  ? 0.604   -7.639  4.242   1.00 22.07 ? 71  THR A O   1 
ATOM   536  C  CB  . THR A 1 71  ? 1.071   -8.440  7.389   1.00 19.39 ? 71  THR A CB  1 
ATOM   537  O  OG1 . THR A 1 71  ? 2.249   -7.891  7.993   1.00 22.78 ? 71  THR A OG1 1 
ATOM   538  C  CG2 . THR A 1 71  ? 0.431   -9.479  8.313   1.00 22.18 ? 71  THR A CG2 1 
ATOM   539  N  N   . MET A 1 72  ? 2.750   -7.525  4.846   1.00 18.35 ? 72  MET A N   1 
ATOM   540  C  CA  . MET A 1 72  ? 3.009   -6.503  3.860   1.00 18.10 ? 72  MET A CA  1 
ATOM   541  C  C   . MET A 1 72  ? 3.058   -7.067  2.457   1.00 19.49 ? 72  MET A C   1 
ATOM   542  O  O   . MET A 1 72  ? 2.690   -6.396  1.503   1.00 20.63 ? 72  MET A O   1 
ATOM   543  C  CB  . MET A 1 72  ? 4.298   -5.786  4.210   1.00 19.49 ? 72  MET A CB  1 
ATOM   544  C  CG  . MET A 1 72  ? 4.605   -4.608  3.343   1.00 22.94 ? 72  MET A CG  1 
ATOM   545  S  SD  . MET A 1 72  ? 3.271   -3.377  3.419   1.00 29.58 ? 72  MET A SD  1 
ATOM   546  C  CE  . MET A 1 72  ? 3.378   -2.821  5.100   1.00 26.81 ? 72  MET A CE  1 
ATOM   547  N  N   . ILE A 1 73  ? 3.588   -8.276  2.310   1.00 18.21 ? 73  ILE A N   1 
ATOM   548  C  CA  . ILE A 1 73  ? 3.508   -8.956  1.018   1.00 21.04 ? 73  ILE A CA  1 
ATOM   549  C  C   . ILE A 1 73  ? 2.067   -9.168  0.564   1.00 21.25 ? 73  ILE A C   1 
ATOM   550  O  O   . ILE A 1 73  ? 1.696   -8.889  -0.620  1.00 22.81 ? 73  ILE A O   1 
ATOM   551  C  CB  . ILE A 1 73  ? 4.243   -10.358 1.040   1.00 21.13 ? 73  ILE A CB  1 
ATOM   552  C  CG1 . ILE A 1 73  ? 5.763   -10.148 1.219   1.00 22.12 ? 73  ILE A CG1 1 
ATOM   553  C  CG2 . ILE A 1 73  ? 3.903   -11.110 -0.265  1.00 24.02 ? 73  ILE A CG2 1 
ATOM   554  C  CD1 . ILE A 1 73  ? 6.564   -11.423 1.459   1.00 23.64 ? 73  ILE A CD1 1 
ATOM   555  N  N   . ALA A 1 74  ? 1.246   -9.666  1.486   1.00 21.09 ? 74  ALA A N   1 
ATOM   556  C  CA  . ALA A 1 74  ? -0.135  -9.887  1.181   1.00 22.07 ? 74  ALA A CA  1 
ATOM   557  C  C   . ALA A 1 74  ? -0.838  -8.508  0.822   1.00 22.88 ? 74  ALA A C   1 
ATOM   558  O  O   . ALA A 1 74  ? -1.659  -8.429  -0.061  1.00 20.59 ? 74  ALA A O   1 
ATOM   559  C  CB  . ALA A 1 74  ? -0.837  -10.540 2.381   1.00 22.71 ? 74  ALA A CB  1 
ATOM   560  N  N   . TRP A 1 75  ? -0.493  -7.490  1.556   1.00 21.28 ? 75  TRP A N   1 
ATOM   561  C  CA  . TRP A 1 75  ? -1.074  -6.156  1.327   1.00 23.53 ? 75  TRP A CA  1 
ATOM   562  C  C   . TRP A 1 75  ? -0.757  -5.632  -0.095  1.00 22.44 ? 75  TRP A C   1 
ATOM   563  O  O   . TRP A 1 75  ? -1.638  -5.171  -0.801  1.00 23.33 ? 75  TRP A O   1 
ATOM   564  C  CB  . TRP A 1 75  ? -0.511  -5.170  2.369   1.00 21.75 ? 75  TRP A CB  1 
ATOM   565  C  CG  . TRP A 1 75  ? -1.173  -3.774  2.276   1.00 21.64 ? 75  TRP A CG  1 
ATOM   566  C  CD1 . TRP A 1 75  ? -2.317  -3.408  2.815   1.00 25.08 ? 75  TRP A CD1 1 
ATOM   567  C  CD2 . TRP A 1 75  ? -0.660  -2.661  1.608   1.00 20.61 ? 75  TRP A CD2 1 
ATOM   568  N  NE1 . TRP A 1 75  ? -2.560  -2.108  2.570   1.00 23.91 ? 75  TRP A NE1 1 
ATOM   569  C  CE2 . TRP A 1 75  ? -1.566  -1.609  1.801   1.00 22.22 ? 75  TRP A CE2 1 
ATOM   570  C  CE3 . TRP A 1 75  ? 0.523   -2.411  0.928   1.00 23.45 ? 75  TRP A CE3 1 
ATOM   571  C  CZ2 . TRP A 1 75  ? -1.370  -0.332  1.287   1.00 21.13 ? 75  TRP A CZ2 1 
ATOM   572  C  CZ3 . TRP A 1 75  ? 0.740   -1.090  0.398   1.00 24.85 ? 75  TRP A CZ3 1 
ATOM   573  C  CH2 . TRP A 1 75  ? -0.231  -0.082  0.604   1.00 22.20 ? 75  TRP A CH2 1 
ATOM   574  N  N   . LEU A 1 76  ? 0.508   -5.706  -0.466  1.00 24.01 ? 76  LEU A N   1 
ATOM   575  C  CA  . LEU A 1 76  ? 0.979   -5.316  -1.797  1.00 25.27 ? 76  LEU A CA  1 
ATOM   576  C  C   . LEU A 1 76  ? 0.301   -6.145  -2.893  1.00 25.02 ? 76  LEU A C   1 
ATOM   577  O  O   . LEU A 1 76  ? -0.113  -5.605  -3.913  1.00 21.67 ? 76  LEU A O   1 
ATOM   578  C  CB  . LEU A 1 76  ? 2.478   -5.436  -1.897  1.00 25.11 ? 76  LEU A CB  1 
ATOM   579  C  CG  . LEU A 1 76  ? 3.317   -4.428  -1.151  1.00 24.84 ? 76  LEU A CG  1 
ATOM   580  C  CD1 . LEU A 1 76  ? 4.727   -4.985  -0.990  1.00 23.66 ? 76  LEU A CD1 1 
ATOM   581  C  CD2 . LEU A 1 76  ? 3.340   -3.036  -1.851  1.00 25.24 ? 76  LEU A CD2 1 
ATOM   582  N  N   . ASP A 1 77  ? 0.099   -7.433  -2.617  1.00 23.53 ? 77  ASP A N   1 
ATOM   583  C  CA  . ASP A 1 77  ? -0.536  -8.353  -3.561  1.00 26.34 ? 77  ASP A CA  1 
ATOM   584  C  C   . ASP A 1 77  ? -1.964  -7.931  -3.863  1.00 26.17 ? 77  ASP A C   1 
ATOM   585  O  O   . ASP A 1 77  ? -2.406  -7.911  -5.017  1.00 24.35 ? 77  ASP A O   1 
ATOM   586  C  CB  . ASP A 1 77  ? -0.482  -9.815  -3.071  1.00 28.32 ? 77  ASP A CB  1 
ATOM   587  C  CG  . ASP A 1 77  ? -0.736  -10.834 -4.189  1.00 28.78 ? 77  ASP A CG  1 
ATOM   588  O  OD1 . ASP A 1 77  ? -0.155  -10.754 -5.236  1.00 31.54 ? 77  ASP A OD1 1 
ATOM   589  O  OD2 . ASP A 1 77  ? -1.486  -11.750 -3.969  1.00 28.84 ? 77  ASP A OD2 1 
ATOM   590  N  N   . GLU A 1 78  ? -2.659  -7.527  -2.831  1.00 26.73 ? 78  GLU A N   1 
ATOM   591  C  CA  . GLU A 1 78  ? -4.049  -7.134  -2.944  1.00 28.79 ? 78  GLU A CA  1 
ATOM   592  C  C   . GLU A 1 78  ? -4.108  -5.746  -3.566  1.00 27.32 ? 78  GLU A C   1 
ATOM   593  O  O   . GLU A 1 78  ? -4.914  -5.488  -4.414  1.00 25.54 ? 78  GLU A O   1 
ATOM   594  C  CB  . GLU A 1 78  ? -4.709  -7.118  -1.584  1.00 34.49 ? 78  GLU A CB  1 
ATOM   595  C  CG  . GLU A 1 78  ? -4.763  -8.473  -0.897  1.00 39.85 ? 78  GLU A CG  1 
ATOM   596  C  CD  . GLU A 1 78  ? -5.215  -8.374  0.568   1.00 46.24 ? 78  GLU A CD  1 
ATOM   597  O  OE1 . GLU A 1 78  ? -4.480  -7.802  1.429   1.00 40.91 ? 78  GLU A OE1 1 
ATOM   598  O  OE2 . GLU A 1 78  ? -6.346  -8.848  0.841   1.00 58.71 ? 78  GLU A OE2 1 
ATOM   599  N  N   . LEU A 1 79  ? -3.203  -4.875  -3.135  1.00 24.80 ? 79  LEU A N   1 
ATOM   600  C  CA  . LEU A 1 79  ? -3.064  -3.531  -3.658  1.00 23.88 ? 79  LEU A CA  1 
ATOM   601  C  C   . LEU A 1 79  ? -3.081  -3.513  -5.172  1.00 25.13 ? 79  LEU A C   1 
ATOM   602  O  O   . LEU A 1 79  ? -3.712  -2.606  -5.769  1.00 24.15 ? 79  LEU A O   1 
ATOM   603  C  CB  . LEU A 1 79  ? -1.717  -2.887  -3.183  1.00 21.96 ? 79  LEU A CB  1 
ATOM   604  C  CG  . LEU A 1 79  ? -1.587  -1.418  -3.644  1.00 23.54 ? 79  LEU A CG  1 
ATOM   605  C  CD1 . LEU A 1 79  ? -2.504  -0.521  -2.773  1.00 21.71 ? 79  LEU A CD1 1 
ATOM   606  C  CD2 . LEU A 1 79  ? -0.146  -0.981  -3.535  1.00 25.19 ? 79  LEU A CD2 1 
ATOM   607  N  N   . LEU A 1 80  ? -2.293  -4.412  -5.783  1.00 22.85 ? 80  LEU A N   1 
ATOM   608  C  CA  . LEU A 1 80  ? -2.105  -4.400  -7.234  1.00 25.47 ? 80  LEU A CA  1 
ATOM   609  C  C   . LEU A 1 80  ? -3.023  -5.327  -7.992  1.00 29.00 ? 80  LEU A C   1 
ATOM   610  O  O   . LEU A 1 80  ? -3.233  -5.115  -9.173  1.00 26.70 ? 80  LEU A O   1 
ATOM   611  C  CB  . LEU A 1 80  ? -0.701  -4.672  -7.609  1.00 25.16 ? 80  LEU A CB  1 
ATOM   612  C  CG  . LEU A 1 80  ? 0.338   -3.679  -7.066  1.00 25.28 ? 80  LEU A CG  1 
ATOM   613  C  CD1 . LEU A 1 80  ? 1.647   -4.063  -7.649  1.00 26.50 ? 80  LEU A CD1 1 
ATOM   614  C  CD2 . LEU A 1 80  ? 0.042   -2.194  -7.356  1.00 25.43 ? 80  LEU A CD2 1 
ATOM   615  N  N   . GLY A 1 81  ? -3.544  -6.357  -7.314  1.00 31.00 ? 81  GLY A N   1 
ATOM   616  C  CA  . GLY A 1 81  ? -4.375  -7.369  -7.937  1.00 31.51 ? 81  GLY A CA  1 
ATOM   617  C  C   . GLY A 1 81  ? -5.852  -7.097  -7.838  1.00 28.43 ? 81  GLY A C   1 
ATOM   618  O  O   . GLY A 1 81  ? -6.587  -7.511  -8.677  1.00 29.39 ? 81  GLY A O   1 
ATOM   619  N  N   . GLY A 1 82  ? -6.286  -6.412  -6.787  1.00 28.61 ? 82  GLY A N   1 
ATOM   620  C  CA  . GLY A 1 82  ? -7.672  -6.098  -6.642  1.00 30.02 ? 82  GLY A CA  1 
ATOM   621  C  C   . GLY A 1 82  ? -8.482  -7.402  -6.340  1.00 33.04 ? 82  GLY A C   1 
ATOM   622  O  O   . GLY A 1 82  ? -7.915  -8.426  -5.969  1.00 31.64 ? 82  GLY A O   1 
ATOM   623  N  N   . PRO A 1 83  ? -9.790  -7.373  -6.516  1.00 32.08 ? 83  PRO A N   1 
ATOM   624  C  CA  . PRO A 1 83  ? -10.549 -6.201  -6.916  1.00 29.85 ? 83  PRO A CA  1 
ATOM   625  C  C   . PRO A 1 83  ? -10.576 -5.183  -5.785  1.00 29.75 ? 83  PRO A C   1 
ATOM   626  O  O   . PRO A 1 83  ? -10.166 -5.508  -4.676  1.00 31.98 ? 83  PRO A O   1 
ATOM   627  C  CB  . PRO A 1 83  ? -11.954 -6.770  -7.209  1.00 34.13 ? 83  PRO A CB  1 
ATOM   628  C  CG  . PRO A 1 83  ? -12.023 -8.081  -6.498  1.00 36.67 ? 83  PRO A CG  1 
ATOM   629  C  CD  . PRO A 1 83  ? -10.619 -8.592  -6.383  1.00 37.97 ? 83  PRO A CD  1 
ATOM   630  N  N   . TRP A 1 84  ? -11.021 -3.973  -6.091  1.00 26.07 ? 84  TRP A N   1 
ATOM   631  C  CA  . TRP A 1 84  ? -10.998 -2.825  -5.205  1.00 27.47 ? 84  TRP A CA  1 
ATOM   632  C  C   . TRP A 1 84  ? -12.436 -2.490  -4.881  1.00 29.99 ? 84  TRP A C   1 
ATOM   633  O  O   . TRP A 1 84  ? -12.872 -1.389  -5.049  1.00 30.87 ? 84  TRP A O   1 
ATOM   634  C  CB  . TRP A 1 84  ? -10.289 -1.615  -5.883  1.00 27.56 ? 84  TRP A CB  1 
ATOM   635  C  CG  . TRP A 1 84  ? -8.870  -1.921  -6.149  1.00 26.24 ? 84  TRP A CG  1 
ATOM   636  C  CD1 . TRP A 1 84  ? -7.778  -1.638  -5.319  1.00 25.78 ? 84  TRP A CD1 1 
ATOM   637  C  CD2 . TRP A 1 84  ? -8.340  -2.614  -7.279  1.00 24.23 ? 84  TRP A CD2 1 
ATOM   638  N  NE1 . TRP A 1 84  ? -6.650  -2.114  -5.879  1.00 24.43 ? 84  TRP A NE1 1 
ATOM   639  C  CE2 . TRP A 1 84  ? -6.940  -2.689  -7.093  1.00 24.47 ? 84  TRP A CE2 1 
ATOM   640  C  CE3 . TRP A 1 84  ? -8.896  -3.138  -8.447  1.00 24.23 ? 84  TRP A CE3 1 
ATOM   641  C  CZ2 . TRP A 1 84  ? -6.117  -3.321  -7.993  1.00 25.76 ? 84  TRP A CZ2 1 
ATOM   642  C  CZ3 . TRP A 1 84  ? -8.078  -3.755  -9.341  1.00 24.44 ? 84  TRP A CZ3 1 
ATOM   643  C  CH2 . TRP A 1 84  ? -6.691  -3.819  -9.131  1.00 25.65 ? 84  TRP A CH2 1 
ATOM   644  N  N   . ASP A 1 85  ? -13.126 -3.472  -4.322  1.00 32.63 ? 85  ASP A N   1 
ATOM   645  C  CA  . ASP A 1 85  ? -14.554 -3.433  -4.153  1.00 35.75 ? 85  ASP A CA  1 
ATOM   646  C  C   . ASP A 1 85  ? -14.823 -3.153  -2.673  1.00 37.63 ? 85  ASP A C   1 
ATOM   647  O  O   . ASP A 1 85  ? -13.925 -2.814  -1.898  1.00 29.99 ? 85  ASP A O   1 
ATOM   648  C  CB  . ASP A 1 85  ? -15.188 -4.760  -4.647  1.00 34.25 ? 85  ASP A CB  1 
ATOM   649  C  CG  . ASP A 1 85  ? -14.601 -6.030  -3.911  1.00 39.11 ? 85  ASP A CG  1 
ATOM   650  O  OD1 . ASP A 1 85  ? -13.656 -5.929  -3.059  1.00 34.47 ? 85  ASP A OD1 1 
ATOM   651  O  OD2 . ASP A 1 85  ? -15.057 -7.134  -4.215  1.00 38.17 ? 85  ASP A OD2 1 
ATOM   652  N  N   . GLU A 1 86  ? -16.068 -3.314  -2.268  1.00 36.47 ? 86  GLU A N   1 
ATOM   653  C  CA  . GLU A 1 86  ? -16.461 -3.002  -0.910  1.00 38.74 ? 86  GLU A CA  1 
ATOM   654  C  C   . GLU A 1 86  ? -15.745 -3.898  0.105   1.00 35.95 ? 86  GLU A C   1 
ATOM   655  O  O   . GLU A 1 86  ? -15.330 -3.427  1.186   1.00 36.11 ? 86  GLU A O   1 
ATOM   656  C  CB  . GLU A 1 86  ? -18.003 -3.118  -0.766  1.00 46.15 ? 86  GLU A CB  1 
ATOM   657  C  CG  . GLU A 1 86  ? -18.570 -2.188  0.302   1.00 50.78 ? 86  GLU A CG  1 
ATOM   658  C  CD  . GLU A 1 86  ? -18.423 -0.733  -0.065  1.00 52.93 ? 86  GLU A CD  1 
ATOM   659  O  OE1 . GLU A 1 86  ? -18.218 -0.405  -1.271  1.00 54.68 ? 86  GLU A OE1 1 
ATOM   660  O  OE2 . GLU A 1 86  ? -18.534 0.084   0.864   1.00 60.21 ? 86  GLU A OE2 1 
ATOM   661  N  N   . ALA A 1 87  ? -15.564 -5.157  -0.258  1.00 32.47 ? 87  ALA A N   1 
ATOM   662  C  CA  . ALA A 1 87  ? -14.876 -6.115  0.611   1.00 38.22 ? 87  ALA A CA  1 
ATOM   663  C  C   . ALA A 1 87  ? -13.402 -5.675  0.830   1.00 39.06 ? 87  ALA A C   1 
ATOM   664  O  O   . ALA A 1 87  ? -12.857 -5.753  1.952   1.00 33.54 ? 87  ALA A O   1 
ATOM   665  C  CB  . ALA A 1 87  ? -14.916 -7.502  0.014   1.00 37.49 ? 87  ALA A CB  1 
ATOM   666  N  N   . TYR A 1 88  ? -12.772 -5.219  -0.260  1.00 35.10 ? 88  TYR A N   1 
ATOM   667  C  CA  . TYR A 1 88  ? -11.394 -4.702  -0.186  1.00 31.03 ? 88  TYR A CA  1 
ATOM   668  C  C   . TYR A 1 88  ? -11.305 -3.551  0.799   1.00 27.69 ? 88  TYR A C   1 
ATOM   669  O  O   . TYR A 1 88  ? -10.501 -3.581  1.726   1.00 27.84 ? 88  TYR A O   1 
ATOM   670  C  CB  . TYR A 1 88  ? -10.961 -4.246  -1.561  1.00 32.48 ? 88  TYR A CB  1 
ATOM   671  C  CG  . TYR A 1 88  ? -9.580  -3.646  -1.683  1.00 31.50 ? 88  TYR A CG  1 
ATOM   672  C  CD1 . TYR A 1 88  ? -9.337  -2.335  -1.355  1.00 32.01 ? 88  TYR A CD1 1 
ATOM   673  C  CD2 . TYR A 1 88  ? -8.526  -4.408  -2.190  1.00 35.42 ? 88  TYR A CD2 1 
ATOM   674  C  CE1 . TYR A 1 88  ? -8.066  -1.797  -1.469  1.00 32.68 ? 88  TYR A CE1 1 
ATOM   675  C  CE2 . TYR A 1 88  ? -7.285  -3.859  -2.379  1.00 33.42 ? 88  TYR A CE2 1 
ATOM   676  C  CZ  . TYR A 1 88  ? -7.060  -2.567  -2.005  1.00 31.89 ? 88  TYR A CZ  1 
ATOM   677  O  OH  . TYR A 1 88  ? -5.813  -2.038  -2.198  1.00 30.56 ? 88  TYR A OH  1 
ATOM   678  N  N   . TRP A 1 89  ? -12.154 -2.539  0.642   1.00 29.54 ? 89  TRP A N   1 
ATOM   679  C  CA  . TRP A 1 89  ? -12.036 -1.398  1.509   1.00 34.22 ? 89  TRP A CA  1 
ATOM   680  C  C   . TRP A 1 89  ? -12.463 -1.684  2.939   1.00 35.93 ? 89  TRP A C   1 
ATOM   681  O  O   . TRP A 1 89  ? -11.906 -1.102  3.876   1.00 34.98 ? 89  TRP A O   1 
ATOM   682  C  CB  . TRP A 1 89  ? -12.632 -0.114  0.886   1.00 37.10 ? 89  TRP A CB  1 
ATOM   683  C  CG  . TRP A 1 89  ? -12.010 0.196   -0.405  1.00 38.58 ? 89  TRP A CG  1 
ATOM   684  C  CD1 . TRP A 1 89  ? -12.544 -0.026  -1.650  1.00 38.56 ? 89  TRP A CD1 1 
ATOM   685  C  CD2 . TRP A 1 89  ? -10.705 0.747   -0.625  1.00 40.27 ? 89  TRP A CD2 1 
ATOM   686  N  NE1 . TRP A 1 89  ? -11.676 0.385   -2.615  1.00 37.39 ? 89  TRP A NE1 1 
ATOM   687  C  CE2 . TRP A 1 89  ? -10.535 0.859   -2.024  1.00 35.63 ? 89  TRP A CE2 1 
ATOM   688  C  CE3 . TRP A 1 89  ? -9.676  1.178   0.224   1.00 37.74 ? 89  TRP A CE3 1 
ATOM   689  C  CZ2 . TRP A 1 89  ? -9.357  1.355   -2.611  1.00 34.28 ? 89  TRP A CZ2 1 
ATOM   690  C  CZ3 . TRP A 1 89  ? -8.487  1.676   -0.354  1.00 36.28 ? 89  TRP A CZ3 1 
ATOM   691  C  CH2 . TRP A 1 89  ? -8.345  1.752   -1.765  1.00 40.13 ? 89  TRP A CH2 1 
ATOM   692  N  N   . ASP A 1 90  ? -13.363 -2.635  3.129   1.00 38.15 ? 90  ASP A N   1 
ATOM   693  C  CA  . ASP A 1 90  ? -13.676 -3.107  4.465   1.00 42.91 ? 90  ASP A CA  1 
ATOM   694  C  C   . ASP A 1 90  ? -12.433 -3.644  5.136   1.00 39.14 ? 90  ASP A C   1 
ATOM   695  O  O   . ASP A 1 90  ? -12.133 -3.291  6.288   1.00 34.55 ? 90  ASP A O   1 
ATOM   696  C  CB  . ASP A 1 90  ? -14.708 -4.241  4.417   1.00 49.94 ? 90  ASP A CB  1 
ATOM   697  C  CG  . ASP A 1 90  ? -16.142 -3.746  4.353   1.00 57.41 ? 90  ASP A CG  1 
ATOM   698  O  OD1 . ASP A 1 90  ? -16.390 -2.511  4.380   1.00 57.74 ? 90  ASP A OD1 1 
ATOM   699  O  OD2 . ASP A 1 90  ? -17.017 -4.636  4.273   1.00 61.35 ? 90  ASP A OD2 1 
ATOM   700  N  N   . ARG A 1 91  ? -11.734 -4.531  4.429   1.00 35.19 ? 91  ARG A N   1 
ATOM   701  C  CA  . ARG A 1 91  ? -10.489 -5.059  4.968   1.00 35.56 ? 91  ARG A CA  1 
ATOM   702  C  C   . ARG A 1 91  ? -9.449  -3.959  5.246   1.00 30.25 ? 91  ARG A C   1 
ATOM   703  O  O   . ARG A 1 91  ? -8.809  -3.968  6.306   1.00 29.92 ? 91  ARG A O   1 
ATOM   704  C  CB  . ARG A 1 91  ? -9.914  -6.138  4.061   1.00 42.26 ? 91  ARG A CB  1 
ATOM   705  C  CG  . ARG A 1 91  ? -10.733 -7.421  4.070   1.00 53.48 ? 91  ARG A CG  1 
ATOM   706  C  CD  . ARG A 1 91  ? -9.970  -8.550  3.383   1.00 58.48 ? 91  ARG A CD  1 
ATOM   707  N  NE  . ARG A 1 91  ? -9.845  -8.272  1.956   1.00 56.80 ? 91  ARG A NE  1 
ATOM   708  C  CZ  . ARG A 1 91  ? -10.825 -8.430  1.063   1.00 61.14 ? 91  ARG A CZ  1 
ATOM   709  N  NH1 . ARG A 1 91  ? -12.038 -8.892  1.415   1.00 68.35 ? 91  ARG A NH1 1 
ATOM   710  N  NH2 . ARG A 1 91  ? -10.589 -8.142  -0.203  1.00 56.75 ? 91  ARG A NH2 1 
ATOM   711  N  N   . ARG A 1 92  ? -9.306  -2.985  4.338   1.00 26.93 ? 92  ARG A N   1 
ATOM   712  C  CA  . ARG A 1 92  ? -8.399  -1.887  4.610   1.00 28.19 ? 92  ARG A CA  1 
ATOM   713  C  C   . ARG A 1 92  ? -8.762  -1.098  5.858   1.00 31.03 ? 92  ARG A C   1 
ATOM   714  O  O   . ARG A 1 92  ? -7.887  -0.694  6.615   1.00 25.18 ? 92  ARG A O   1 
ATOM   715  C  CB  . ARG A 1 92  ? -8.295  -0.916  3.445   1.00 26.82 ? 92  ARG A CB  1 
ATOM   716  C  CG  . ARG A 1 92  ? -7.770  -1.526  2.156   1.00 28.25 ? 92  ARG A CG  1 
ATOM   717  C  CD  . ARG A 1 92  ? -6.678  -2.553  2.370   1.00 30.32 ? 92  ARG A CD  1 
ATOM   718  N  NE  . ARG A 1 92  ? -5.736  -2.657  1.264   1.00 26.04 ? 92  ARG A NE  1 
ATOM   719  C  CZ  . ARG A 1 92  ? -5.101  -3.762  0.909   1.00 29.68 ? 92  ARG A CZ  1 
ATOM   720  N  NH1 . ARG A 1 92  ? -4.233  -3.689  -0.098  1.00 30.03 ? 92  ARG A NH1 1 
ATOM   721  N  NH2 . ARG A 1 92  ? -5.305  -4.929  1.547   1.00 29.19 ? 92  ARG A NH2 1 
ATOM   722  N  N   . TYR A 1 93  ? -10.059 -0.926  6.082   1.00 31.27 ? 93  TYR A N   1 
ATOM   723  C  CA  . TYR A 1 93  ? -10.549 -0.247  7.309   1.00 35.91 ? 93  TYR A CA  1 
ATOM   724  C  C   . TYR A 1 93  ? -10.103 -1.011  8.588   1.00 31.94 ? 93  TYR A C   1 
ATOM   725  O  O   . TYR A 1 93  ? -9.585  -0.424  9.526   1.00 31.85 ? 93  TYR A O   1 
ATOM   726  C  CB  . TYR A 1 93  ? -12.101 -0.109  7.280   1.00 37.21 ? 93  TYR A CB  1 
ATOM   727  C  CG  . TYR A 1 93  ? -12.612 0.789   8.375   1.00 38.12 ? 93  TYR A CG  1 
ATOM   728  C  CD1 . TYR A 1 93  ? -12.700 2.154   8.189   1.00 45.32 ? 93  TYR A CD1 1 
ATOM   729  C  CD2 . TYR A 1 93  ? -12.973 0.276   9.596   1.00 44.21 ? 93  TYR A CD2 1 
ATOM   730  C  CE1 . TYR A 1 93  ? -13.130 2.988   9.202   1.00 46.15 ? 93  TYR A CE1 1 
ATOM   731  C  CE2 . TYR A 1 93  ? -13.397 1.095   10.616  1.00 44.58 ? 93  TYR A CE2 1 
ATOM   732  C  CZ  . TYR A 1 93  ? -13.477 2.450   10.414  1.00 45.15 ? 93  TYR A CZ  1 
ATOM   733  O  OH  . TYR A 1 93  ? -13.914 3.278   11.429  1.00 50.91 ? 93  TYR A OH  1 
ATOM   734  N  N   . ARG A 1 94  ? -10.309 -2.316  8.594   1.00 33.84 ? 94  ARG A N   1 
ATOM   735  C  CA  . ARG A 1 94  ? -9.821  -3.192  9.681   1.00 37.20 ? 94  ARG A CA  1 
ATOM   736  C  C   . ARG A 1 94  ? -8.292  -3.122  9.896   1.00 34.29 ? 94  ARG A C   1 
ATOM   737  O  O   . ARG A 1 94  ? -7.820  -3.024  11.018  1.00 31.32 ? 94  ARG A O   1 
ATOM   738  C  CB  . ARG A 1 94  ? -10.246 -4.616  9.428   1.00 42.68 ? 94  ARG A CB  1 
ATOM   739  C  CG  . ARG A 1 94  ? -11.747 -4.860  9.624   1.00 53.90 ? 94  ARG A CG  1 
ATOM   740  C  CD  . ARG A 1 94  ? -12.108 -6.347  9.698   1.00 62.43 ? 94  ARG A CD  1 
ATOM   741  N  NE  . ARG A 1 94  ? -12.381 -6.933  8.375   1.00 76.88 ? 94  ARG A NE  1 
ATOM   742  C  CZ  . ARG A 1 94  ? -13.460 -6.678  7.614   1.00 81.45 ? 94  ARG A CZ  1 
ATOM   743  N  NH1 . ARG A 1 94  ? -14.424 -5.832  8.013   1.00 80.11 ? 94  ARG A NH1 1 
ATOM   744  N  NH2 . ARG A 1 94  ? -13.571 -7.266  6.422   1.00 83.37 ? 94  ARG A NH2 1 
ATOM   745  N  N   . ILE A 1 95  ? -7.538  -3.151  8.812   1.00 31.97 ? 95  ILE A N   1 
ATOM   746  C  CA  . ILE A 1 95  ? -6.066  -2.957  8.885   1.00 31.44 ? 95  ILE A CA  1 
ATOM   747  C  C   . ILE A 1 95  ? -5.722  -1.637  9.558   1.00 30.64 ? 95  ILE A C   1 
ATOM   748  O  O   . ILE A 1 95  ? -4.811  -1.549  10.414  1.00 31.30 ? 95  ILE A O   1 
ATOM   749  C  CB  . ILE A 1 95  ? -5.438  -3.079  7.489   1.00 29.87 ? 95  ILE A CB  1 
ATOM   750  C  CG1 . ILE A 1 95  ? -5.462  -4.570  7.077   1.00 28.83 ? 95  ILE A CG1 1 
ATOM   751  C  CG2 . ILE A 1 95  ? -3.992  -2.523  7.472   1.00 29.89 ? 95  ILE A CG2 1 
ATOM   752  C  CD1 . ILE A 1 95  ? -5.384  -4.847  5.601   1.00 32.38 ? 95  ILE A CD1 1 
ATOM   753  N  N   . GLY A 1 96  ? -6.414  -0.585  9.149   1.00 30.29 ? 96  GLY A N   1 
ATOM   754  C  CA  . GLY A 1 96  ? -6.197  0.714   9.784   1.00 32.45 ? 96  GLY A CA  1 
ATOM   755  C  C   . GLY A 1 96  ? -6.397  0.691   11.283  1.00 30.93 ? 96  GLY A C   1 
ATOM   756  O  O   . GLY A 1 96  ? -5.556  1.193   12.083  1.00 30.32 ? 96  GLY A O   1 
ATOM   757  N  N   . ARG A 1 97  ? -7.529  0.125   11.664  1.00 33.48 ? 97  ARG A N   1 
ATOM   758  C  CA  . ARG A 1 97  ? -7.908  0.032   13.071  1.00 37.76 ? 97  ARG A CA  1 
ATOM   759  C  C   . ARG A 1 97  ? -6.858  -0.714  13.912  1.00 35.05 ? 97  ARG A C   1 
ATOM   760  O  O   . ARG A 1 97  ? -6.677  -0.396  15.084  1.00 36.07 ? 97  ARG A O   1 
ATOM   761  C  CB  . ARG A 1 97  ? -9.282  -0.681  13.227  1.00 39.82 ? 97  ARG A CB  1 
ATOM   762  C  CG  . ARG A 1 97  ? -10.515 0.083   12.766  1.00 44.73 ? 97  ARG A CG  1 
ATOM   763  C  CD  . ARG A 1 97  ? -10.785 1.376   13.536  1.00 50.39 ? 97  ARG A CD  1 
ATOM   764  N  NE  . ARG A 1 97  ? -11.172 1.143   14.933  1.00 55.91 ? 97  ARG A NE  1 
ATOM   765  C  CZ  . ARG A 1 97  ? -11.197 2.063   15.908  1.00 60.95 ? 97  ARG A CZ  1 
ATOM   766  N  NH1 . ARG A 1 97  ? -10.838 3.331   15.688  1.00 60.00 ? 97  ARG A NH1 1 
ATOM   767  N  NH2 . ARG A 1 97  ? -11.568 1.699   17.133  1.00 62.48 ? 97  ARG A NH2 1 
ATOM   768  N  N   . VAL A 1 98  ? -6.193  -1.721  13.317  1.00 33.83 ? 98  VAL A N   1 
ATOM   769  C  CA  . VAL A 1 98  ? -5.150  -2.461  14.018  1.00 31.51 ? 98  VAL A CA  1 
ATOM   770  C  C   . VAL A 1 98  ? -4.050  -1.502  14.420  1.00 28.15 ? 98  VAL A C   1 
ATOM   771  O  O   . VAL A 1 98  ? -3.621  -1.501  15.577  1.00 29.77 ? 98  VAL A O   1 
ATOM   772  C  CB  . VAL A 1 98  ? -4.586  -3.642  13.145  1.00 33.14 ? 98  VAL A CB  1 
ATOM   773  C  CG1 . VAL A 1 98  ? -3.273  -4.135  13.703  1.00 32.31 ? 98  VAL A CG1 1 
ATOM   774  C  CG2 . VAL A 1 98  ? -5.605  -4.775  13.046  1.00 33.39 ? 98  VAL A CG2 1 
ATOM   775  N  N   . HIS A 1 99  ? -3.622  -0.615  13.508  1.00 24.54 ? 99  HIS A N   1 
ATOM   776  C  CA  . HIS A 1 99  ? -2.562  0.322   13.869  1.00 25.51 ? 99  HIS A CA  1 
ATOM   777  C  C   . HIS A 1 99  ? -3.004  1.351   14.908  1.00 30.72 ? 99  HIS A C   1 
ATOM   778  O  O   . HIS A 1 99  ? -2.213  1.770   15.780  1.00 29.62 ? 99  HIS A O   1 
ATOM   779  C  CB  . HIS A 1 99  ? -2.022  1.054   12.667  1.00 26.63 ? 99  HIS A CB  1 
ATOM   780  C  CG  . HIS A 1 99  ? -1.474  0.112   11.655  1.00 28.19 ? 99  HIS A CG  1 
ATOM   781  N  ND1 . HIS A 1 99  ? -2.292  -0.551  10.762  1.00 27.46 ? 99  HIS A ND1 1 
ATOM   782  C  CD2 . HIS A 1 99  ? -0.222  -0.366  11.473  1.00 27.18 ? 99  HIS A CD2 1 
ATOM   783  C  CE1 . HIS A 1 99  ? -1.541  -1.374  10.036  1.00 29.72 ? 99  HIS A CE1 1 
ATOM   784  N  NE2 . HIS A 1 99  ? -0.285  -1.255  10.435  1.00 30.25 ? 99  HIS A NE2 1 
ATOM   785  N  N   . VAL A 1 100 ? -4.257  1.747   14.799  1.00 32.28 ? 100 VAL A N   1 
ATOM   786  C  CA  . VAL A 1 100 ? -4.809  2.701   15.768  1.00 36.49 ? 100 VAL A CA  1 
ATOM   787  C  C   . VAL A 1 100 ? -4.801  1.995   17.160  1.00 37.27 ? 100 VAL A C   1 
ATOM   788  O  O   . VAL A 1 100 ? -4.294  2.553   18.132  1.00 38.11 ? 100 VAL A O   1 
ATOM   789  C  CB  . VAL A 1 100 ? -6.259  3.080   15.394  1.00 39.17 ? 100 VAL A CB  1 
ATOM   790  C  CG1 . VAL A 1 100 ? -6.910  3.931   16.494  1.00 35.99 ? 100 VAL A CG1 1 
ATOM   791  C  CG2 . VAL A 1 100 ? -6.296  3.764   14.038  1.00 35.02 ? 100 VAL A CG2 1 
ATOM   792  N  N   . ARG A 1 101 ? -5.344  0.784   17.228  1.00 37.93 ? 101 ARG A N   1 
ATOM   793  C  CA  . ARG A 1 101 ? -5.454  0.078   18.531  1.00 45.48 ? 101 ARG A CA  1 
ATOM   794  C  C   . ARG A 1 101 ? -4.120  -0.200  19.198  1.00 47.25 ? 101 ARG A C   1 
ATOM   795  O  O   . ARG A 1 101 ? -4.072  -0.227  20.414  1.00 48.17 ? 101 ARG A O   1 
ATOM   796  C  CB  . ARG A 1 101 ? -6.319  -1.193  18.459  1.00 50.61 ? 101 ARG A CB  1 
ATOM   797  C  CG  . ARG A 1 101 ? -7.799  -0.863  18.363  1.00 59.71 ? 101 ARG A CG  1 
ATOM   798  C  CD  . ARG A 1 101 ? -8.701  -2.064  18.600  1.00 70.44 ? 101 ARG A CD  1 
ATOM   799  N  NE  . ARG A 1 101 ? -9.138  -2.682  17.342  1.00 78.69 ? 101 ARG A NE  1 
ATOM   800  C  CZ  . ARG A 1 101 ? -8.569  -3.732  16.735  1.00 77.56 ? 101 ARG A CZ  1 
ATOM   801  N  NH1 . ARG A 1 101 ? -7.508  -4.360  17.245  1.00 82.33 ? 101 ARG A NH1 1 
ATOM   802  N  NH2 . ARG A 1 101 ? -9.073  -4.163  15.590  1.00 75.30 ? 101 ARG A NH2 1 
ATOM   803  N  N   . ILE A 1 102 ? -3.028  -0.341  18.444  1.00 45.96 ? 102 ILE A N   1 
ATOM   804  C  CA  . ILE A 1 102 ? -1.717  -0.506  19.105  1.00 48.76 ? 102 ILE A CA  1 
ATOM   805  C  C   . ILE A 1 102 ? -0.974  0.788   19.373  1.00 43.63 ? 102 ILE A C   1 
ATOM   806  O  O   . ILE A 1 102 ? 0.090   0.761   19.970  1.00 43.63 ? 102 ILE A O   1 
ATOM   807  C  CB  . ILE A 1 102 ? -0.812  -1.546  18.407  1.00 50.20 ? 102 ILE A CB  1 
ATOM   808  C  CG1 . ILE A 1 102 ? -0.258  -1.005  17.105  1.00 50.88 ? 102 ILE A CG1 1 
ATOM   809  C  CG2 . ILE A 1 102 ? -1.558  -2.879  18.280  1.00 51.68 ? 102 ILE A CG2 1 
ATOM   810  C  CD1 . ILE A 1 102 ? 0.075   -2.093  16.085  1.00 57.15 ? 102 ILE A CD1 1 
ATOM   811  N  N   . GLY A 1 103 ? -1.519  1.921   18.929  1.00 42.00 ? 103 GLY A N   1 
ATOM   812  C  CA  . GLY A 1 103 ? -1.049  3.220   19.395  1.00 41.42 ? 103 GLY A CA  1 
ATOM   813  C  C   . GLY A 1 103 ? -0.022  3.876   18.497  1.00 43.29 ? 103 GLY A C   1 
ATOM   814  O  O   . GLY A 1 103 ? 0.692   4.808   18.914  1.00 41.71 ? 103 GLY A O   1 
ATOM   815  N  N   . LEU A 1 104 ? 0.040   3.432   17.240  1.00 37.13 ? 104 LEU A N   1 
ATOM   816  C  CA  . LEU A 1 104 ? 0.943   4.039   16.307  1.00 38.05 ? 104 LEU A CA  1 
ATOM   817  C  C   . LEU A 1 104 ? 0.375   5.385   15.974  1.00 38.97 ? 104 LEU A C   1 
ATOM   818  O  O   . LEU A 1 104 ? -0.791  5.445   15.631  1.00 36.88 ? 104 LEU A O   1 
ATOM   819  C  CB  . LEU A 1 104 ? 1.074   3.199   15.034  1.00 40.83 ? 104 LEU A CB  1 
ATOM   820  C  CG  . LEU A 1 104 ? 1.811   1.890   15.286  1.00 45.53 ? 104 LEU A CG  1 
ATOM   821  C  CD1 . LEU A 1 104 ? 1.767   1.031   14.032  1.00 48.45 ? 104 LEU A CD1 1 
ATOM   822  C  CD2 . LEU A 1 104 ? 3.257   2.152   15.714  1.00 47.81 ? 104 LEU A CD2 1 
ATOM   823  N  N   . PRO A 1 105 ? 1.186   6.456   16.099  1.00 41.67 ? 105 PRO A N   1 
ATOM   824  C  CA  . PRO A 1 105 ? 0.764   7.786   15.654  1.00 45.31 ? 105 PRO A CA  1 
ATOM   825  C  C   . PRO A 1 105 ? 0.516   7.838   14.129  1.00 44.02 ? 105 PRO A C   1 
ATOM   826  O  O   . PRO A 1 105 ? 1.290   7.269   13.327  1.00 34.28 ? 105 PRO A O   1 
ATOM   827  C  CB  . PRO A 1 105 ? 1.958   8.699   15.991  1.00 44.77 ? 105 PRO A CB  1 
ATOM   828  C  CG  . PRO A 1 105 ? 2.851   7.881   16.848  1.00 47.98 ? 105 PRO A CG  1 
ATOM   829  C  CD  . PRO A 1 105 ? 2.581   6.457   16.562  1.00 43.10 ? 105 PRO A CD  1 
ATOM   830  N  N   . GLN A 1 106 ? -0.525  8.567   13.758  1.00 39.17 ? 106 GLN A N   1 
ATOM   831  C  CA  . GLN A 1 106 ? -0.985  8.564   12.406  1.00 41.64 ? 106 GLN A CA  1 
ATOM   832  C  C   . GLN A 1 106 ? 0.025   9.228   11.498  1.00 33.32 ? 106 GLN A C   1 
ATOM   833  O  O   . GLN A 1 106 ? 0.081   8.879   10.313  1.00 33.69 ? 106 GLN A O   1 
ATOM   834  C  CB  . GLN A 1 106 ? -2.408  9.130   12.289  1.00 48.63 ? 106 GLN A CB  1 
ATOM   835  C  CG  . GLN A 1 106 ? -2.598  10.612  12.488  1.00 51.82 ? 106 GLN A CG  1 
ATOM   836  C  CD  . GLN A 1 106 ? -4.081  10.939  12.431  1.00 55.70 ? 106 GLN A CD  1 
ATOM   837  O  OE1 . GLN A 1 106 ? -4.573  11.406  11.409  1.00 59.04 ? 106 GLN A OE1 1 
ATOM   838  N  NE2 . GLN A 1 106 ? -4.808  10.632  13.506  1.00 55.76 ? 106 GLN A NE2 1 
ATOM   839  N  N   . HIS A 1 107 ? 0.895   10.082  12.041  1.00 31.31 ? 107 HIS A N   1 
ATOM   840  C  CA  . HIS A 1 107 ? 1.828   10.778  11.190  1.00 34.13 ? 107 HIS A CA  1 
ATOM   841  C  C   . HIS A 1 107 ? 2.853   9.860   10.535  1.00 32.20 ? 107 HIS A C   1 
ATOM   842  O  O   . HIS A 1 107 ? 3.415   10.227  9.479   1.00 30.56 ? 107 HIS A O   1 
ATOM   843  C  CB  . HIS A 1 107 ? 2.495   11.985  11.864  1.00 41.65 ? 107 HIS A CB  1 
ATOM   844  C  CG  . HIS A 1 107 ? 3.458   11.643  12.954  1.00 48.71 ? 107 HIS A CG  1 
ATOM   845  N  ND1 . HIS A 1 107 ? 3.056   11.378  14.245  1.00 48.05 ? 107 HIS A ND1 1 
ATOM   846  C  CD2 . HIS A 1 107 ? 4.812   11.554  12.952  1.00 56.72 ? 107 HIS A CD2 1 
ATOM   847  C  CE1 . HIS A 1 107 ? 4.119   11.119  14.988  1.00 51.67 ? 107 HIS A CE1 1 
ATOM   848  N  NE2 . HIS A 1 107 ? 5.196   11.209  14.226  1.00 54.40 ? 107 HIS A NE2 1 
ATOM   849  N  N   . TYR A 1 108 ? 3.071   8.690   11.152  1.00 25.68 ? 108 TYR A N   1 
ATOM   850  C  CA  . TYR A 1 108 ? 3.921   7.623   10.588  1.00 29.04 ? 108 TYR A CA  1 
ATOM   851  C  C   . TYR A 1 108 ? 3.396   7.098   9.256   1.00 27.80 ? 108 TYR A C   1 
ATOM   852  O  O   . TYR A 1 108 ? 4.164   6.596   8.437   1.00 27.38 ? 108 TYR A O   1 
ATOM   853  C  CB  . TYR A 1 108 ? 3.993   6.414   11.545  1.00 31.04 ? 108 TYR A CB  1 
ATOM   854  C  CG  . TYR A 1 108 ? 4.813   6.597   12.833  1.00 39.14 ? 108 TYR A CG  1 
ATOM   855  C  CD1 . TYR A 1 108 ? 5.370   7.830   13.180  1.00 46.95 ? 108 TYR A CD1 1 
ATOM   856  C  CD2 . TYR A 1 108 ? 4.991   5.536   13.739  1.00 44.51 ? 108 TYR A CD2 1 
ATOM   857  C  CE1 . TYR A 1 108 ? 6.108   7.993   14.358  1.00 48.53 ? 108 TYR A CE1 1 
ATOM   858  C  CE2 . TYR A 1 108 ? 5.732   5.704   14.916  1.00 43.66 ? 108 TYR A CE2 1 
ATOM   859  C  CZ  . TYR A 1 108 ? 6.290   6.929   15.204  1.00 45.97 ? 108 TYR A CZ  1 
ATOM   860  O  OH  . TYR A 1 108 ? 7.009   7.157   16.352  1.00 48.65 ? 108 TYR A OH  1 
ATOM   861  N  N   . MET A 1 109 ? 2.079   7.147   9.079   1.00 26.52 ? 109 MET A N   1 
ATOM   862  C  CA  . MET A 1 109 ? 1.494   6.617   7.876   1.00 25.44 ? 109 MET A CA  1 
ATOM   863  C  C   . MET A 1 109 ? 1.864   7.426   6.647   1.00 24.48 ? 109 MET A C   1 
ATOM   864  O  O   . MET A 1 109 ? 1.938   6.874   5.530   1.00 28.14 ? 109 MET A O   1 
ATOM   865  C  CB  . MET A 1 109 ? 0.007   6.433   8.044   1.00 27.21 ? 109 MET A CB  1 
ATOM   866  C  CG  . MET A 1 109 ? -0.417  5.553   9.192   1.00 30.20 ? 109 MET A CG  1 
ATOM   867  S  SD  . MET A 1 109 ? 0.393   3.924   9.102   1.00 40.14 ? 109 MET A SD  1 
ATOM   868  C  CE  . MET A 1 109 ? -0.688  2.925   10.114  1.00 44.01 ? 109 MET A CE  1 
ATOM   869  N  N   . PHE A 1 110 ? 2.108   8.701   6.807   1.00 26.53 ? 110 PHE A N   1 
ATOM   870  C  CA  . PHE A 1 110 ? 2.552   9.518   5.671   1.00 27.44 ? 110 PHE A CA  1 
ATOM   871  C  C   . PHE A 1 110 ? 3.874   8.999   5.134   1.00 28.70 ? 110 PHE A C   1 
ATOM   872  O  O   . PHE A 1 110 ? 3.999   8.667   3.930   1.00 24.42 ? 110 PHE A O   1 
ATOM   873  C  CB  . PHE A 1 110 ? 2.633   10.985  6.036   1.00 31.01 ? 110 PHE A CB  1 
ATOM   874  C  CG  . PHE A 1 110 ? 1.282   11.606  6.273   1.00 31.70 ? 110 PHE A CG  1 
ATOM   875  C  CD1 . PHE A 1 110 ? 0.689   11.558  7.515   1.00 37.22 ? 110 PHE A CD1 1 
ATOM   876  C  CD2 . PHE A 1 110 ? 0.606   12.231  5.253   1.00 35.34 ? 110 PHE A CD2 1 
ATOM   877  C  CE1 . PHE A 1 110 ? -0.553  12.122  7.739   1.00 40.15 ? 110 PHE A CE1 1 
ATOM   878  C  CE2 . PHE A 1 110 ? -0.649  12.815  5.471   1.00 33.74 ? 110 PHE A CE2 1 
ATOM   879  C  CZ  . PHE A 1 110 ? -1.220  12.753  6.706   1.00 36.93 ? 110 PHE A CZ  1 
ATOM   880  N  N   . GLY A 1 111 ? 4.852   8.944   6.045   1.00 29.42 ? 111 GLY A N   1 
ATOM   881  C  CA  . GLY A 1 111 ? 6.165   8.399   5.750   1.00 31.35 ? 111 GLY A CA  1 
ATOM   882  C  C   . GLY A 1 111 ? 6.117   7.013   5.153   1.00 28.66 ? 111 GLY A C   1 
ATOM   883  O  O   . GLY A 1 111 ? 6.744   6.758   4.125   1.00 26.77 ? 111 GLY A O   1 
ATOM   884  N  N   . ALA A 1 112 ? 5.233   6.179   5.720   1.00 27.21 ? 112 ALA A N   1 
ATOM   885  C  CA  . ALA A 1 112 ? 5.107   4.821   5.307   1.00 27.99 ? 112 ALA A CA  1 
ATOM   886  C  C   . ALA A 1 112 ? 4.521   4.703   3.897   1.00 27.39 ? 112 ALA A C   1 
ATOM   887  O  O   . ALA A 1 112 ? 4.993   3.894   3.092   1.00 24.51 ? 112 ALA A O   1 
ATOM   888  C  CB  . ALA A 1 112 ? 4.288   4.016   6.302   1.00 26.85 ? 112 ALA A CB  1 
ATOM   889  N  N   . MET A 1 113 ? 3.535   5.534   3.573   1.00 24.62 ? 113 MET A N   1 
ATOM   890  C  CA  . MET A 1 113 ? 2.982   5.516   2.236   1.00 26.59 ? 113 MET A CA  1 
ATOM   891  C  C   . MET A 1 113 ? 4.017   6.050   1.258   1.00 26.48 ? 113 MET A C   1 
ATOM   892  O  O   . MET A 1 113 ? 4.116   5.537   0.154   1.00 26.34 ? 113 MET A O   1 
ATOM   893  C  CB  . MET A 1 113 ? 1.660   6.287   2.151   1.00 28.72 ? 113 MET A CB  1 
ATOM   894  C  CG  . MET A 1 113 ? 0.567   5.510   2.823   1.00 33.31 ? 113 MET A CG  1 
ATOM   895  S  SD  . MET A 1 113 ? 0.099   4.070   1.818   1.00 31.95 ? 113 MET A SD  1 
ATOM   896  C  CE  . MET A 1 113 ? -1.158  3.355   2.837   1.00 32.57 ? 113 MET A CE  1 
ATOM   897  N  N   . ASN A 1 114 ? 4.845   6.998   1.699   1.00 25.91 ? 114 ASN A N   1 
ATOM   898  C  CA  . ASN A 1 114 ? 5.939   7.541   0.822   1.00 25.40 ? 114 ASN A CA  1 
ATOM   899  C  C   . ASN A 1 114 ? 6.945   6.467   0.414   1.00 27.29 ? 114 ASN A C   1 
ATOM   900  O  O   . ASN A 1 114 ? 7.356   6.415   -0.751  1.00 28.46 ? 114 ASN A O   1 
ATOM   901  C  CB  . ASN A 1 114 ? 6.605   8.723   1.476   1.00 27.88 ? 114 ASN A CB  1 
ATOM   902  C  CG  . ASN A 1 114 ? 5.653   9.926   1.538   1.00 27.88 ? 114 ASN A CG  1 
ATOM   903  O  OD1 . ASN A 1 114 ? 4.718   9.961   0.754   1.00 25.20 ? 114 ASN A OD1 1 
ATOM   904  N  ND2 . ASN A 1 114 ? 5.857   10.837  2.472   1.00 24.60 ? 114 ASN A ND2 1 
ATOM   905  N  N   . VAL A 1 115 ? 7.217   5.546   1.328   1.00 25.23 ? 115 VAL A N   1 
ATOM   906  C  CA  . VAL A 1 115 ? 8.081   4.394   0.987   1.00 26.42 ? 115 VAL A CA  1 
ATOM   907  C  C   . VAL A 1 115 ? 7.518   3.590   -0.168  1.00 27.97 ? 115 VAL A C   1 
ATOM   908  O  O   . VAL A 1 115 ? 8.231   3.284   -1.142  1.00 28.02 ? 115 VAL A O   1 
ATOM   909  C  CB  . VAL A 1 115 ? 8.324   3.497   2.192   1.00 29.18 ? 115 VAL A CB  1 
ATOM   910  C  CG1 . VAL A 1 115 ? 9.116   2.269   1.772   1.00 29.61 ? 115 VAL A CG1 1 
ATOM   911  C  CG2 . VAL A 1 115 ? 9.113   4.280   3.271   1.00 29.59 ? 115 VAL A CG2 1 
ATOM   912  N  N   . HIS A 1 116 ? 6.229   3.256   -0.080  1.00 25.82 ? 116 HIS A N   1 
ATOM   913  C  CA  . HIS A 1 116 ? 5.586   2.497   -1.129  1.00 27.83 ? 116 HIS A CA  1 
ATOM   914  C  C   . HIS A 1 116 ? 5.431   3.253   -2.431  1.00 27.41 ? 116 HIS A C   1 
ATOM   915  O  O   . HIS A 1 116 ? 5.538   2.695   -3.543  1.00 25.11 ? 116 HIS A O   1 
ATOM   916  C  CB  . HIS A 1 116 ? 4.209   2.041   -0.649  1.00 28.38 ? 116 HIS A CB  1 
ATOM   917  C  CG  . HIS A 1 116 ? 4.280   0.924   0.331   1.00 31.29 ? 116 HIS A CG  1 
ATOM   918  N  ND1 . HIS A 1 116 ? 5.007   -0.210  0.080   1.00 37.30 ? 116 HIS A ND1 1 
ATOM   919  C  CD2 . HIS A 1 116 ? 3.651   0.720   1.510   1.00 34.54 ? 116 HIS A CD2 1 
ATOM   920  C  CE1 . HIS A 1 116 ? 4.866   -1.051  1.090   1.00 38.77 ? 116 HIS A CE1 1 
ATOM   921  N  NE2 . HIS A 1 116 ? 4.061   -0.505  1.977   1.00 35.58 ? 116 HIS A NE2 1 
ATOM   922  N  N   . ARG A 1 117 ? 5.068   4.505   -2.300  1.00 25.48 ? 117 ARG A N   1 
ATOM   923  C  CA  . ARG A 1 117 ? 5.016   5.370   -3.490  1.00 29.44 ? 117 ARG A CA  1 
ATOM   924  C  C   . ARG A 1 117 ? 6.319   5.323   -4.321  1.00 29.31 ? 117 ARG A C   1 
ATOM   925  O  O   . ARG A 1 117 ? 6.306   5.043   -5.529  1.00 27.50 ? 117 ARG A O   1 
ATOM   926  C  CB  . ARG A 1 117 ? 4.633   6.814   -3.106  1.00 31.12 ? 117 ARG A CB  1 
ATOM   927  C  CG  . ARG A 1 117 ? 3.172   6.922   -2.706  1.00 32.55 ? 117 ARG A CG  1 
ATOM   928  C  CD  . ARG A 1 117 ? 2.716   8.235   -2.063  1.00 33.15 ? 117 ARG A CD  1 
ATOM   929  N  NE  . ARG A 1 117 ? 2.359   9.088   -3.131  1.00 35.06 ? 117 ARG A NE  1 
ATOM   930  C  CZ  . ARG A 1 117 ? 1.141   9.261   -3.632  1.00 34.19 ? 117 ARG A CZ  1 
ATOM   931  N  NH1 . ARG A 1 117 ? 1.037   10.033  -4.693  1.00 33.27 ? 117 ARG A NH1 1 
ATOM   932  N  NH2 . ARG A 1 117 ? 0.035   8.737   -3.073  1.00 35.86 ? 117 ARG A NH2 1 
ATOM   933  N  N   . THR A 1 118 ? 7.429   5.565   -3.655  1.00 30.25 ? 118 THR A N   1 
ATOM   934  C  CA  . THR A 1 118 ? 8.698   5.636   -4.357  1.00 32.78 ? 118 THR A CA  1 
ATOM   935  C  C   . THR A 1 118 ? 9.120   4.209   -4.828  1.00 28.77 ? 118 THR A C   1 
ATOM   936  O  O   . THR A 1 118 ? 9.584   4.013   -5.962  1.00 25.87 ? 118 THR A O   1 
ATOM   937  C  CB  . THR A 1 118 ? 9.825   6.278   -3.463  1.00 35.95 ? 118 THR A CB  1 
ATOM   938  O  OG1 . THR A 1 118 ? 10.031  5.478   -2.322  1.00 42.58 ? 118 THR A OG1 1 
ATOM   939  C  CG2 . THR A 1 118 ? 9.484   7.639   -3.016  1.00 37.74 ? 118 THR A CG2 1 
ATOM   940  N  N   . GLY A 1 119 ? 8.911   3.213   -3.955  1.00 28.21 ? 119 GLY A N   1 
ATOM   941  C  CA  . GLY A 1 119 ? 9.299   1.840   -4.280  1.00 25.77 ? 119 GLY A CA  1 
ATOM   942  C  C   . GLY A 1 119 ? 8.483   1.264   -5.424  1.00 28.31 ? 119 GLY A C   1 
ATOM   943  O  O   . GLY A 1 119 ? 9.028   0.601   -6.326  1.00 29.87 ? 119 GLY A O   1 
ATOM   944  N  N   . LEU A 1 120 ? 7.164   1.501   -5.416  1.00 26.41 ? 120 LEU A N   1 
ATOM   945  C  CA  . LEU A 1 120 ? 6.355   0.996   -6.520  1.00 26.86 ? 120 LEU A CA  1 
ATOM   946  C  C   . LEU A 1 120 ? 6.579   1.791   -7.823  1.00 29.21 ? 120 LEU A C   1 
ATOM   947  O  O   . LEU A 1 120 ? 6.525   1.221   -8.946  1.00 30.21 ? 120 LEU A O   1 
ATOM   948  C  CB  . LEU A 1 120 ? 4.887   0.930   -6.153  1.00 25.75 ? 120 LEU A CB  1 
ATOM   949  C  CG  . LEU A 1 120 ? 4.600   -0.166  -5.143  1.00 27.00 ? 120 LEU A CG  1 
ATOM   950  C  CD1 . LEU A 1 120 ? 3.207   0.091   -4.589  1.00 30.57 ? 120 LEU A CD1 1 
ATOM   951  C  CD2 . LEU A 1 120 ? 4.731   -1.540  -5.771  1.00 27.97 ? 120 LEU A CD2 1 
ATOM   952  N  N   . ALA A 1 121 ? 6.857   3.073   -7.665  1.00 29.70 ? 121 ALA A N   1 
ATOM   953  C  CA  . ALA A 1 121 ? 7.199   3.938   -8.833  1.00 32.24 ? 121 ALA A CA  1 
ATOM   954  C  C   . ALA A 1 121 ? 8.486   3.410   -9.560  1.00 33.19 ? 121 ALA A C   1 
ATOM   955  O  O   . ALA A 1 121 ? 8.509   3.257   -10.779 1.00 30.68 ? 121 ALA A O   1 
ATOM   956  C  CB  . ALA A 1 121 ? 7.337   5.392   -8.394  1.00 33.71 ? 121 ALA A CB  1 
ATOM   957  N  N   . ARG A 1 122 ? 9.476   3.022   -8.788  1.00 35.74 ? 122 ARG A N   1 
ATOM   958  C  CA  . ARG A 1 122 ? 10.678  2.348   -9.308  1.00 39.55 ? 122 ARG A CA  1 
ATOM   959  C  C   . ARG A 1 122 ? 10.366  1.059   -10.071 1.00 35.66 ? 122 ARG A C   1 
ATOM   960  O  O   . ARG A 1 122 ? 10.845  0.840   -11.192 1.00 36.12 ? 122 ARG A O   1 
ATOM   961  C  CB  . ARG A 1 122 ? 11.624  2.064   -8.141  1.00 46.68 ? 122 ARG A CB  1 
ATOM   962  C  CG  . ARG A 1 122 ? 12.951  1.452   -8.533  1.00 59.50 ? 122 ARG A CG  1 
ATOM   963  C  CD  . ARG A 1 122 ? 13.901  2.500   -9.085  1.00 72.47 ? 122 ARG A CD  1 
ATOM   964  N  NE  . ARG A 1 122 ? 14.706  2.015   -10.216 1.00 80.59 ? 122 ARG A NE  1 
ATOM   965  C  CZ  . ARG A 1 122 ? 15.747  2.668   -10.740 1.00 88.48 ? 122 ARG A CZ  1 
ATOM   966  N  NH1 . ARG A 1 122 ? 16.410  2.138   -11.773 1.00 91.37 ? 122 ARG A NH1 1 
ATOM   967  N  NH2 . ARG A 1 122 ? 16.139  3.844   -10.244 1.00 90.07 ? 122 ARG A NH2 1 
ATOM   968  N  N   . LEU A 1 123 ? 9.556   0.197   -9.491  1.00 32.04 ? 123 LEU A N   1 
ATOM   969  C  CA  . LEU A 1 123 ? 9.195   -1.024  -10.190 1.00 36.90 ? 123 LEU A CA  1 
ATOM   970  C  C   . LEU A 1 123 ? 8.454   -0.765  -11.489 1.00 35.99 ? 123 LEU A C   1 
ATOM   971  O  O   . LEU A 1 123 ? 8.703   -1.450  -12.499 1.00 27.23 ? 123 LEU A O   1 
ATOM   972  C  CB  . LEU A 1 123 ? 8.371   -1.968  -9.324  1.00 34.97 ? 123 LEU A CB  1 
ATOM   973  C  CG  . LEU A 1 123 ? 9.126   -2.585  -8.171  1.00 39.87 ? 123 LEU A CG  1 
ATOM   974  C  CD1 . LEU A 1 123 ? 8.206   -3.617  -7.534  1.00 38.40 ? 123 LEU A CD1 1 
ATOM   975  C  CD2 . LEU A 1 123 ? 10.469  -3.177  -8.595  1.00 42.04 ? 123 LEU A CD2 1 
ATOM   976  N  N   . ALA A 1 124 ? 7.550   0.222   -11.464 1.00 27.96 ? 124 ALA A N   1 
ATOM   977  C  CA  . ALA A 1 124 ? 6.827   0.596   -12.690 1.00 31.40 ? 124 ALA A CA  1 
ATOM   978  C  C   . ALA A 1 124 ? 7.811   1.065   -13.803 1.00 31.38 ? 124 ALA A C   1 
ATOM   979  O  O   . ALA A 1 124 ? 7.659   0.703   -14.986 1.00 28.29 ? 124 ALA A O   1 
ATOM   980  C  CB  . ALA A 1 124 ? 5.786   1.705   -12.403 1.00 31.11 ? 124 ALA A CB  1 
ATOM   981  N  N   . TYR A 1 125 ? 8.778   1.877   -13.402 1.00 29.06 ? 125 TYR A N   1 
ATOM   982  C  CA  . TYR A 1 125 ? 9.785   2.369   -14.365 1.00 34.50 ? 125 TYR A CA  1 
ATOM   983  C  C   . TYR A 1 125 ? 10.566  1.152   -14.974 1.00 37.93 ? 125 TYR A C   1 
ATOM   984  O  O   . TYR A 1 125 ? 10.650  0.990   -16.212 1.00 34.60 ? 125 TYR A O   1 
ATOM   985  C  CB  . TYR A 1 125 ? 10.694  3.395   -13.703 1.00 36.58 ? 125 TYR A CB  1 
ATOM   986  C  CG  . TYR A 1 125 ? 11.776  3.885   -14.642 1.00 44.55 ? 125 TYR A CG  1 
ATOM   987  C  CD1 . TYR A 1 125 ? 11.536  4.919   -15.517 1.00 47.47 ? 125 TYR A CD1 1 
ATOM   988  C  CD2 . TYR A 1 125 ? 13.038  3.259   -14.682 1.00 53.38 ? 125 TYR A CD2 1 
ATOM   989  C  CE1 . TYR A 1 125 ? 12.510  5.356   -16.406 1.00 55.48 ? 125 TYR A CE1 1 
ATOM   990  C  CE2 . TYR A 1 125 ? 14.022  3.678   -15.568 1.00 56.56 ? 125 TYR A CE2 1 
ATOM   991  C  CZ  . TYR A 1 125 ? 13.751  4.732   -16.432 1.00 62.57 ? 125 TYR A CZ  1 
ATOM   992  O  OH  . TYR A 1 125 ? 14.715  5.185   -17.317 1.00 66.79 ? 125 TYR A OH  1 
ATOM   993  N  N   . GLU A 1 126 ? 11.032  0.262   -14.095 1.00 37.24 ? 126 GLU A N   1 
ATOM   994  C  CA  . GLU A 1 126 ? 11.770  -0.925  -14.506 1.00 38.47 ? 126 GLU A CA  1 
ATOM   995  C  C   . GLU A 1 126 ? 11.020  -1.774  -15.507 1.00 38.75 ? 126 GLU A C   1 
ATOM   996  O  O   . GLU A 1 126 ? 11.577  -2.164  -16.540 1.00 40.76 ? 126 GLU A O   1 
ATOM   997  C  CB  . GLU A 1 126 ? 12.215  -1.723  -13.283 1.00 41.29 ? 126 GLU A CB  1 
ATOM   998  C  CG  . GLU A 1 126 ? 13.411  -1.054  -12.603 1.00 48.90 ? 126 GLU A CG  1 
ATOM   999  C  CD  . GLU A 1 126 ? 13.796  -1.654  -11.227 1.00 59.69 ? 126 GLU A CD  1 
ATOM   1000 O  OE1 . GLU A 1 126 ? 13.427  -2.821  -10.924 1.00 61.06 ? 126 GLU A OE1 1 
ATOM   1001 O  OE2 . GLU A 1 126 ? 14.513  -0.952  -10.446 1.00 61.71 ? 126 GLU A OE2 1 
ATOM   1002 N  N   . ARG A 1 127 ? 9.740   -2.021  -15.253 1.00 34.19 ? 127 ARG A N   1 
ATOM   1003 C  CA  . ARG A 1 127 ? 8.947   -2.808  -16.173 1.00 35.98 ? 127 ARG A CA  1 
ATOM   1004 C  C   . ARG A 1 127 ? 8.506   -2.051  -17.421 1.00 35.77 ? 127 ARG A C   1 
ATOM   1005 O  O   . ARG A 1 127 ? 8.360   -2.654  -18.501 1.00 31.63 ? 127 ARG A O   1 
ATOM   1006 C  CB  . ARG A 1 127 ? 7.737   -3.370  -15.451 1.00 34.10 ? 127 ARG A CB  1 
ATOM   1007 C  CG  . ARG A 1 127 ? 6.730   -4.115  -16.337 1.00 40.07 ? 127 ARG A CG  1 
ATOM   1008 C  CD  . ARG A 1 127 ? 7.238   -5.433  -16.968 1.00 39.05 ? 127 ARG A CD  1 
ATOM   1009 N  NE  . ARG A 1 127 ? 6.128   -6.015  -17.727 1.00 40.48 ? 127 ARG A NE  1 
ATOM   1010 C  CZ  . ARG A 1 127 ? 5.716   -5.595  -18.928 1.00 40.09 ? 127 ARG A CZ  1 
ATOM   1011 N  NH1 . ARG A 1 127 ? 6.347   -4.626  -19.580 1.00 36.67 ? 127 ARG A NH1 1 
ATOM   1012 N  NH2 . ARG A 1 127 ? 4.664   -6.163  -19.502 1.00 40.88 ? 127 ARG A NH2 1 
ATOM   1013 N  N   . PHE A 1 128 ? 8.168   -0.776  -17.258 1.00 34.91 ? 128 PHE A N   1 
ATOM   1014 C  CA  . PHE A 1 128 ? 7.473   -0.030  -18.305 1.00 33.03 ? 128 PHE A CA  1 
ATOM   1015 C  C   . PHE A 1 128 ? 8.222   1.166   -18.980 1.00 34.53 ? 128 PHE A C   1 
ATOM   1016 O  O   . PHE A 1 128 ? 7.634   1.810   -19.862 1.00 33.82 ? 128 PHE A O   1 
ATOM   1017 C  CB  . PHE A 1 128 ? 6.115   0.437   -17.773 1.00 34.62 ? 128 PHE A CB  1 
ATOM   1018 C  CG  . PHE A 1 128 ? 5.167   -0.689  -17.467 1.00 32.92 ? 128 PHE A CG  1 
ATOM   1019 C  CD1 . PHE A 1 128 ? 4.695   -1.517  -18.486 1.00 32.08 ? 128 PHE A CD1 1 
ATOM   1020 C  CD2 . PHE A 1 128 ? 4.774   -0.929  -16.175 1.00 32.38 ? 128 PHE A CD2 1 
ATOM   1021 C  CE1 . PHE A 1 128 ? 3.811   -2.539  -18.210 1.00 36.54 ? 128 PHE A CE1 1 
ATOM   1022 C  CE2 . PHE A 1 128 ? 3.898   -1.951  -15.884 1.00 29.70 ? 128 PHE A CE2 1 
ATOM   1023 C  CZ  . PHE A 1 128 ? 3.376   -2.731  -16.913 1.00 34.65 ? 128 PHE A CZ  1 
ATOM   1024 N  N   . HIS A 1 129 ? 9.464   1.460   -18.602 1.00 36.03 ? 129 HIS A N   1 
ATOM   1025 C  CA  . HIS A 1 129 ? 10.290  2.485   -19.310 1.00 42.33 ? 129 HIS A CA  1 
ATOM   1026 C  C   . HIS A 1 129 ? 10.235  2.418   -20.851 1.00 42.99 ? 129 HIS A C   1 
ATOM   1027 O  O   . HIS A 1 129 ? 10.151  3.442   -21.495 1.00 42.24 ? 129 HIS A O   1 
ATOM   1028 C  CB  . HIS A 1 129 ? 11.750  2.455   -18.865 1.00 45.63 ? 129 HIS A CB  1 
ATOM   1029 C  CG  . HIS A 1 129 ? 12.509  1.226   -19.282 1.00 53.23 ? 129 HIS A CG  1 
ATOM   1030 N  ND1 . HIS A 1 129 ? 12.438  0.028   -18.600 1.00 53.32 ? 129 HIS A ND1 1 
ATOM   1031 C  CD2 . HIS A 1 129 ? 13.405  1.032   -20.283 1.00 58.49 ? 129 HIS A CD2 1 
ATOM   1032 C  CE1 . HIS A 1 129 ? 13.236  -0.858  -19.173 1.00 55.75 ? 129 HIS A CE1 1 
ATOM   1033 N  NE2 . HIS A 1 129 ? 13.840  -0.272  -20.192 1.00 58.25 ? 129 HIS A NE2 1 
ATOM   1034 N  N   . GLY A 1 130 ? 10.237  1.214   -21.418 1.00 44.16 ? 130 GLY A N   1 
ATOM   1035 C  CA  . GLY A 1 130 ? 10.049  1.025   -22.875 1.00 45.30 ? 130 GLY A CA  1 
ATOM   1036 C  C   . GLY A 1 130 ? 8.626   1.148   -23.426 1.00 47.67 ? 130 GLY A C   1 
ATOM   1037 O  O   . GLY A 1 130 ? 8.447   1.007   -24.625 1.00 44.12 ? 130 GLY A O   1 
ATOM   1038 N  N   . ASP A 1 131 ? 7.610   1.377   -22.568 1.00 44.34 ? 131 ASP A N   1 
ATOM   1039 C  CA  . ASP A 1 131 ? 6.231   1.601   -22.985 1.00 43.69 ? 131 ASP A CA  1 
ATOM   1040 C  C   . ASP A 1 131 ? 5.701   2.847   -22.217 1.00 43.12 ? 131 ASP A C   1 
ATOM   1041 O  O   . ASP A 1 131 ? 4.902   2.722   -21.280 1.00 38.14 ? 131 ASP A O   1 
ATOM   1042 C  CB  . ASP A 1 131 ? 5.420   0.333   -22.739 1.00 45.44 ? 131 ASP A CB  1 
ATOM   1043 C  CG  . ASP A 1 131 ? 3.989   0.419   -23.249 1.00 50.19 ? 131 ASP A CG  1 
ATOM   1044 O  OD1 . ASP A 1 131 ? 3.471   1.508   -23.552 1.00 60.13 ? 131 ASP A OD1 1 
ATOM   1045 O  OD2 . ASP A 1 131 ? 3.332   -0.627  -23.289 1.00 57.34 ? 131 ASP A OD2 1 
ATOM   1046 N  N   . PRO A 1 132 ? 6.169   4.039   -22.611 1.00 42.13 ? 132 PRO A N   1 
ATOM   1047 C  CA  . PRO A 1 132 ? 5.797   5.321   -22.011 1.00 44.44 ? 132 PRO A CA  1 
ATOM   1048 C  C   . PRO A 1 132 ? 4.293   5.548   -21.686 1.00 40.35 ? 132 PRO A C   1 
ATOM   1049 O  O   . PRO A 1 132 ? 4.004   6.004   -20.593 1.00 34.24 ? 132 PRO A O   1 
ATOM   1050 C  CB  . PRO A 1 132 ? 6.337   6.342   -23.033 1.00 48.16 ? 132 PRO A CB  1 
ATOM   1051 C  CG  . PRO A 1 132 ? 7.549   5.677   -23.601 1.00 43.87 ? 132 PRO A CG  1 
ATOM   1052 C  CD  . PRO A 1 132 ? 7.094   4.255   -23.758 1.00 46.18 ? 132 PRO A CD  1 
ATOM   1053 N  N   . PRO A 1 133 ? 3.343   5.190   -22.588 1.00 37.46 ? 133 PRO A N   1 
ATOM   1054 C  CA  . PRO A 1 133 ? 1.932   5.361   -22.140 1.00 36.54 ? 133 PRO A CA  1 
ATOM   1055 C  C   . PRO A 1 133 ? 1.544   4.436   -20.968 1.00 36.37 ? 133 PRO A C   1 
ATOM   1056 O  O   . PRO A 1 133 ? 0.828   4.865   -20.049 1.00 32.59 ? 133 PRO A O   1 
ATOM   1057 C  CB  . PRO A 1 133 ? 1.072   5.035   -23.399 1.00 38.47 ? 133 PRO A CB  1 
ATOM   1058 C  CG  . PRO A 1 133 ? 2.029   4.527   -24.434 1.00 42.94 ? 133 PRO A CG  1 
ATOM   1059 C  CD  . PRO A 1 133 ? 3.455   4.694   -23.973 1.00 39.66 ? 133 PRO A CD  1 
ATOM   1060 N  N   . GLU A 1 134 ? 2.050   3.205   -20.961 1.00 29.93 ? 134 GLU A N   1 
ATOM   1061 C  CA  . GLU A 1 134 ? 1.720   2.286   -19.871 1.00 32.04 ? 134 GLU A CA  1 
ATOM   1062 C  C   . GLU A 1 134 ? 2.385   2.809   -18.594 1.00 29.29 ? 134 GLU A C   1 
ATOM   1063 O  O   . GLU A 1 134 ? 1.747   2.884   -17.575 1.00 30.70 ? 134 GLU A O   1 
ATOM   1064 C  CB  . GLU A 1 134 ? 2.146   0.840   -20.193 1.00 35.03 ? 134 GLU A CB  1 
ATOM   1065 C  CG  . GLU A 1 134 ? 1.504   -0.224  -19.288 1.00 37.03 ? 134 GLU A CG  1 
ATOM   1066 C  CD  . GLU A 1 134 ? -0.021  -0.392  -19.409 1.00 41.53 ? 134 GLU A CD  1 
ATOM   1067 O  OE1 . GLU A 1 134 ? -0.735  0.394   -20.077 1.00 39.21 ? 134 GLU A OE1 1 
ATOM   1068 O  OE2 . GLU A 1 134 ? -0.543  -1.347  -18.792 1.00 38.48 ? 134 GLU A OE2 1 
ATOM   1069 N  N   . LEU A 1 135 ? 3.627   3.291   -18.682 1.00 26.18 ? 135 LEU A N   1 
ATOM   1070 C  CA  . LEU A 1 135 ? 4.303   3.800   -17.514 1.00 27.21 ? 135 LEU A CA  1 
ATOM   1071 C  C   . LEU A 1 135 ? 3.550   4.957   -16.843 1.00 26.86 ? 135 LEU A C   1 
ATOM   1072 O  O   . LEU A 1 135 ? 3.428   5.036   -15.616 1.00 25.82 ? 135 LEU A O   1 
ATOM   1073 C  CB  . LEU A 1 135 ? 5.736   4.276   -17.876 1.00 28.42 ? 135 LEU A CB  1 
ATOM   1074 C  CG  . LEU A 1 135 ? 6.518   4.920   -16.756 1.00 27.90 ? 135 LEU A CG  1 
ATOM   1075 C  CD1 . LEU A 1 135 ? 6.684   4.001   -15.549 1.00 30.54 ? 135 LEU A CD1 1 
ATOM   1076 C  CD2 . LEU A 1 135 ? 7.885   5.460   -17.210 1.00 32.21 ? 135 LEU A CD2 1 
ATOM   1077 N  N   . GLU A 1 136 ? 3.156   5.911   -17.668 1.00 27.38 ? 136 GLU A N   1 
ATOM   1078 C  CA  . GLU A 1 136 ? 2.421   7.067   -17.190 1.00 29.80 ? 136 GLU A CA  1 
ATOM   1079 C  C   . GLU A 1 136 ? 1.092   6.632   -16.541 1.00 25.44 ? 136 GLU A C   1 
ATOM   1080 O  O   . GLU A 1 136 ? 0.728   7.116   -15.502 1.00 25.10 ? 136 GLU A O   1 
ATOM   1081 C  CB  . GLU A 1 136 ? 2.166   8.070   -18.327 1.00 33.11 ? 136 GLU A CB  1 
ATOM   1082 C  CG  . GLU A 1 136 ? 1.616   9.405   -17.819 1.00 43.50 ? 136 GLU A CG  1 
ATOM   1083 C  CD  . GLU A 1 136 ? 0.085   9.532   -17.823 1.00 55.99 ? 136 GLU A CD  1 
ATOM   1084 O  OE1 . GLU A 1 136 ? -0.383  10.624  -17.399 1.00 71.43 ? 136 GLU A OE1 1 
ATOM   1085 O  OE2 . GLU A 1 136 ? -0.671  8.602   -18.244 1.00 56.78 ? 136 GLU A OE2 1 
ATOM   1086 N  N   . ARG A 1 137 ? 0.367   5.794   -17.223 1.00 23.92 ? 137 ARG A N   1 
ATOM   1087 C  CA  . ARG A 1 137 ? -0.910  5.362   -16.719 1.00 26.22 ? 137 ARG A CA  1 
ATOM   1088 C  C   . ARG A 1 137 ? -0.786  4.570   -15.404 1.00 26.89 ? 137 ARG A C   1 
ATOM   1089 O  O   . ARG A 1 137 ? -1.631  4.721   -14.503 1.00 25.20 ? 137 ARG A O   1 
ATOM   1090 C  CB  . ARG A 1 137 ? -1.628  4.511   -17.736 1.00 25.98 ? 137 ARG A CB  1 
ATOM   1091 C  CG  . ARG A 1 137 ? -3.074  4.201   -17.376 1.00 26.31 ? 137 ARG A CG  1 
ATOM   1092 C  CD  . ARG A 1 137 ? -3.859  5.526   -17.360 1.00 26.52 ? 137 ARG A CD  1 
ATOM   1093 N  NE  . ARG A 1 137 ? -5.227  5.379   -16.909 1.00 26.51 ? 137 ARG A NE  1 
ATOM   1094 C  CZ  . ARG A 1 137 ? -5.631  5.358   -15.650 1.00 24.60 ? 137 ARG A CZ  1 
ATOM   1095 N  NH1 . ARG A 1 137 ? -6.920  5.277   -15.395 1.00 25.14 ? 137 ARG A NH1 1 
ATOM   1096 N  NH2 . ARG A 1 137 ? -4.779  5.410   -14.652 1.00 26.46 ? 137 ARG A NH2 1 
ATOM   1097 N  N   . VAL A 1 138 ? 0.226   3.689   -15.337 1.00 24.56 ? 138 VAL A N   1 
ATOM   1098 C  CA  . VAL A 1 138 ? 0.501   2.958   -14.105 1.00 25.87 ? 138 VAL A CA  1 
ATOM   1099 C  C   . VAL A 1 138 ? 0.828   3.895   -12.938 1.00 25.69 ? 138 VAL A C   1 
ATOM   1100 O  O   . VAL A 1 138 ? 0.326   3.757   -11.838 1.00 23.77 ? 138 VAL A O   1 
ATOM   1101 C  CB  . VAL A 1 138 ? 1.636   1.953   -14.330 1.00 26.34 ? 138 VAL A CB  1 
ATOM   1102 C  CG1 . VAL A 1 138 ? 2.156   1.420   -13.017 1.00 29.77 ? 138 VAL A CG1 1 
ATOM   1103 C  CG2 . VAL A 1 138 ? 1.122   0.807   -15.220 1.00 29.51 ? 138 VAL A CG2 1 
ATOM   1104 N  N   . ARG A 1 139 ? 1.681   4.867   -13.187 1.00 26.68 ? 139 ARG A N   1 
ATOM   1105 C  CA  . ARG A 1 139 ? 2.018   5.846   -12.196 1.00 27.68 ? 139 ARG A CA  1 
ATOM   1106 C  C   . ARG A 1 139 ? 0.743   6.634   -11.672 1.00 28.96 ? 139 ARG A C   1 
ATOM   1107 O  O   . ARG A 1 139 ? 0.576   6.834   -10.468 1.00 24.92 ? 139 ARG A O   1 
ATOM   1108 C  CB  . ARG A 1 139 ? 3.087   6.817   -12.766 1.00 31.07 ? 139 ARG A CB  1 
ATOM   1109 C  CG  . ARG A 1 139 ? 4.498   6.220   -12.875 1.00 33.55 ? 139 ARG A CG  1 
ATOM   1110 C  CD  . ARG A 1 139 ? 5.478   7.210   -13.577 1.00 35.06 ? 139 ARG A CD  1 
ATOM   1111 N  NE  . ARG A 1 139 ? 5.395   8.499   -12.924 1.00 32.91 ? 139 ARG A NE  1 
ATOM   1112 C  CZ  . ARG A 1 139 ? 6.022   8.859   -11.791 1.00 35.72 ? 139 ARG A CZ  1 
ATOM   1113 N  NH1 . ARG A 1 139 ? 6.865   8.056   -11.145 1.00 33.90 ? 139 ARG A NH1 1 
ATOM   1114 N  NH2 . ARG A 1 139 ? 5.801   10.061  -11.293 1.00 34.89 ? 139 ARG A NH2 1 
ATOM   1115 N  N   . ASN A 1 140 ? -0.113  7.043   -12.590 1.00 25.63 ? 140 ASN A N   1 
ATOM   1116 C  CA  A ASN A 1 140 ? -1.317  7.761   -12.180 0.50 26.95 ? 140 ASN A CA  1 
ATOM   1117 C  CA  B ASN A 1 140 ? -1.388  7.737   -12.312 0.50 26.46 ? 140 ASN A CA  1 
ATOM   1118 C  C   . ASN A 1 140 ? -2.219  6.805   -11.367 1.00 26.22 ? 140 ASN A C   1 
ATOM   1119 O  O   . ASN A 1 140 ? -2.713  7.207   -10.299 1.00 20.86 ? 140 ASN A O   1 
ATOM   1120 C  CB  A ASN A 1 140 ? -2.056  8.360   -13.358 0.50 28.77 ? 140 ASN A CB  1 
ATOM   1121 C  CB  B ASN A 1 140 ? -2.058  8.026   -13.697 0.50 27.79 ? 140 ASN A CB  1 
ATOM   1122 C  CG  A ASN A 1 140 ? -1.278  9.479   -14.019 0.50 32.71 ? 140 ASN A CG  1 
ATOM   1123 C  CG  B ASN A 1 140 ? -3.482  8.554   -13.629 0.50 30.30 ? 140 ASN A CG  1 
ATOM   1124 O  OD1 A ASN A 1 140 ? -0.352  10.058  -13.437 0.50 37.38 ? 140 ASN A OD1 1 
ATOM   1125 O  OD1 B ASN A 1 140 ? -4.015  8.786   -12.571 0.50 32.29 ? 140 ASN A OD1 1 
ATOM   1126 N  ND2 A ASN A 1 140 ? -1.652  9.789   -15.243 0.50 35.96 ? 140 ASN A ND2 1 
ATOM   1127 N  ND2 B ASN A 1 140 ? -4.104  8.747   -14.817 0.50 33.58 ? 140 ASN A ND2 1 
ATOM   1128 N  N   . ALA A 1 141 ? -2.309  5.547   -11.770 1.00 22.95 ? 141 ALA A N   1 
ATOM   1129 C  CA  . ALA A 1 141 ? -3.095  4.504   -11.009 1.00 25.64 ? 141 ALA A CA  1 
ATOM   1130 C  C   . ALA A 1 141 ? -2.521  4.263   -9.607  1.00 26.17 ? 141 ALA A C   1 
ATOM   1131 O  O   . ALA A 1 141 ? -3.263  4.182   -8.654  1.00 24.38 ? 141 ALA A O   1 
ATOM   1132 C  CB  . ALA A 1 141 ? -3.194  3.210   -11.755 1.00 24.72 ? 141 ALA A CB  1 
ATOM   1133 N  N   . LEU A 1 142 ? -1.189  4.208   -9.515  1.00 26.35 ? 142 LEU A N   1 
ATOM   1134 C  CA  . LEU A 1 142 ? -0.529  4.030   -8.227  1.00 24.60 ? 142 LEU A CA  1 
ATOM   1135 C  C   . LEU A 1 142 ? -0.841  5.216   -7.326  1.00 25.66 ? 142 LEU A C   1 
ATOM   1136 O  O   . LEU A 1 142 ? -1.162  5.023   -6.199  1.00 24.86 ? 142 LEU A O   1 
ATOM   1137 C  CB  . LEU A 1 142 ? 0.962   3.879   -8.370  1.00 26.05 ? 142 LEU A CB  1 
ATOM   1138 C  CG  . LEU A 1 142 ? 1.458   2.512   -8.881  1.00 25.74 ? 142 LEU A CG  1 
ATOM   1139 C  CD1 . LEU A 1 142 ? 2.935   2.631   -9.207  1.00 29.01 ? 142 LEU A CD1 1 
ATOM   1140 C  CD2 . LEU A 1 142 ? 1.193   1.420   -7.849  1.00 24.83 ? 142 LEU A CD2 1 
ATOM   1141 N  N   . GLY A 1 143 ? -0.790  6.434   -7.859  1.00 23.87 ? 143 GLY A N   1 
ATOM   1142 C  CA  . GLY A 1 143 ? -1.158  7.617   -7.071  1.00 25.75 ? 143 GLY A CA  1 
ATOM   1143 C  C   . GLY A 1 143 ? -2.563  7.542   -6.531  1.00 23.30 ? 143 GLY A C   1 
ATOM   1144 O  O   . GLY A 1 143 ? -2.808  7.931   -5.387  1.00 23.46 ? 143 GLY A O   1 
ATOM   1145 N  N   . LYS A 1 144 ? -3.510  7.119   -7.377  1.00 21.55 ? 144 LYS A N   1 
ATOM   1146 C  CA  . LYS A 1 144 ? -4.865  7.027   -6.956  1.00 23.44 ? 144 LYS A CA  1 
ATOM   1147 C  C   . LYS A 1 144 ? -5.040  5.974   -5.874  1.00 21.69 ? 144 LYS A C   1 
ATOM   1148 O  O   . LYS A 1 144 ? -5.590  6.270   -4.832  1.00 24.35 ? 144 LYS A O   1 
ATOM   1149 C  CB  . LYS A 1 144 ? -5.849  6.710   -8.091  1.00 25.90 ? 144 LYS A CB  1 
ATOM   1150 C  CG  . LYS A 1 144 ? -6.132  7.891   -8.962  1.00 30.00 ? 144 LYS A CG  1 
ATOM   1151 C  CD  . LYS A 1 144 ? -7.191  7.525   -9.977  1.00 31.91 ? 144 LYS A CD  1 
ATOM   1152 C  CE  . LYS A 1 144 ? -7.139  8.493   -11.142 1.00 35.00 ? 144 LYS A CE  1 
ATOM   1153 N  NZ  . LYS A 1 144 ? -7.698  7.810   -12.332 1.00 37.41 ? 144 LYS A NZ  1 
ATOM   1154 N  N   . VAL A 1 145 ? -4.522  4.773   -6.097  1.00 20.22 ? 145 VAL A N   1 
ATOM   1155 C  CA  . VAL A 1 145 ? -4.805  3.704   -5.128  1.00 21.05 ? 145 VAL A CA  1 
ATOM   1156 C  C   . VAL A 1 145 ? -4.162  4.017   -3.778  1.00 20.26 ? 145 VAL A C   1 
ATOM   1157 O  O   . VAL A 1 145 ? -4.704  3.674   -2.727  1.00 20.87 ? 145 VAL A O   1 
ATOM   1158 C  CB  . VAL A 1 145 ? -4.471  2.304   -5.691  1.00 22.90 ? 145 VAL A CB  1 
ATOM   1159 C  CG1 . VAL A 1 145 ? -2.993  2.079   -5.712  1.00 23.35 ? 145 VAL A CG1 1 
ATOM   1160 C  CG2 . VAL A 1 145 ? -5.174  1.227   -4.866  1.00 24.83 ? 145 VAL A CG2 1 
ATOM   1161 N  N   . LEU A 1 146 ? -2.958  4.611   -3.795  1.00 18.42 ? 146 LEU A N   1 
ATOM   1162 C  CA  . LEU A 1 146 ? -2.284  4.919   -2.581  1.00 19.79 ? 146 LEU A CA  1 
ATOM   1163 C  C   . LEU A 1 146 ? -2.912  6.119   -1.866  1.00 20.17 ? 146 LEU A C   1 
ATOM   1164 O  O   . LEU A 1 146 ? -2.836  6.218   -0.612  1.00 19.62 ? 146 LEU A O   1 
ATOM   1165 C  CB  . LEU A 1 146 ? -0.783  5.129   -2.805  1.00 22.28 ? 146 LEU A CB  1 
ATOM   1166 C  CG  . LEU A 1 146 ? -0.094  3.752   -3.195  1.00 25.28 ? 146 LEU A CG  1 
ATOM   1167 C  CD1 . LEU A 1 146 ? 1.312   3.922   -3.745  1.00 29.53 ? 146 LEU A CD1 1 
ATOM   1168 C  CD2 . LEU A 1 146 ? -0.083  2.766   -2.032  1.00 23.91 ? 146 LEU A CD2 1 
ATOM   1169 N  N   . ASP A 1 147 ? -3.441  7.067   -2.643  1.00 19.90 ? 147 ASP A N   1 
ATOM   1170 C  CA  . ASP A 1 147 ? -4.257  8.127   -2.000  1.00 22.63 ? 147 ASP A CA  1 
ATOM   1171 C  C   . ASP A 1 147 ? -5.480  7.510   -1.287  1.00 21.24 ? 147 ASP A C   1 
ATOM   1172 O  O   . ASP A 1 147 ? -5.786  7.861   -0.167  1.00 24.34 ? 147 ASP A O   1 
ATOM   1173 C  CB  . ASP A 1 147 ? -4.744  9.144   -3.026  1.00 24.65 ? 147 ASP A CB  1 
ATOM   1174 C  CG  . ASP A 1 147 ? -3.651  10.054  -3.509  1.00 29.56 ? 147 ASP A CG  1 
ATOM   1175 O  OD1 . ASP A 1 147 ? -2.623  10.142  -2.831  1.00 31.68 ? 147 ASP A OD1 1 
ATOM   1176 O  OD2 . ASP A 1 147 ? -3.838  10.687  -4.572  1.00 34.10 ? 147 ASP A OD2 1 
ATOM   1177 N  N   . LEU A 1 148 ? -6.198  6.625   -1.959  1.00 23.36 ? 148 LEU A N   1 
ATOM   1178 C  CA  . LEU A 1 148 ? -7.339  5.944   -1.315  1.00 24.12 ? 148 LEU A CA  1 
ATOM   1179 C  C   . LEU A 1 148 ? -6.889  5.215   -0.036  1.00 25.79 ? 148 LEU A C   1 
ATOM   1180 O  O   . LEU A 1 148 ? -7.511  5.355   1.023   1.00 25.52 ? 148 LEU A O   1 
ATOM   1181 C  CB  . LEU A 1 148 ? -7.992  4.961   -2.281  1.00 26.63 ? 148 LEU A CB  1 
ATOM   1182 C  CG  . LEU A 1 148 ? -8.723  5.634   -3.432  1.00 30.25 ? 148 LEU A CG  1 
ATOM   1183 C  CD1 . LEU A 1 148 ? -9.149  4.565   -4.436  1.00 31.47 ? 148 LEU A CD1 1 
ATOM   1184 C  CD2 . LEU A 1 148 ? -9.915  6.466   -2.947  1.00 32.09 ? 148 LEU A CD2 1 
ATOM   1185 N  N   . GLU A 1 149 ? -5.819  4.411   -0.158  1.00 25.30 ? 149 GLU A N   1 
ATOM   1186 C  CA  . GLU A 1 149 ? -5.300  3.656   0.970   1.00 25.02 ? 149 GLU A CA  1 
ATOM   1187 C  C   . GLU A 1 149 ? -4.984  4.582   2.143   1.00 23.42 ? 149 GLU A C   1 
ATOM   1188 O  O   . GLU A 1 149 ? -5.390  4.318   3.224   1.00 22.41 ? 149 GLU A O   1 
ATOM   1189 C  CB  . GLU A 1 149 ? -4.024  2.863   0.600   1.00 26.65 ? 149 GLU A CB  1 
ATOM   1190 C  CG  . GLU A 1 149 ? -4.297  1.691   -0.318  1.00 28.70 ? 149 GLU A CG  1 
ATOM   1191 C  CD  . GLU A 1 149 ? -4.812  0.463   0.382   1.00 29.25 ? 149 GLU A CD  1 
ATOM   1192 O  OE1 . GLU A 1 149 ? -5.100  -0.539  -0.314  1.00 27.34 ? 149 GLU A OE1 1 
ATOM   1193 O  OE2 . GLU A 1 149 ? -4.858  0.475   1.616   1.00 29.08 ? 149 GLU A OE2 1 
ATOM   1194 N  N   . LEU A 1 150 ? -4.279  5.680   1.917   1.00 24.84 ? 150 LEU A N   1 
ATOM   1195 C  CA  . LEU A 1 150 ? -3.877  6.559   3.022   1.00 24.89 ? 150 LEU A CA  1 
ATOM   1196 C  C   . LEU A 1 150 ? -5.142  7.218   3.636   1.00 26.75 ? 150 LEU A C   1 
ATOM   1197 O  O   . LEU A 1 150 ? -5.231  7.337   4.852   1.00 26.36 ? 150 LEU A O   1 
ATOM   1198 C  CB  . LEU A 1 150 ? -2.910  7.648   2.596   1.00 24.29 ? 150 LEU A CB  1 
ATOM   1199 C  CG  . LEU A 1 150 ? -2.469  8.562   3.767   1.00 27.90 ? 150 LEU A CG  1 
ATOM   1200 C  CD1 . LEU A 1 150 ? -1.850  7.751   4.919   1.00 27.99 ? 150 LEU A CD1 1 
ATOM   1201 C  CD2 . LEU A 1 150 ? -1.540  9.661   3.323   1.00 28.09 ? 150 LEU A CD2 1 
ATOM   1202 N  N   . ALA A 1 151 ? -6.091  7.589   2.774   1.00 25.30 ? 151 ALA A N   1 
ATOM   1203 C  CA  . ALA A 1 151 ? -7.356  8.248   3.197   1.00 27.70 ? 151 ALA A CA  1 
ATOM   1204 C  C   . ALA A 1 151 ? -8.142  7.305   4.089   1.00 27.71 ? 151 ALA A C   1 
ATOM   1205 O  O   . ALA A 1 151 ? -8.609  7.687   5.148   1.00 24.28 ? 151 ALA A O   1 
ATOM   1206 C  CB  . ALA A 1 151 ? -8.217  8.655   1.999   1.00 29.27 ? 151 ALA A CB  1 
ATOM   1207 N  N   . VAL A 1 152 ? -8.200  6.039   3.714   1.00 28.74 ? 152 VAL A N   1 
ATOM   1208 C  CA  . VAL A 1 152 ? -8.943  5.088   4.507   1.00 30.57 ? 152 VAL A CA  1 
ATOM   1209 C  C   . VAL A 1 152 ? -8.225  4.817   5.838   1.00 35.01 ? 152 VAL A C   1 
ATOM   1210 O  O   . VAL A 1 152 ? -8.856  4.810   6.917   1.00 35.60 ? 152 VAL A O   1 
ATOM   1211 C  CB  . VAL A 1 152 ? -9.223  3.808   3.729   1.00 32.99 ? 152 VAL A CB  1 
ATOM   1212 C  CG1 . VAL A 1 152 ? -9.773  2.692   4.621   1.00 30.82 ? 152 VAL A CG1 1 
ATOM   1213 C  CG2 . VAL A 1 152 ? -10.164 4.114   2.580   1.00 33.47 ? 152 VAL A CG2 1 
ATOM   1214 N  N   . MET A 1 153 ? -6.919  4.580   5.781   1.00 32.31 ? 153 MET A N   1 
ATOM   1215 C  CA  A MET A 1 153 ? -6.142  4.299   6.993   0.50 31.99 ? 153 MET A CA  1 
ATOM   1216 C  CA  B MET A 1 153 ? -6.200  4.269   6.988   0.50 32.18 ? 153 MET A CA  1 
ATOM   1217 C  C   . MET A 1 153 ? -6.310  5.447   7.973   1.00 30.82 ? 153 MET A C   1 
ATOM   1218 O  O   . MET A 1 153 ? -6.534  5.231   9.128   1.00 29.79 ? 153 MET A O   1 
ATOM   1219 C  CB  A MET A 1 153 ? -4.648  4.134   6.708   0.50 32.57 ? 153 MET A CB  1 
ATOM   1220 C  CB  B MET A 1 153 ? -4.765  3.868   6.672   0.50 33.06 ? 153 MET A CB  1 
ATOM   1221 C  CG  A MET A 1 153 ? -3.784  3.828   7.943   0.50 35.92 ? 153 MET A CG  1 
ATOM   1222 C  CG  B MET A 1 153 ? -4.688  2.474   6.027   0.50 36.56 ? 153 MET A CG  1 
ATOM   1223 S  SD  A MET A 1 153 ? -3.249  2.113   8.046   0.50 40.70 ? 153 MET A SD  1 
ATOM   1224 S  SD  B MET A 1 153 ? -3.003  1.837   5.878   0.50 42.22 ? 153 MET A SD  1 
ATOM   1225 C  CE  A MET A 1 153 ? -4.352  1.356   6.820   0.50 42.73 ? 153 MET A CE  1 
ATOM   1226 C  CE  B MET A 1 153 ? -2.125  3.094   6.837   0.50 34.73 ? 153 MET A CE  1 
ATOM   1227 N  N   . LEU A 1 154 ? -6.172  6.676   7.495   1.00 28.72 ? 154 LEU A N   1 
ATOM   1228 C  CA  . LEU A 1 154 ? -6.246  7.843   8.381   1.00 32.26 ? 154 LEU A CA  1 
ATOM   1229 C  C   . LEU A 1 154 ? -7.656  8.078   8.980   1.00 33.66 ? 154 LEU A C   1 
ATOM   1230 O  O   . LEU A 1 154 ? -7.818  8.626   10.087  1.00 36.49 ? 154 LEU A O   1 
ATOM   1231 C  CB  . LEU A 1 154 ? -5.715  9.095   7.660   1.00 35.10 ? 154 LEU A CB  1 
ATOM   1232 C  CG  . LEU A 1 154 ? -4.198  9.171   7.437   1.00 34.00 ? 154 LEU A CG  1 
ATOM   1233 C  CD1 . LEU A 1 154 ? -3.895  10.466  6.716   1.00 35.04 ? 154 LEU A CD1 1 
ATOM   1234 C  CD2 . LEU A 1 154 ? -3.363  9.063   8.713   1.00 33.86 ? 154 LEU A CD2 1 
ATOM   1235 N  N   . HIS A 1 155 ? -8.657  7.668   8.225   1.00 34.98 ? 155 HIS A N   1 
ATOM   1236 C  CA  . HIS A 1 155 ? -10.038 7.767   8.594   1.00 38.71 ? 155 HIS A CA  1 
ATOM   1237 C  C   . HIS A 1 155 ? -10.300 6.831   9.776   1.00 40.66 ? 155 HIS A C   1 
ATOM   1238 O  O   . HIS A 1 155 ? -11.074 7.163   10.651  1.00 36.19 ? 155 HIS A O   1 
ATOM   1239 C  CB  . HIS A 1 155 ? -10.910 7.400   7.398   1.00 41.25 ? 155 HIS A CB  1 
ATOM   1240 C  CG  . HIS A 1 155 ? -12.376 7.354   7.692   1.00 50.28 ? 155 HIS A CG  1 
ATOM   1241 N  ND1 . HIS A 1 155 ? -13.098 8.470   8.053   1.00 51.90 ? 155 HIS A ND1 1 
ATOM   1242 C  CD2 . HIS A 1 155 ? -13.260 6.331   7.652   1.00 53.00 ? 155 HIS A CD2 1 
ATOM   1243 C  CE1 . HIS A 1 155 ? -14.364 8.133   8.222   1.00 53.08 ? 155 HIS A CE1 1 
ATOM   1244 N  NE2 . HIS A 1 155 ? -14.489 6.844   7.971   1.00 47.89 ? 155 HIS A NE2 1 
ATOM   1245 N  N   . THR A 1 156 ? -9.626  5.681   9.824   1.00 36.42 ? 156 THR A N   1 
ATOM   1246 C  CA  . THR A 1 156 ? -9.781  4.794   10.975  1.00 34.05 ? 156 THR A CA  1 
ATOM   1247 C  C   . THR A 1 156 ? -9.382  5.412   12.344  1.00 33.77 ? 156 THR A C   1 
ATOM   1248 O  O   . THR A 1 156 ? -9.822  4.903   13.375  1.00 38.73 ? 156 THR A O   1 
ATOM   1249 C  CB  . THR A 1 156 ? -9.018  3.471   10.816  1.00 34.11 ? 156 THR A CB  1 
ATOM   1250 O  OG1 . THR A 1 156 ? -7.610  3.707   10.964  1.00 34.49 ? 156 THR A OG1 1 
ATOM   1251 C  CG2 . THR A 1 156 ? -9.354  2.810   9.495   1.00 33.15 ? 156 THR A CG2 1 
ATOM   1252 N  N   . TYR A 1 157 ? -8.508  6.420   12.332  1.00 34.79 ? 157 TYR A N   1 
ATOM   1253 C  CA  . TYR A 1 157 ? -8.128  7.242   13.501  1.00 41.69 ? 157 TYR A CA  1 
ATOM   1254 C  C   . TYR A 1 157 ? -9.256  8.220   14.028  1.00 47.31 ? 157 TYR A C   1 
ATOM   1255 O  O   . TYR A 1 157 ? -8.985  9.008   14.903  1.00 51.55 ? 157 TYR A O   1 
ATOM   1256 C  CB  . TYR A 1 157 ? -6.817  8.051   13.208  1.00 42.54 ? 157 TYR A CB  1 
ATOM   1257 C  CG  . TYR A 1 157 ? -5.552  7.205   13.207  1.00 42.95 ? 157 TYR A CG  1 
ATOM   1258 C  CD1 . TYR A 1 157 ? -5.216  6.385   12.104  1.00 42.89 ? 157 TYR A CD1 1 
ATOM   1259 C  CD2 . TYR A 1 157 ? -4.692  7.200   14.320  1.00 44.76 ? 157 TYR A CD2 1 
ATOM   1260 C  CE1 . TYR A 1 157 ? -4.069  5.574   12.132  1.00 43.41 ? 157 TYR A CE1 1 
ATOM   1261 C  CE2 . TYR A 1 157 ? -3.545  6.403   14.354  1.00 41.55 ? 157 TYR A CE2 1 
ATOM   1262 C  CZ  . TYR A 1 157 ? -3.231  5.595   13.257  1.00 43.60 ? 157 TYR A CZ  1 
ATOM   1263 O  OH  . TYR A 1 157 ? -2.121  4.786   13.297  1.00 41.57 ? 157 TYR A OH  1 
ATOM   1264 N  N   . ARG A 1 158 ? -10.492 8.177   13.522  1.00 62.31 ? 158 ARG A N   1 
ATOM   1265 C  CA  . ARG A 1 158 ? -11.628 8.900   14.192  1.00 72.51 ? 158 ARG A CA  1 
ATOM   1266 C  C   . ARG A 1 158 ? -12.301 8.021   15.274  1.00 72.86 ? 158 ARG A C   1 
ATOM   1267 O  O   . ARG A 1 158 ? -12.792 6.915   14.992  1.00 67.84 ? 158 ARG A O   1 
ATOM   1268 C  CB  . ARG A 1 158 ? -12.692 9.424   13.200  1.00 78.17 ? 158 ARG A CB  1 
ATOM   1269 C  CG  . ARG A 1 158 ? -12.179 9.829   11.819  1.00 82.28 ? 158 ARG A CG  1 
ATOM   1270 C  CD  . ARG A 1 158 ? -12.637 11.196  11.308  1.00 89.97 ? 158 ARG A CD  1 
ATOM   1271 N  NE  . ARG A 1 158 ? -11.712 11.626  10.246  1.00 91.48 ? 158 ARG A NE  1 
ATOM   1272 C  CZ  . ARG A 1 158 ? -11.910 11.545  8.924   1.00 94.80 ? 158 ARG A CZ  1 
ATOM   1273 N  NH1 . ARG A 1 158 ? -13.055 11.105  8.400   1.00 94.86 ? 158 ARG A NH1 1 
ATOM   1274 N  NH2 . ARG A 1 158 ? -10.941 11.951  8.106   1.00 94.38 ? 158 ARG A NH2 1 
HETATM 1275 C  CHA . HEM B 2 .   ? -0.221  -4.991  11.141  1.00 25.61 ? 201 HEM A CHA 1 
HETATM 1276 C  CHB . HEM B 2 .   ? -0.156  -2.941  6.816   1.00 24.30 ? 201 HEM A CHB 1 
HETATM 1277 C  CHC . HEM B 2 .   ? 2.398   0.685   8.628   1.00 25.51 ? 201 HEM A CHC 1 
HETATM 1278 C  CHD . HEM B 2 .   ? 3.259   -1.962  12.484  1.00 26.79 ? 201 HEM A CHD 1 
HETATM 1279 C  C1A . HEM B 2 .   ? -0.438  -4.710  9.847   1.00 24.35 ? 201 HEM A C1A 1 
HETATM 1280 C  C2A . HEM B 2 .   ? -1.149  -5.574  9.010   1.00 26.75 ? 201 HEM A C2A 1 
HETATM 1281 C  C3A . HEM B 2 .   ? -1.157  -5.014  7.772   1.00 23.79 ? 201 HEM A C3A 1 
HETATM 1282 C  C4A . HEM B 2 .   ? -0.410  -3.822  7.859   1.00 24.07 ? 201 HEM A C4A 1 
HETATM 1283 C  CMA . HEM B 2 .   ? -1.800  -5.592  6.493   1.00 21.63 ? 201 HEM A CMA 1 
HETATM 1284 C  CAA . HEM B 2 .   ? -1.846  -6.862  9.470   1.00 29.81 ? 201 HEM A CAA 1 
HETATM 1285 C  CBA . HEM B 2 .   ? -3.236  -6.453  9.922   1.00 33.05 ? 201 HEM A CBA 1 
HETATM 1286 C  CGA . HEM B 2 .   ? -4.212  -7.560  10.360  1.00 43.47 ? 201 HEM A CGA 1 
HETATM 1287 O  O1A . HEM B 2 .   ? -4.029  -8.140  11.420  1.00 38.93 ? 201 HEM A O1A 1 
HETATM 1288 O  O2A . HEM B 2 .   ? -5.257  -7.871  9.740   1.00 44.32 ? 201 HEM A O2A 1 
HETATM 1289 C  C1B . HEM B 2 .   ? 0.464   -1.732  6.922   1.00 24.34 ? 201 HEM A C1B 1 
HETATM 1290 C  C2B . HEM B 2 .   ? 0.517   -0.746  5.868   1.00 24.89 ? 201 HEM A C2B 1 
HETATM 1291 C  C3B . HEM B 2 .   ? 1.221   0.325   6.407   1.00 26.01 ? 201 HEM A C3B 1 
HETATM 1292 C  C4B . HEM B 2 .   ? 1.636   -0.077  7.769   1.00 24.86 ? 201 HEM A C4B 1 
HETATM 1293 C  CMB . HEM B 2 .   ? -0.131  -0.929  4.504   1.00 24.53 ? 201 HEM A CMB 1 
HETATM 1294 C  CAB . HEM B 2 .   ? 1.616   1.630   5.798   1.00 25.44 ? 201 HEM A CAB 1 
HETATM 1295 C  CBB . HEM B 2 .   ? 1.449   1.907   4.534   1.00 27.15 ? 201 HEM A CBB 1 
HETATM 1296 C  C1C . HEM B 2 .   ? 2.930   0.324   9.815   1.00 25.94 ? 201 HEM A C1C 1 
HETATM 1297 C  C2C . HEM B 2 .   ? 3.931   1.034   10.535  1.00 25.20 ? 201 HEM A C2C 1 
HETATM 1298 C  C3C . HEM B 2 .   ? 4.214   0.237   11.618  1.00 25.88 ? 201 HEM A C3C 1 
HETATM 1299 C  C4C . HEM B 2 .   ? 3.367   -0.934  11.577  1.00 25.62 ? 201 HEM A C4C 1 
HETATM 1300 C  CMC . HEM B 2 .   ? 4.590   2.330   10.125  1.00 23.80 ? 201 HEM A CMC 1 
HETATM 1301 C  CAC . HEM B 2 .   ? 5.259   0.641   12.566  1.00 29.20 ? 201 HEM A CAC 1 
HETATM 1302 C  CBC . HEM B 2 .   ? 5.830   -0.190  13.404  1.00 31.55 ? 201 HEM A CBC 1 
HETATM 1303 C  C1D . HEM B 2 .   ? 2.313   -2.957  12.441  1.00 25.49 ? 201 HEM A C1D 1 
HETATM 1304 C  C2D . HEM B 2 .   ? 2.114   -3.902  13.559  1.00 25.39 ? 201 HEM A C2D 1 
HETATM 1305 C  C3D . HEM B 2 .   ? 1.128   -4.729  13.181  1.00 22.81 ? 201 HEM A C3D 1 
HETATM 1306 C  C4D . HEM B 2 .   ? 0.758   -4.297  11.822  1.00 25.81 ? 201 HEM A C4D 1 
HETATM 1307 C  CMD . HEM B 2 .   ? 2.907   -3.793  14.865  1.00 26.51 ? 201 HEM A CMD 1 
HETATM 1308 C  CAD . HEM B 2 .   ? 0.534   -5.890  13.980  1.00 26.87 ? 201 HEM A CAD 1 
HETATM 1309 C  CBD . HEM B 2 .   ? 1.077   -7.290  13.585  1.00 24.62 ? 201 HEM A CBD 1 
HETATM 1310 C  CGD . HEM B 2 .   ? 2.497   -7.616  13.988  1.00 27.88 ? 201 HEM A CGD 1 
HETATM 1311 O  O1D . HEM B 2 .   ? 3.090   -6.940  14.844  1.00 28.21 ? 201 HEM A O1D 1 
HETATM 1312 O  O2D . HEM B 2 .   ? 3.089   -8.642  13.490  1.00 26.04 ? 201 HEM A O2D 1 
HETATM 1313 N  NA  . HEM B 2 .   ? 0.059   -3.670  9.099   1.00 25.35 ? 201 HEM A NA  1 
HETATM 1314 N  NB  . HEM B 2 .   ? 1.174   -1.273  7.959   1.00 27.40 ? 201 HEM A NB  1 
HETATM 1315 N  NC  . HEM B 2 .   ? 2.690   -0.883  10.419  1.00 26.15 ? 201 HEM A NC  1 
HETATM 1316 N  ND  . HEM B 2 .   ? 1.502   -3.265  11.384  1.00 27.24 ? 201 HEM A ND  1 
HETATM 1317 FE FE  . HEM B 2 .   ? 1.368   -2.301  9.736   1.00 24.44 ? 201 HEM A FE  1 
HETATM 1318 C  C1  . MPD C 3 .   ? 12.682  -20.712 13.563  1.00 47.40 ? 202 MPD A C1  1 
HETATM 1319 C  C2  . MPD C 3 .   ? 14.029  -20.197 13.059  1.00 55.31 ? 202 MPD A C2  1 
HETATM 1320 O  O2  . MPD C 3 .   ? 14.539  -19.196 13.937  1.00 51.57 ? 202 MPD A O2  1 
HETATM 1321 C  CM  . MPD C 3 .   ? 15.014  -21.360 13.074  1.00 54.43 ? 202 MPD A CM  1 
HETATM 1322 C  C3  . MPD C 3 .   ? 13.819  -19.588 11.667  1.00 61.07 ? 202 MPD A C3  1 
HETATM 1323 C  C4  . MPD C 3 .   ? 14.792  -18.502 11.194  1.00 65.06 ? 202 MPD A C4  1 
HETATM 1324 O  O4  . MPD C 3 .   ? 16.037  -18.625 11.860  1.00 72.08 ? 202 MPD A O4  1 
HETATM 1325 C  C5  . MPD C 3 .   ? 15.096  -18.600 9.699   1.00 66.27 ? 202 MPD A C5  1 
HETATM 1326 N  N1  . IMD D 4 .   ? 4.177   -5.048  8.022   1.00 23.74 ? 203 IMD A N1  1 
HETATM 1327 C  C2  . IMD D 4 .   ? 2.923   -4.791  8.434   1.00 24.35 ? 203 IMD A C2  1 
HETATM 1328 N  N3  . IMD D 4 .   ? 2.984   -3.596  8.941   1.00 24.15 ? 203 IMD A N3  1 
HETATM 1329 C  C4  . IMD D 4 .   ? 4.236   -3.045  8.836   1.00 25.58 ? 203 IMD A C4  1 
HETATM 1330 C  C5  . IMD D 4 .   ? 5.005   -3.992  8.217   1.00 24.42 ? 203 IMD A C5  1 
HETATM 1331 N  N1  . IMD E 4 .   ? 8.100   6.234   9.596   1.00 72.22 ? 204 IMD A N1  1 
HETATM 1332 C  C2  . IMD E 4 .   ? 7.734   4.924   9.625   1.00 69.03 ? 204 IMD A C2  1 
HETATM 1333 N  N3  . IMD E 4 .   ? 8.099   4.343   8.454   1.00 69.64 ? 204 IMD A N3  1 
HETATM 1334 C  C4  . IMD E 4 .   ? 8.709   5.294   7.703   1.00 69.32 ? 204 IMD A C4  1 
HETATM 1335 C  C5  . IMD E 4 .   ? 8.710   6.481   8.417   1.00 69.96 ? 204 IMD A C5  1 
HETATM 1336 O  O   . HOH F 5 .   ? 5.527   10.181  8.383   1.00 39.39 ? 301 HOH A O   1 
HETATM 1337 O  O   . HOH F 5 .   ? -11.538 -3.845  -13.704 1.00 42.83 ? 302 HOH A O   1 
HETATM 1338 O  O   . HOH F 5 .   ? 12.942  2.567   19.802  1.00 49.95 ? 303 HOH A O   1 
HETATM 1339 O  O   . HOH F 5 .   ? -3.433  -9.466  -11.311 1.00 40.91 ? 304 HOH A O   1 
HETATM 1340 O  O   . HOH F 5 .   ? -8.165  -7.675  -0.677  1.00 48.54 ? 305 HOH A O   1 
HETATM 1341 O  O   . HOH F 5 .   ? 11.680  -0.790  -6.023  1.00 42.99 ? 306 HOH A O   1 
HETATM 1342 O  O   . HOH F 5 .   ? 14.334  -8.074  12.424  1.00 31.11 ? 307 HOH A O   1 
HETATM 1343 O  O   . HOH F 5 .   ? 9.501   -14.563 12.080  1.00 46.47 ? 308 HOH A O   1 
HETATM 1344 O  O   . HOH F 5 .   ? 13.731  4.820   8.585   1.00 36.09 ? 309 HOH A O   1 
HETATM 1345 O  O   . HOH F 5 .   ? -9.199  -4.097  12.952  1.00 43.56 ? 310 HOH A O   1 
HETATM 1346 O  O   . HOH F 5 .   ? 0.246   -8.647  -14.450 1.00 41.98 ? 311 HOH A O   1 
HETATM 1347 O  O   . HOH F 5 .   ? -2.123  10.216  -0.258  1.00 29.93 ? 312 HOH A O   1 
HETATM 1348 O  O   . HOH F 5 .   ? 11.026  5.808   -7.243  1.00 44.47 ? 313 HOH A O   1 
HETATM 1349 O  O   . HOH F 5 .   ? -9.915  -7.729  -3.264  1.00 41.74 ? 314 HOH A O   1 
HETATM 1350 O  O   . HOH F 5 .   ? 17.221  -1.739  3.591   1.00 35.16 ? 315 HOH A O   1 
HETATM 1351 O  O   . HOH F 5 .   ? 5.611   7.886   -19.602 1.00 48.76 ? 316 HOH A O   1 
HETATM 1352 O  O   . HOH F 5 .   ? -1.294  11.017  -5.555  1.00 36.86 ? 317 HOH A O   1 
HETATM 1353 O  O   . HOH F 5 .   ? 15.950  -5.348  3.130   1.00 44.13 ? 318 HOH A O   1 
HETATM 1354 O  O   . HOH F 5 .   ? 0.436   11.435  14.831  1.00 51.52 ? 319 HOH A O   1 
HETATM 1355 O  O   . HOH F 5 .   ? 11.005  3.142   -1.404  1.00 37.12 ? 320 HOH A O   1 
HETATM 1356 O  O   . HOH F 5 .   ? -12.580 -3.481  -8.497  1.00 31.66 ? 321 HOH A O   1 
HETATM 1357 O  O   . HOH F 5 .   ? 9.836   -7.958  8.741   1.00 44.73 ? 322 HOH A O   1 
HETATM 1358 O  O   . HOH F 5 .   ? -4.183  -5.473  -16.924 1.00 34.84 ? 323 HOH A O   1 
HETATM 1359 O  O   . HOH F 5 .   ? 14.688  -6.860  6.866   1.00 46.06 ? 324 HOH A O   1 
HETATM 1360 O  O   . HOH F 5 .   ? -4.893  10.482  -7.088  1.00 42.09 ? 325 HOH A O   1 
HETATM 1361 O  O   . HOH F 5 .   ? 10.129  -13.494 -5.288  1.00 38.20 ? 326 HOH A O   1 
HETATM 1362 O  O   . HOH F 5 .   ? 17.270  -0.148  8.951   1.00 28.07 ? 327 HOH A O   1 
HETATM 1363 O  O   . HOH F 5 .   ? 4.179   11.882  -12.593 0.50 36.70 ? 328 HOH A O   1 
HETATM 1364 O  O   . HOH F 5 .   ? 9.604   -1.462  -20.671 1.00 44.38 ? 329 HOH A O   1 
HETATM 1365 O  O   . HOH F 5 .   ? 9.984   -7.974  16.817  1.00 35.53 ? 330 HOH A O   1 
HETATM 1366 O  O   . HOH F 5 .   ? 9.020   -0.863  0.443   1.00 41.26 ? 331 HOH A O   1 
HETATM 1367 O  O   . HOH F 5 .   ? -0.646  7.896   -0.241  1.00 24.36 ? 332 HOH A O   1 
HETATM 1368 O  O   . HOH F 5 .   ? -14.448 0.259   -19.258 1.00 51.30 ? 333 HOH A O   1 
HETATM 1369 O  O   . HOH F 5 .   ? 9.260   7.943   3.756   1.00 39.68 ? 334 HOH A O   1 
HETATM 1370 O  O   . HOH F 5 .   ? 7.959   5.625   -12.179 1.00 29.89 ? 335 HOH A O   1 
HETATM 1371 O  O   . HOH F 5 .   ? -2.055  -12.791 9.771   1.00 29.93 ? 336 HOH A O   1 
HETATM 1372 O  O   . HOH F 5 .   ? 7.873   -13.896 6.730   1.00 41.93 ? 337 HOH A O   1 
HETATM 1373 O  O   . HOH F 5 .   ? 18.313  1.587   7.244   1.00 43.19 ? 338 HOH A O   1 
HETATM 1374 O  O   . HOH F 5 .   ? -2.716  9.919   -9.432  1.00 36.63 ? 339 HOH A O   1 
HETATM 1375 O  O   . HOH F 5 .   ? -5.556  2.109   -18.269 1.00 28.06 ? 340 HOH A O   1 
HETATM 1376 O  O   . HOH F 5 .   ? -7.609  8.865   -14.981 1.00 41.36 ? 341 HOH A O   1 
HETATM 1377 O  O   . HOH F 5 .   ? 10.800  -7.956  20.135  1.00 28.40 ? 342 HOH A O   1 
HETATM 1378 O  O   . HOH F 5 .   ? -8.706  -5.055  -14.940 1.00 41.62 ? 343 HOH A O   1 
HETATM 1379 O  O   . HOH F 5 .   ? 11.829  -10.032 -3.780  1.00 32.68 ? 344 HOH A O   1 
HETATM 1380 O  O   . HOH F 5 .   ? -14.538 3.202   -15.523 1.00 42.55 ? 345 HOH A O   1 
HETATM 1381 O  O   . HOH F 5 .   ? 11.963  -14.221 19.795  1.00 35.01 ? 346 HOH A O   1 
HETATM 1382 O  O   . HOH F 5 .   ? 7.193   -5.090  6.163   1.00 30.31 ? 347 HOH A O   1 
HETATM 1383 O  O   . HOH F 5 .   ? -8.614  -6.621  7.513   1.00 46.03 ? 348 HOH A O   1 
HETATM 1384 O  O   . HOH F 5 .   ? -10.357 -2.974  -15.913 1.00 41.98 ? 349 HOH A O   1 
HETATM 1385 O  O   . HOH F 5 .   ? -20.792 3.363   3.517   1.00 55.32 ? 350 HOH A O   1 
HETATM 1386 O  O   . HOH F 5 .   ? 4.017   10.330  -14.740 1.00 51.31 ? 351 HOH A O   1 
HETATM 1387 O  O   . HOH F 5 .   ? 9.234   -7.245  24.026  1.00 53.25 ? 352 HOH A O   1 
HETATM 1388 O  O   . HOH F 5 .   ? -4.758  10.468  0.765   1.00 24.82 ? 353 HOH A O   1 
HETATM 1389 O  O   . HOH F 5 .   ? -11.484 9.843   -13.874 1.00 47.33 ? 354 HOH A O   1 
HETATM 1390 O  O   . HOH F 5 .   ? 8.643   10.668  3.595   1.00 38.51 ? 355 HOH A O   1 
HETATM 1391 O  O   . HOH F 5 .   ? -3.841  -4.854  -19.696 1.00 37.71 ? 356 HOH A O   1 
HETATM 1392 O  O   . HOH F 5 .   ? -14.509 11.459  -10.936 1.00 46.30 ? 357 HOH A O   1 
HETATM 1393 O  O   . HOH F 5 .   ? 12.112  -17.113 19.195  1.00 37.58 ? 358 HOH A O   1 
HETATM 1394 O  O   . HOH F 5 .   ? -4.845  -9.855  -5.813  1.00 52.35 ? 359 HOH A O   1 
HETATM 1395 O  O   . HOH F 5 .   ? 15.820  3.789   7.708   1.00 45.47 ? 360 HOH A O   1 
HETATM 1396 O  O   . HOH F 5 .   ? 4.872   -12.996 -4.484  1.00 45.54 ? 361 HOH A O   1 
HETATM 1397 O  O   . HOH F 5 .   ? 10.739  7.791   0.856   1.00 51.55 ? 362 HOH A O   1 
HETATM 1398 O  O   . HOH F 5 .   ? -2.747  -7.578  -16.647 1.00 39.34 ? 363 HOH A O   1 
HETATM 1399 O  O   . HOH F 5 .   ? 5.425   8.825   -17.015 1.00 50.65 ? 364 HOH A O   1 
HETATM 1400 O  O   . HOH F 5 .   ? 9.552   12.021  1.554   1.00 42.16 ? 365 HOH A O   1 
HETATM 1401 O  O   . HOH F 5 .   ? -6.594  -6.393  -16.635 1.00 41.40 ? 366 HOH A O   1 
HETATM 1402 O  O   . HOH F 5 .   ? 12.740  -13.331 -3.520  0.50 39.63 ? 367 HOH A O   1 
HETATM 1403 O  O   . HOH F 5 .   ? 14.993  -13.565 19.343  1.00 42.36 ? 368 HOH A O   1 
# 
loop_
_pdbx_poly_seq_scheme.asym_id 
_pdbx_poly_seq_scheme.entity_id 
_pdbx_poly_seq_scheme.seq_id 
_pdbx_poly_seq_scheme.mon_id 
_pdbx_poly_seq_scheme.ndb_seq_num 
_pdbx_poly_seq_scheme.pdb_seq_num 
_pdbx_poly_seq_scheme.auth_seq_num 
_pdbx_poly_seq_scheme.pdb_mon_id 
_pdbx_poly_seq_scheme.auth_mon_id 
_pdbx_poly_seq_scheme.pdb_strand_id 
_pdbx_poly_seq_scheme.pdb_ins_code 
_pdbx_poly_seq_scheme.hetero 
A 1 1   GLY 1   1   ?   ?   ?   A . n 
A 1 2   THR 2   2   ?   ?   ?   A . n 
A 1 3   GLY 3   3   ?   ?   ?   A . n 
A 1 4   VAL 4   4   ?   ?   ?   A . n 
A 1 5   PRO 5   5   ?   ?   ?   A . n 
A 1 6   GLU 6   6   6   GLU GLU A . n 
A 1 7   THR 7   7   7   THR THR A . n 
A 1 8   VAL 8   8   8   VAL VAL A . n 
A 1 9   PHE 9   9   9   PHE PHE A . n 
A 1 10  GLU 10  10  10  GLU GLU A . n 
A 1 11  GLU 11  11  11  GLU GLU A . n 
A 1 12  LEU 12  12  12  LEU LEU A . n 
A 1 13  LYS 13  13  13  LYS LYS A . n 
A 1 14  ARG 14  14  14  ARG ARG A . n 
A 1 15  TYR 15  15  15  TYR TYR A . n 
A 1 16  VAL 16  16  16  VAL VAL A . n 
A 1 17  GLY 17  17  17  GLY GLY A . n 
A 1 18  TRP 18  18  18  TRP TRP A . n 
A 1 19  GLY 19  19  19  GLY GLY A . n 
A 1 20  ASP 20  20  20  ASP ASP A . n 
A 1 21  GLY 21  21  21  GLY GLY A . n 
A 1 22  ASP 22  22  22  ASP ASP A . n 
A 1 23  GLU 23  23  23  GLU GLU A . n 
A 1 24  ARG 24  24  24  ARG ARG A . n 
A 1 25  ALA 25  25  25  ALA ALA A . n 
A 1 26  LEU 26  26  26  LEU LEU A . n 
A 1 27  ARG 27  27  27  ARG ARG A . n 
A 1 28  SER 28  28  28  SER SER A . n 
A 1 29  LEU 29  29  29  LEU LEU A . n 
A 1 30  HIS 30  30  30  HIS HIS A . n 
A 1 31  GLY 31  31  31  GLY GLY A . n 
A 1 32  ALA 32  32  32  ALA ALA A . n 
A 1 33  ALA 33  33  33  ALA ALA A . n 
A 1 34  ALA 34  34  34  ALA ALA A . n 
A 1 35  PRO 35  35  35  PRO PRO A . n 
A 1 36  HIS 36  36  36  HIS HIS A . n 
A 1 37  PHE 37  37  37  PHE PHE A . n 
A 1 38  PRO 38  38  38  PRO PRO A . n 
A 1 39  ARG 39  39  39  ARG ARG A . n 
A 1 40  LEU 40  40  40  LEU LEU A . n 
A 1 41  ALA 41  41  41  ALA ALA A . n 
A 1 42  GLU 42  42  42  GLU GLU A . n 
A 1 43  GLU 43  43  43  GLU GLU A . n 
A 1 44  PHE 44  44  44  PHE PHE A . n 
A 1 45  TYR 45  45  45  TYR TYR A . n 
A 1 46  ASP 46  46  46  ASP ASP A . n 
A 1 47  ARG 47  47  47  ARG ARG A . n 
A 1 48  ILE 48  48  48  ILE ILE A . n 
A 1 49  LEU 49  49  49  LEU LEU A . n 
A 1 50  GLY 50  50  50  GLY GLY A . n 
A 1 51  HIS 51  51  51  HIS HIS A . n 
A 1 52  GLU 52  52  52  GLU GLU A . n 
A 1 53  GLY 53  53  53  GLY GLY A . n 
A 1 54  ALA 54  54  54  ALA ALA A . n 
A 1 55  ARG 55  55  55  ARG ARG A . n 
A 1 56  THR 56  56  56  THR THR A . n 
A 1 57  ALA 57  57  57  ALA ALA A . n 
A 1 58  LEU 58  58  58  LEU LEU A . n 
A 1 59  VAL 59  59  59  VAL VAL A . n 
A 1 60  GLY 60  60  60  GLY GLY A . n 
A 1 61  GLY 61  61  61  GLY GLY A . n 
A 1 62  GLU 62  62  62  GLU GLU A . n 
A 1 63  SER 63  63  63  SER SER A . n 
A 1 64  GLN 64  64  64  GLN GLN A . n 
A 1 65  VAL 65  65  65  VAL VAL A . n 
A 1 66  GLY 66  66  66  GLY GLY A . n 
A 1 67  HIS 67  67  67  HIS HIS A . n 
A 1 68  LEU 68  68  68  LEU LEU A . n 
A 1 69  LYS 69  69  69  LYS LYS A . n 
A 1 70  VAL 70  70  70  VAL VAL A . n 
A 1 71  THR 71  71  71  THR THR A . n 
A 1 72  MET 72  72  72  MET MET A . n 
A 1 73  ILE 73  73  73  ILE ILE A . n 
A 1 74  ALA 74  74  74  ALA ALA A . n 
A 1 75  TRP 75  75  75  TRP TRP A . n 
A 1 76  LEU 76  76  76  LEU LEU A . n 
A 1 77  ASP 77  77  77  ASP ASP A . n 
A 1 78  GLU 78  78  78  GLU GLU A . n 
A 1 79  LEU 79  79  79  LEU LEU A . n 
A 1 80  LEU 80  80  80  LEU LEU A . n 
A 1 81  GLY 81  81  81  GLY GLY A . n 
A 1 82  GLY 82  82  82  GLY GLY A . n 
A 1 83  PRO 83  83  83  PRO PRO A . n 
A 1 84  TRP 84  84  84  TRP TRP A . n 
A 1 85  ASP 85  85  85  ASP ASP A . n 
A 1 86  GLU 86  86  86  GLU GLU A . n 
A 1 87  ALA 87  87  87  ALA ALA A . n 
A 1 88  TYR 88  88  88  TYR TYR A . n 
A 1 89  TRP 89  89  89  TRP TRP A . n 
A 1 90  ASP 90  90  90  ASP ASP A . n 
A 1 91  ARG 91  91  91  ARG ARG A . n 
A 1 92  ARG 92  92  92  ARG ARG A . n 
A 1 93  TYR 93  93  93  TYR TYR A . n 
A 1 94  ARG 94  94  94  ARG ARG A . n 
A 1 95  ILE 95  95  95  ILE ILE A . n 
A 1 96  GLY 96  96  96  GLY GLY A . n 
A 1 97  ARG 97  97  97  ARG ARG A . n 
A 1 98  VAL 98  98  98  VAL VAL A . n 
A 1 99  HIS 99  99  99  HIS HIS A . n 
A 1 100 VAL 100 100 100 VAL VAL A . n 
A 1 101 ARG 101 101 101 ARG ARG A . n 
A 1 102 ILE 102 102 102 ILE ILE A . n 
A 1 103 GLY 103 103 103 GLY GLY A . n 
A 1 104 LEU 104 104 104 LEU LEU A . n 
A 1 105 PRO 105 105 105 PRO PRO A . n 
A 1 106 GLN 106 106 106 GLN GLN A . n 
A 1 107 HIS 107 107 107 HIS HIS A . n 
A 1 108 TYR 108 108 108 TYR TYR A . n 
A 1 109 MET 109 109 109 MET MET A . n 
A 1 110 PHE 110 110 110 PHE PHE A . n 
A 1 111 GLY 111 111 111 GLY GLY A . n 
A 1 112 ALA 112 112 112 ALA ALA A . n 
A 1 113 MET 113 113 113 MET MET A . n 
A 1 114 ASN 114 114 114 ASN ASN A . n 
A 1 115 VAL 115 115 115 VAL VAL A . n 
A 1 116 HIS 116 116 116 HIS HIS A . n 
A 1 117 ARG 117 117 117 ARG ARG A . n 
A 1 118 THR 118 118 118 THR THR A . n 
A 1 119 GLY 119 119 119 GLY GLY A . n 
A 1 120 LEU 120 120 120 LEU LEU A . n 
A 1 121 ALA 121 121 121 ALA ALA A . n 
A 1 122 ARG 122 122 122 ARG ARG A . n 
A 1 123 LEU 123 123 123 LEU LEU A . n 
A 1 124 ALA 124 124 124 ALA ALA A . n 
A 1 125 TYR 125 125 125 TYR TYR A . n 
A 1 126 GLU 126 126 126 GLU GLU A . n 
A 1 127 ARG 127 127 127 ARG ARG A . n 
A 1 128 PHE 128 128 128 PHE PHE A . n 
A 1 129 HIS 129 129 129 HIS HIS A . n 
A 1 130 GLY 130 130 130 GLY GLY A . n 
A 1 131 ASP 131 131 131 ASP ASP A . n 
A 1 132 PRO 132 132 132 PRO PRO A . n 
A 1 133 PRO 133 133 133 PRO PRO A . n 
A 1 134 GLU 134 134 134 GLU GLU A . n 
A 1 135 LEU 135 135 135 LEU LEU A . n 
A 1 136 GLU 136 136 136 GLU GLU A . n 
A 1 137 ARG 137 137 137 ARG ARG A . n 
A 1 138 VAL 138 138 138 VAL VAL A . n 
A 1 139 ARG 139 139 139 ARG ARG A . n 
A 1 140 ASN 140 140 140 ASN ASN A . n 
A 1 141 ALA 141 141 141 ALA ALA A . n 
A 1 142 LEU 142 142 142 LEU LEU A . n 
A 1 143 GLY 143 143 143 GLY GLY A . n 
A 1 144 LYS 144 144 144 LYS LYS A . n 
A 1 145 VAL 145 145 145 VAL VAL A . n 
A 1 146 LEU 146 146 146 LEU LEU A . n 
A 1 147 ASP 147 147 147 ASP ASP A . n 
A 1 148 LEU 148 148 148 LEU LEU A . n 
A 1 149 GLU 149 149 149 GLU GLU A . n 
A 1 150 LEU 150 150 150 LEU LEU A . n 
A 1 151 ALA 151 151 151 ALA ALA A . n 
A 1 152 VAL 152 152 152 VAL VAL A . n 
A 1 153 MET 153 153 153 MET MET A . n 
A 1 154 LEU 154 154 154 LEU LEU A . n 
A 1 155 HIS 155 155 155 HIS HIS A . n 
A 1 156 THR 156 156 156 THR THR A . n 
A 1 157 TYR 157 157 157 TYR TYR A . n 
A 1 158 ARG 158 158 158 ARG ARG A . n 
A 1 159 GLU 159 159 ?   ?   ?   A . n 
A 1 160 ASP 160 160 ?   ?   ?   A . n 
A 1 161 LEU 161 161 ?   ?   ?   A . n 
# 
loop_
_pdbx_nonpoly_scheme.asym_id 
_pdbx_nonpoly_scheme.entity_id 
_pdbx_nonpoly_scheme.mon_id 
_pdbx_nonpoly_scheme.ndb_seq_num 
_pdbx_nonpoly_scheme.pdb_seq_num 
_pdbx_nonpoly_scheme.auth_seq_num 
_pdbx_nonpoly_scheme.pdb_mon_id 
_pdbx_nonpoly_scheme.auth_mon_id 
_pdbx_nonpoly_scheme.pdb_strand_id 
_pdbx_nonpoly_scheme.pdb_ins_code 
B 2 HEM 1  201 200 HEM HEM A . 
C 3 MPD 1  202 1   MPD MPD A . 
D 4 IMD 1  203 1   IMD IMD A . 
E 4 IMD 1  204 2   IMD IMD A . 
F 5 HOH 1  301 18  HOH HOH A . 
F 5 HOH 2  302 22  HOH HOH A . 
F 5 HOH 3  303 70  HOH HOH A . 
F 5 HOH 4  304 51  HOH HOH A . 
F 5 HOH 5  305 45  HOH HOH A . 
F 5 HOH 6  306 47  HOH HOH A . 
F 5 HOH 7  307 2   HOH HOH A . 
F 5 HOH 8  308 49  HOH HOH A . 
F 5 HOH 9  309 15  HOH HOH A . 
F 5 HOH 10 310 43  HOH HOH A . 
F 5 HOH 11 311 21  HOH HOH A . 
F 5 HOH 12 312 5   HOH HOH A . 
F 5 HOH 13 313 65  HOH HOH A . 
F 5 HOH 14 314 42  HOH HOH A . 
F 5 HOH 15 315 27  HOH HOH A . 
F 5 HOH 16 316 30  HOH HOH A . 
F 5 HOH 17 317 23  HOH HOH A . 
F 5 HOH 18 318 50  HOH HOH A . 
F 5 HOH 19 319 34  HOH HOH A . 
F 5 HOH 20 320 14  HOH HOH A . 
F 5 HOH 21 321 11  HOH HOH A . 
F 5 HOH 22 322 67  HOH HOH A . 
F 5 HOH 23 323 10  HOH HOH A . 
F 5 HOH 24 324 44  HOH HOH A . 
F 5 HOH 25 325 41  HOH HOH A . 
F 5 HOH 26 326 54  HOH HOH A . 
F 5 HOH 27 327 7   HOH HOH A . 
F 5 HOH 28 328 64  HOH HOH A . 
F 5 HOH 29 329 28  HOH HOH A . 
F 5 HOH 30 330 20  HOH HOH A . 
F 5 HOH 31 331 61  HOH HOH A . 
F 5 HOH 32 332 3   HOH HOH A . 
F 5 HOH 33 333 62  HOH HOH A . 
F 5 HOH 34 334 37  HOH HOH A . 
F 5 HOH 35 335 16  HOH HOH A . 
F 5 HOH 36 336 9   HOH HOH A . 
F 5 HOH 37 337 55  HOH HOH A . 
F 5 HOH 38 338 29  HOH HOH A . 
F 5 HOH 39 339 26  HOH HOH A . 
F 5 HOH 40 340 6   HOH HOH A . 
F 5 HOH 41 341 60  HOH HOH A . 
F 5 HOH 42 342 4   HOH HOH A . 
F 5 HOH 43 343 13  HOH HOH A . 
F 5 HOH 44 344 19  HOH HOH A . 
F 5 HOH 45 345 40  HOH HOH A . 
F 5 HOH 46 346 25  HOH HOH A . 
F 5 HOH 47 347 8   HOH HOH A . 
F 5 HOH 48 348 48  HOH HOH A . 
F 5 HOH 49 349 36  HOH HOH A . 
F 5 HOH 50 350 68  HOH HOH A . 
F 5 HOH 51 351 69  HOH HOH A . 
F 5 HOH 52 352 71  HOH HOH A . 
F 5 HOH 53 353 1   HOH HOH A . 
F 5 HOH 54 354 56  HOH HOH A . 
F 5 HOH 55 355 32  HOH HOH A . 
F 5 HOH 56 356 17  HOH HOH A . 
F 5 HOH 57 357 63  HOH HOH A . 
F 5 HOH 58 358 31  HOH HOH A . 
F 5 HOH 59 359 59  HOH HOH A . 
F 5 HOH 60 360 38  HOH HOH A . 
F 5 HOH 61 361 66  HOH HOH A . 
F 5 HOH 62 362 39  HOH HOH A . 
F 5 HOH 63 363 72  HOH HOH A . 
F 5 HOH 64 364 46  HOH HOH A . 
F 5 HOH 65 365 57  HOH HOH A . 
F 5 HOH 66 366 33  HOH HOH A . 
F 5 HOH 67 367 52  HOH HOH A . 
F 5 HOH 68 368 35  HOH HOH A . 
# 
_pdbx_struct_assembly.id                   1 
_pdbx_struct_assembly.details              author_and_software_defined_assembly 
_pdbx_struct_assembly.method_details       PISA 
_pdbx_struct_assembly.oligomeric_details   monomeric 
_pdbx_struct_assembly.oligomeric_count     1 
# 
_pdbx_struct_assembly_gen.assembly_id       1 
_pdbx_struct_assembly_gen.oper_expression   1 
_pdbx_struct_assembly_gen.asym_id_list      A,B,C,D,E,F 
# 
_pdbx_struct_oper_list.id                   1 
_pdbx_struct_oper_list.type                 'identity operation' 
_pdbx_struct_oper_list.name                 1_555 
_pdbx_struct_oper_list.symmetry_operation   x,y,z 
_pdbx_struct_oper_list.matrix[1][1]         1.0000000000 
_pdbx_struct_oper_list.matrix[1][2]         0.0000000000 
_pdbx_struct_oper_list.matrix[1][3]         0.0000000000 
_pdbx_struct_oper_list.vector[1]            0.0000000000 
_pdbx_struct_oper_list.matrix[2][1]         0.0000000000 
_pdbx_struct_oper_list.matrix[2][2]         1.0000000000 
_pdbx_struct_oper_list.matrix[2][3]         0.0000000000 
_pdbx_struct_oper_list.vector[2]            0.0000000000 
_pdbx_struct_oper_list.matrix[3][1]         0.0000000000 
_pdbx_struct_oper_list.matrix[3][2]         0.0000000000 
_pdbx_struct_oper_list.matrix[3][3]         1.0000000000 
_pdbx_struct_oper_list.vector[3]            0.0000000000 
# 
loop_
_pdbx_struct_conn_angle.id 
_pdbx_struct_conn_angle.ptnr1_label_atom_id 
_pdbx_struct_conn_angle.ptnr1_label_alt_id 
_pdbx_struct_conn_angle.ptnr1_label_asym_id 
_pdbx_struct_conn_angle.ptnr1_label_comp_id 
_pdbx_struct_conn_angle.ptnr1_label_seq_id 
_pdbx_struct_conn_angle.ptnr1_auth_atom_id 
_pdbx_struct_conn_angle.ptnr1_auth_asym_id 
_pdbx_struct_conn_angle.ptnr1_auth_comp_id 
_pdbx_struct_conn_angle.ptnr1_auth_seq_id 
_pdbx_struct_conn_angle.ptnr1_PDB_ins_code 
_pdbx_struct_conn_angle.ptnr1_symmetry 
_pdbx_struct_conn_angle.ptnr2_label_atom_id 
_pdbx_struct_conn_angle.ptnr2_label_alt_id 
_pdbx_struct_conn_angle.ptnr2_label_asym_id 
_pdbx_struct_conn_angle.ptnr2_label_comp_id 
_pdbx_struct_conn_angle.ptnr2_label_seq_id 
_pdbx_struct_conn_angle.ptnr2_auth_atom_id 
_pdbx_struct_conn_angle.ptnr2_auth_asym_id 
_pdbx_struct_conn_angle.ptnr2_auth_comp_id 
_pdbx_struct_conn_angle.ptnr2_auth_seq_id 
_pdbx_struct_conn_angle.ptnr2_PDB_ins_code 
_pdbx_struct_conn_angle.ptnr2_symmetry 
_pdbx_struct_conn_angle.ptnr3_label_atom_id 
_pdbx_struct_conn_angle.ptnr3_label_alt_id 
_pdbx_struct_conn_angle.ptnr3_label_asym_id 
_pdbx_struct_conn_angle.ptnr3_label_comp_id 
_pdbx_struct_conn_angle.ptnr3_label_seq_id 
_pdbx_struct_conn_angle.ptnr3_auth_atom_id 
_pdbx_struct_conn_angle.ptnr3_auth_asym_id 
_pdbx_struct_conn_angle.ptnr3_auth_comp_id 
_pdbx_struct_conn_angle.ptnr3_auth_seq_id 
_pdbx_struct_conn_angle.ptnr3_PDB_ins_code 
_pdbx_struct_conn_angle.ptnr3_symmetry 
_pdbx_struct_conn_angle.value 
_pdbx_struct_conn_angle.value_esd 
1  NE2 ? A HIS 99 ? A HIS 99  ? 1_555 FE ? B HEM . ? A HEM 201 ? 1_555 NA ? B HEM . ? A HEM 201 ? 1_555 86.0  ? 
2  NE2 ? A HIS 99 ? A HIS 99  ? 1_555 FE ? B HEM . ? A HEM 201 ? 1_555 NB ? B HEM . ? A HEM 201 ? 1_555 87.9  ? 
3  NA  ? B HEM .  ? A HEM 201 ? 1_555 FE ? B HEM . ? A HEM 201 ? 1_555 NB ? B HEM . ? A HEM 201 ? 1_555 90.3  ? 
4  NE2 ? A HIS 99 ? A HIS 99  ? 1_555 FE ? B HEM . ? A HEM 201 ? 1_555 NC ? B HEM . ? A HEM 201 ? 1_555 93.0  ? 
5  NA  ? B HEM .  ? A HEM 201 ? 1_555 FE ? B HEM . ? A HEM 201 ? 1_555 NC ? B HEM . ? A HEM 201 ? 1_555 178.9 ? 
6  NB  ? B HEM .  ? A HEM 201 ? 1_555 FE ? B HEM . ? A HEM 201 ? 1_555 NC ? B HEM . ? A HEM 201 ? 1_555 90.2  ? 
7  NE2 ? A HIS 99 ? A HIS 99  ? 1_555 FE ? B HEM . ? A HEM 201 ? 1_555 ND ? B HEM . ? A HEM 201 ? 1_555 91.1  ? 
8  NA  ? B HEM .  ? A HEM 201 ? 1_555 FE ? B HEM . ? A HEM 201 ? 1_555 ND ? B HEM . ? A HEM 201 ? 1_555 88.6  ? 
9  NB  ? B HEM .  ? A HEM 201 ? 1_555 FE ? B HEM . ? A HEM 201 ? 1_555 ND ? B HEM . ? A HEM 201 ? 1_555 178.6 ? 
10 NC  ? B HEM .  ? A HEM 201 ? 1_555 FE ? B HEM . ? A HEM 201 ? 1_555 ND ? B HEM . ? A HEM 201 ? 1_555 91.0  ? 
11 NE2 ? A HIS 99 ? A HIS 99  ? 1_555 FE ? B HEM . ? A HEM 201 ? 1_555 N3 ? D IMD . ? A IMD 203 ? 1_555 173.9 ? 
12 NA  ? B HEM .  ? A HEM 201 ? 1_555 FE ? B HEM . ? A HEM 201 ? 1_555 N3 ? D IMD . ? A IMD 203 ? 1_555 87.9  ? 
13 NB  ? B HEM .  ? A HEM 201 ? 1_555 FE ? B HEM . ? A HEM 201 ? 1_555 N3 ? D IMD . ? A IMD 203 ? 1_555 92.9  ? 
14 NC  ? B HEM .  ? A HEM 201 ? 1_555 FE ? B HEM . ? A HEM 201 ? 1_555 N3 ? D IMD . ? A IMD 203 ? 1_555 93.1  ? 
15 ND  ? B HEM .  ? A HEM 201 ? 1_555 FE ? B HEM . ? A HEM 201 ? 1_555 N3 ? D IMD . ? A IMD 203 ? 1_555 87.9  ? 
# 
loop_
_pdbx_audit_revision_history.ordinal 
_pdbx_audit_revision_history.data_content_type 
_pdbx_audit_revision_history.major_revision 
_pdbx_audit_revision_history.minor_revision 
_pdbx_audit_revision_history.revision_date 
1 'Structure model' 1 0 2020-01-08 
2 'Structure model' 1 1 2020-01-22 
3 'Structure model' 1 2 2020-02-19 
4 'Structure model' 1 3 2023-10-11 
# 
_pdbx_audit_revision_details.ordinal             1 
_pdbx_audit_revision_details.revision_ordinal    1 
_pdbx_audit_revision_details.data_content_type   'Structure model' 
_pdbx_audit_revision_details.provider            repository 
_pdbx_audit_revision_details.type                'Initial release' 
_pdbx_audit_revision_details.description         ? 
_pdbx_audit_revision_details.details             ? 
# 
loop_
_pdbx_audit_revision_group.ordinal 
_pdbx_audit_revision_group.revision_ordinal 
_pdbx_audit_revision_group.data_content_type 
_pdbx_audit_revision_group.group 
1 2 'Structure model' 'Database references'    
2 3 'Structure model' 'Database references'    
3 4 'Structure model' 'Data collection'        
4 4 'Structure model' 'Database references'    
5 4 'Structure model' 'Refinement description' 
# 
loop_
_pdbx_audit_revision_category.ordinal 
_pdbx_audit_revision_category.revision_ordinal 
_pdbx_audit_revision_category.data_content_type 
_pdbx_audit_revision_category.category 
1 2 'Structure model' citation                      
2 2 'Structure model' citation_author               
3 3 'Structure model' citation                      
4 3 'Structure model' citation_author               
5 4 'Structure model' chem_comp_atom                
6 4 'Structure model' chem_comp_bond                
7 4 'Structure model' database_2                    
8 4 'Structure model' pdbx_initial_refinement_model 
# 
loop_
_pdbx_audit_revision_item.ordinal 
_pdbx_audit_revision_item.revision_ordinal 
_pdbx_audit_revision_item.data_content_type 
_pdbx_audit_revision_item.item 
1  2 'Structure model' '_citation.pdbx_database_id_DOI'      
2  2 'Structure model' '_citation.pdbx_database_id_PubMed'   
3  2 'Structure model' '_citation.title'                     
4  3 'Structure model' '_citation.journal_volume'            
5  3 'Structure model' '_citation.page_first'                
6  3 'Structure model' '_citation.page_last'                 
7  3 'Structure model' '_citation.year'                      
8  3 'Structure model' '_citation_author.identifier_ORCID'   
9  4 'Structure model' '_database_2.pdbx_DOI'                
10 4 'Structure model' '_database_2.pdbx_database_accession' 
# 
loop_
_software.citation_id 
_software.classification 
_software.compiler_name 
_software.compiler_version 
_software.contact_author 
_software.contact_author_email 
_software.date 
_software.description 
_software.dependencies 
_software.hardware 
_software.language 
_software.location 
_software.mods 
_software.name 
_software.os 
_software.os_version 
_software.type 
_software.version 
_software.pdbx_ordinal 
? refinement       ? ? ? ? ? ? ? ? ? ? ? REFMAC  ? ? ? 5.8.0158 1 
? 'data reduction' ? ? ? ? ? ? ? ? ? ? ? XDS     ? ? ? .        2 
? 'data scaling'   ? ? ? ? ? ? ? ? ? ? ? Aimless ? ? ? .        3 
? phasing          ? ? ? ? ? ? ? ? ? ? ? MOLREP  ? ? ? .        4 
# 
_pdbx_validate_rmsd_angle.id                         1 
_pdbx_validate_rmsd_angle.PDB_model_num              1 
_pdbx_validate_rmsd_angle.auth_atom_id_1             NE 
_pdbx_validate_rmsd_angle.auth_asym_id_1             A 
_pdbx_validate_rmsd_angle.auth_comp_id_1             ARG 
_pdbx_validate_rmsd_angle.auth_seq_id_1              117 
_pdbx_validate_rmsd_angle.PDB_ins_code_1             ? 
_pdbx_validate_rmsd_angle.label_alt_id_1             ? 
_pdbx_validate_rmsd_angle.auth_atom_id_2             CZ 
_pdbx_validate_rmsd_angle.auth_asym_id_2             A 
_pdbx_validate_rmsd_angle.auth_comp_id_2             ARG 
_pdbx_validate_rmsd_angle.auth_seq_id_2              117 
_pdbx_validate_rmsd_angle.PDB_ins_code_2             ? 
_pdbx_validate_rmsd_angle.label_alt_id_2             ? 
_pdbx_validate_rmsd_angle.auth_atom_id_3             NH1 
_pdbx_validate_rmsd_angle.auth_asym_id_3             A 
_pdbx_validate_rmsd_angle.auth_comp_id_3             ARG 
_pdbx_validate_rmsd_angle.auth_seq_id_3              117 
_pdbx_validate_rmsd_angle.PDB_ins_code_3             ? 
_pdbx_validate_rmsd_angle.label_alt_id_3             ? 
_pdbx_validate_rmsd_angle.angle_value                116.88 
_pdbx_validate_rmsd_angle.angle_target_value         120.30 
_pdbx_validate_rmsd_angle.angle_deviation            -3.42 
_pdbx_validate_rmsd_angle.angle_standard_deviation   0.50 
_pdbx_validate_rmsd_angle.linker_flag                N 
# 
loop_
_pdbx_validate_torsion.id 
_pdbx_validate_torsion.PDB_model_num 
_pdbx_validate_torsion.auth_comp_id 
_pdbx_validate_torsion.auth_asym_id 
_pdbx_validate_torsion.auth_seq_id 
_pdbx_validate_torsion.PDB_ins_code 
_pdbx_validate_torsion.label_alt_id 
_pdbx_validate_torsion.phi 
_pdbx_validate_torsion.psi 
1 1 TRP A 84 ? ? -112.99 57.95   
2 1 ASP A 85 ? ? -104.80 -168.33 
# 
loop_
_pdbx_unobs_or_zero_occ_residues.id 
_pdbx_unobs_or_zero_occ_residues.PDB_model_num 
_pdbx_unobs_or_zero_occ_residues.polymer_flag 
_pdbx_unobs_or_zero_occ_residues.occupancy_flag 
_pdbx_unobs_or_zero_occ_residues.auth_asym_id 
_pdbx_unobs_or_zero_occ_residues.auth_comp_id 
_pdbx_unobs_or_zero_occ_residues.auth_seq_id 
_pdbx_unobs_or_zero_occ_residues.PDB_ins_code 
_pdbx_unobs_or_zero_occ_residues.label_asym_id 
_pdbx_unobs_or_zero_occ_residues.label_comp_id 
_pdbx_unobs_or_zero_occ_residues.label_seq_id 
1 1 Y 1 A GLY 1   ? A GLY 1   
2 1 Y 1 A THR 2   ? A THR 2   
3 1 Y 1 A GLY 3   ? A GLY 3   
4 1 Y 1 A VAL 4   ? A VAL 4   
5 1 Y 1 A PRO 5   ? A PRO 5   
6 1 Y 1 A GLU 159 ? A GLU 159 
7 1 Y 1 A ASP 160 ? A ASP 160 
8 1 Y 1 A LEU 161 ? A LEU 161 
# 
loop_
_chem_comp_atom.comp_id 
_chem_comp_atom.atom_id 
_chem_comp_atom.type_symbol 
_chem_comp_atom.pdbx_aromatic_flag 
_chem_comp_atom.pdbx_stereo_config 
_chem_comp_atom.pdbx_ordinal 
ALA N    N  N N 1   
ALA CA   C  N S 2   
ALA C    C  N N 3   
ALA O    O  N N 4   
ALA CB   C  N N 5   
ALA OXT  O  N N 6   
ALA H    H  N N 7   
ALA H2   H  N N 8   
ALA HA   H  N N 9   
ALA HB1  H  N N 10  
ALA HB2  H  N N 11  
ALA HB3  H  N N 12  
ALA HXT  H  N N 13  
ARG N    N  N N 14  
ARG CA   C  N S 15  
ARG C    C  N N 16  
ARG O    O  N N 17  
ARG CB   C  N N 18  
ARG CG   C  N N 19  
ARG CD   C  N N 20  
ARG NE   N  N N 21  
ARG CZ   C  N N 22  
ARG NH1  N  N N 23  
ARG NH2  N  N N 24  
ARG OXT  O  N N 25  
ARG H    H  N N 26  
ARG H2   H  N N 27  
ARG HA   H  N N 28  
ARG HB2  H  N N 29  
ARG HB3  H  N N 30  
ARG HG2  H  N N 31  
ARG HG3  H  N N 32  
ARG HD2  H  N N 33  
ARG HD3  H  N N 34  
ARG HE   H  N N 35  
ARG HH11 H  N N 36  
ARG HH12 H  N N 37  
ARG HH21 H  N N 38  
ARG HH22 H  N N 39  
ARG HXT  H  N N 40  
ASN N    N  N N 41  
ASN CA   C  N S 42  
ASN C    C  N N 43  
ASN O    O  N N 44  
ASN CB   C  N N 45  
ASN CG   C  N N 46  
ASN OD1  O  N N 47  
ASN ND2  N  N N 48  
ASN OXT  O  N N 49  
ASN H    H  N N 50  
ASN H2   H  N N 51  
ASN HA   H  N N 52  
ASN HB2  H  N N 53  
ASN HB3  H  N N 54  
ASN HD21 H  N N 55  
ASN HD22 H  N N 56  
ASN HXT  H  N N 57  
ASP N    N  N N 58  
ASP CA   C  N S 59  
ASP C    C  N N 60  
ASP O    O  N N 61  
ASP CB   C  N N 62  
ASP CG   C  N N 63  
ASP OD1  O  N N 64  
ASP OD2  O  N N 65  
ASP OXT  O  N N 66  
ASP H    H  N N 67  
ASP H2   H  N N 68  
ASP HA   H  N N 69  
ASP HB2  H  N N 70  
ASP HB3  H  N N 71  
ASP HD2  H  N N 72  
ASP HXT  H  N N 73  
GLN N    N  N N 74  
GLN CA   C  N S 75  
GLN C    C  N N 76  
GLN O    O  N N 77  
GLN CB   C  N N 78  
GLN CG   C  N N 79  
GLN CD   C  N N 80  
GLN OE1  O  N N 81  
GLN NE2  N  N N 82  
GLN OXT  O  N N 83  
GLN H    H  N N 84  
GLN H2   H  N N 85  
GLN HA   H  N N 86  
GLN HB2  H  N N 87  
GLN HB3  H  N N 88  
GLN HG2  H  N N 89  
GLN HG3  H  N N 90  
GLN HE21 H  N N 91  
GLN HE22 H  N N 92  
GLN HXT  H  N N 93  
GLU N    N  N N 94  
GLU CA   C  N S 95  
GLU C    C  N N 96  
GLU O    O  N N 97  
GLU CB   C  N N 98  
GLU CG   C  N N 99  
GLU CD   C  N N 100 
GLU OE1  O  N N 101 
GLU OE2  O  N N 102 
GLU OXT  O  N N 103 
GLU H    H  N N 104 
GLU H2   H  N N 105 
GLU HA   H  N N 106 
GLU HB2  H  N N 107 
GLU HB3  H  N N 108 
GLU HG2  H  N N 109 
GLU HG3  H  N N 110 
GLU HE2  H  N N 111 
GLU HXT  H  N N 112 
GLY N    N  N N 113 
GLY CA   C  N N 114 
GLY C    C  N N 115 
GLY O    O  N N 116 
GLY OXT  O  N N 117 
GLY H    H  N N 118 
GLY H2   H  N N 119 
GLY HA2  H  N N 120 
GLY HA3  H  N N 121 
GLY HXT  H  N N 122 
HEM CHA  C  N N 123 
HEM CHB  C  N N 124 
HEM CHC  C  N N 125 
HEM CHD  C  N N 126 
HEM C1A  C  Y N 127 
HEM C2A  C  Y N 128 
HEM C3A  C  Y N 129 
HEM C4A  C  Y N 130 
HEM CMA  C  N N 131 
HEM CAA  C  N N 132 
HEM CBA  C  N N 133 
HEM CGA  C  N N 134 
HEM O1A  O  N N 135 
HEM O2A  O  N N 136 
HEM C1B  C  N N 137 
HEM C2B  C  N N 138 
HEM C3B  C  N N 139 
HEM C4B  C  N N 140 
HEM CMB  C  N N 141 
HEM CAB  C  N N 142 
HEM CBB  C  N N 143 
HEM C1C  C  Y N 144 
HEM C2C  C  Y N 145 
HEM C3C  C  Y N 146 
HEM C4C  C  Y N 147 
HEM CMC  C  N N 148 
HEM CAC  C  N N 149 
HEM CBC  C  N N 150 
HEM C1D  C  N N 151 
HEM C2D  C  N N 152 
HEM C3D  C  N N 153 
HEM C4D  C  N N 154 
HEM CMD  C  N N 155 
HEM CAD  C  N N 156 
HEM CBD  C  N N 157 
HEM CGD  C  N N 158 
HEM O1D  O  N N 159 
HEM O2D  O  N N 160 
HEM NA   N  Y N 161 
HEM NB   N  N N 162 
HEM NC   N  Y N 163 
HEM ND   N  N N 164 
HEM FE   FE N N 165 
HEM HHB  H  N N 166 
HEM HHC  H  N N 167 
HEM HHD  H  N N 168 
HEM HMA  H  N N 169 
HEM HMAA H  N N 170 
HEM HMAB H  N N 171 
HEM HAA  H  N N 172 
HEM HAAA H  N N 173 
HEM HBA  H  N N 174 
HEM HBAA H  N N 175 
HEM HMB  H  N N 176 
HEM HMBA H  N N 177 
HEM HMBB H  N N 178 
HEM HAB  H  N N 179 
HEM HBB  H  N N 180 
HEM HBBA H  N N 181 
HEM HMC  H  N N 182 
HEM HMCA H  N N 183 
HEM HMCB H  N N 184 
HEM HAC  H  N N 185 
HEM HBC  H  N N 186 
HEM HBCA H  N N 187 
HEM HMD  H  N N 188 
HEM HMDA H  N N 189 
HEM HMDB H  N N 190 
HEM HAD  H  N N 191 
HEM HADA H  N N 192 
HEM HBD  H  N N 193 
HEM HBDA H  N N 194 
HEM H2A  H  N N 195 
HEM H2D  H  N N 196 
HEM HHA  H  N N 197 
HIS N    N  N N 198 
HIS CA   C  N S 199 
HIS C    C  N N 200 
HIS O    O  N N 201 
HIS CB   C  N N 202 
HIS CG   C  Y N 203 
HIS ND1  N  Y N 204 
HIS CD2  C  Y N 205 
HIS CE1  C  Y N 206 
HIS NE2  N  Y N 207 
HIS OXT  O  N N 208 
HIS H    H  N N 209 
HIS H2   H  N N 210 
HIS HA   H  N N 211 
HIS HB2  H  N N 212 
HIS HB3  H  N N 213 
HIS HD1  H  N N 214 
HIS HD2  H  N N 215 
HIS HE1  H  N N 216 
HIS HE2  H  N N 217 
HIS HXT  H  N N 218 
HOH O    O  N N 219 
HOH H1   H  N N 220 
HOH H2   H  N N 221 
ILE N    N  N N 222 
ILE CA   C  N S 223 
ILE C    C  N N 224 
ILE O    O  N N 225 
ILE CB   C  N S 226 
ILE CG1  C  N N 227 
ILE CG2  C  N N 228 
ILE CD1  C  N N 229 
ILE OXT  O  N N 230 
ILE H    H  N N 231 
ILE H2   H  N N 232 
ILE HA   H  N N 233 
ILE HB   H  N N 234 
ILE HG12 H  N N 235 
ILE HG13 H  N N 236 
ILE HG21 H  N N 237 
ILE HG22 H  N N 238 
ILE HG23 H  N N 239 
ILE HD11 H  N N 240 
ILE HD12 H  N N 241 
ILE HD13 H  N N 242 
ILE HXT  H  N N 243 
IMD N1   N  Y N 244 
IMD C2   C  Y N 245 
IMD N3   N  Y N 246 
IMD C4   C  Y N 247 
IMD C5   C  Y N 248 
IMD HN1  H  N N 249 
IMD H2   H  N N 250 
IMD HN3  H  N N 251 
IMD H4   H  N N 252 
IMD H5   H  N N 253 
LEU N    N  N N 254 
LEU CA   C  N S 255 
LEU C    C  N N 256 
LEU O    O  N N 257 
LEU CB   C  N N 258 
LEU CG   C  N N 259 
LEU CD1  C  N N 260 
LEU CD2  C  N N 261 
LEU OXT  O  N N 262 
LEU H    H  N N 263 
LEU H2   H  N N 264 
LEU HA   H  N N 265 
LEU HB2  H  N N 266 
LEU HB3  H  N N 267 
LEU HG   H  N N 268 
LEU HD11 H  N N 269 
LEU HD12 H  N N 270 
LEU HD13 H  N N 271 
LEU HD21 H  N N 272 
LEU HD22 H  N N 273 
LEU HD23 H  N N 274 
LEU HXT  H  N N 275 
LYS N    N  N N 276 
LYS CA   C  N S 277 
LYS C    C  N N 278 
LYS O    O  N N 279 
LYS CB   C  N N 280 
LYS CG   C  N N 281 
LYS CD   C  N N 282 
LYS CE   C  N N 283 
LYS NZ   N  N N 284 
LYS OXT  O  N N 285 
LYS H    H  N N 286 
LYS H2   H  N N 287 
LYS HA   H  N N 288 
LYS HB2  H  N N 289 
LYS HB3  H  N N 290 
LYS HG2  H  N N 291 
LYS HG3  H  N N 292 
LYS HD2  H  N N 293 
LYS HD3  H  N N 294 
LYS HE2  H  N N 295 
LYS HE3  H  N N 296 
LYS HZ1  H  N N 297 
LYS HZ2  H  N N 298 
LYS HZ3  H  N N 299 
LYS HXT  H  N N 300 
MET N    N  N N 301 
MET CA   C  N S 302 
MET C    C  N N 303 
MET O    O  N N 304 
MET CB   C  N N 305 
MET CG   C  N N 306 
MET SD   S  N N 307 
MET CE   C  N N 308 
MET OXT  O  N N 309 
MET H    H  N N 310 
MET H2   H  N N 311 
MET HA   H  N N 312 
MET HB2  H  N N 313 
MET HB3  H  N N 314 
MET HG2  H  N N 315 
MET HG3  H  N N 316 
MET HE1  H  N N 317 
MET HE2  H  N N 318 
MET HE3  H  N N 319 
MET HXT  H  N N 320 
MPD C1   C  N N 321 
MPD C2   C  N N 322 
MPD O2   O  N N 323 
MPD CM   C  N N 324 
MPD C3   C  N N 325 
MPD C4   C  N S 326 
MPD O4   O  N N 327 
MPD C5   C  N N 328 
MPD H11  H  N N 329 
MPD H12  H  N N 330 
MPD H13  H  N N 331 
MPD HO2  H  N N 332 
MPD HM1  H  N N 333 
MPD HM2  H  N N 334 
MPD HM3  H  N N 335 
MPD H31  H  N N 336 
MPD H32  H  N N 337 
MPD H4   H  N N 338 
MPD HO4  H  N N 339 
MPD H51  H  N N 340 
MPD H52  H  N N 341 
MPD H53  H  N N 342 
PHE N    N  N N 343 
PHE CA   C  N S 344 
PHE C    C  N N 345 
PHE O    O  N N 346 
PHE CB   C  N N 347 
PHE CG   C  Y N 348 
PHE CD1  C  Y N 349 
PHE CD2  C  Y N 350 
PHE CE1  C  Y N 351 
PHE CE2  C  Y N 352 
PHE CZ   C  Y N 353 
PHE OXT  O  N N 354 
PHE H    H  N N 355 
PHE H2   H  N N 356 
PHE HA   H  N N 357 
PHE HB2  H  N N 358 
PHE HB3  H  N N 359 
PHE HD1  H  N N 360 
PHE HD2  H  N N 361 
PHE HE1  H  N N 362 
PHE HE2  H  N N 363 
PHE HZ   H  N N 364 
PHE HXT  H  N N 365 
PRO N    N  N N 366 
PRO CA   C  N S 367 
PRO C    C  N N 368 
PRO O    O  N N 369 
PRO CB   C  N N 370 
PRO CG   C  N N 371 
PRO CD   C  N N 372 
PRO OXT  O  N N 373 
PRO H    H  N N 374 
PRO HA   H  N N 375 
PRO HB2  H  N N 376 
PRO HB3  H  N N 377 
PRO HG2  H  N N 378 
PRO HG3  H  N N 379 
PRO HD2  H  N N 380 
PRO HD3  H  N N 381 
PRO HXT  H  N N 382 
SER N    N  N N 383 
SER CA   C  N S 384 
SER C    C  N N 385 
SER O    O  N N 386 
SER CB   C  N N 387 
SER OG   O  N N 388 
SER OXT  O  N N 389 
SER H    H  N N 390 
SER H2   H  N N 391 
SER HA   H  N N 392 
SER HB2  H  N N 393 
SER HB3  H  N N 394 
SER HG   H  N N 395 
SER HXT  H  N N 396 
THR N    N  N N 397 
THR CA   C  N S 398 
THR C    C  N N 399 
THR O    O  N N 400 
THR CB   C  N R 401 
THR OG1  O  N N 402 
THR CG2  C  N N 403 
THR OXT  O  N N 404 
THR H    H  N N 405 
THR H2   H  N N 406 
THR HA   H  N N 407 
THR HB   H  N N 408 
THR HG1  H  N N 409 
THR HG21 H  N N 410 
THR HG22 H  N N 411 
THR HG23 H  N N 412 
THR HXT  H  N N 413 
TRP N    N  N N 414 
TRP CA   C  N S 415 
TRP C    C  N N 416 
TRP O    O  N N 417 
TRP CB   C  N N 418 
TRP CG   C  Y N 419 
TRP CD1  C  Y N 420 
TRP CD2  C  Y N 421 
TRP NE1  N  Y N 422 
TRP CE2  C  Y N 423 
TRP CE3  C  Y N 424 
TRP CZ2  C  Y N 425 
TRP CZ3  C  Y N 426 
TRP CH2  C  Y N 427 
TRP OXT  O  N N 428 
TRP H    H  N N 429 
TRP H2   H  N N 430 
TRP HA   H  N N 431 
TRP HB2  H  N N 432 
TRP HB3  H  N N 433 
TRP HD1  H  N N 434 
TRP HE1  H  N N 435 
TRP HE3  H  N N 436 
TRP HZ2  H  N N 437 
TRP HZ3  H  N N 438 
TRP HH2  H  N N 439 
TRP HXT  H  N N 440 
TYR N    N  N N 441 
TYR CA   C  N S 442 
TYR C    C  N N 443 
TYR O    O  N N 444 
TYR CB   C  N N 445 
TYR CG   C  Y N 446 
TYR CD1  C  Y N 447 
TYR CD2  C  Y N 448 
TYR CE1  C  Y N 449 
TYR CE2  C  Y N 450 
TYR CZ   C  Y N 451 
TYR OH   O  N N 452 
TYR OXT  O  N N 453 
TYR H    H  N N 454 
TYR H2   H  N N 455 
TYR HA   H  N N 456 
TYR HB2  H  N N 457 
TYR HB3  H  N N 458 
TYR HD1  H  N N 459 
TYR HD2  H  N N 460 
TYR HE1  H  N N 461 
TYR HE2  H  N N 462 
TYR HH   H  N N 463 
TYR HXT  H  N N 464 
VAL N    N  N N 465 
VAL CA   C  N S 466 
VAL C    C  N N 467 
VAL O    O  N N 468 
VAL CB   C  N N 469 
VAL CG1  C  N N 470 
VAL CG2  C  N N 471 
VAL OXT  O  N N 472 
VAL H    H  N N 473 
VAL H2   H  N N 474 
VAL HA   H  N N 475 
VAL HB   H  N N 476 
VAL HG11 H  N N 477 
VAL HG12 H  N N 478 
VAL HG13 H  N N 479 
VAL HG21 H  N N 480 
VAL HG22 H  N N 481 
VAL HG23 H  N N 482 
VAL HXT  H  N N 483 
# 
loop_
_chem_comp_bond.comp_id 
_chem_comp_bond.atom_id_1 
_chem_comp_bond.atom_id_2 
_chem_comp_bond.value_order 
_chem_comp_bond.pdbx_aromatic_flag 
_chem_comp_bond.pdbx_stereo_config 
_chem_comp_bond.pdbx_ordinal 
ALA N   CA   sing N N 1   
ALA N   H    sing N N 2   
ALA N   H2   sing N N 3   
ALA CA  C    sing N N 4   
ALA CA  CB   sing N N 5   
ALA CA  HA   sing N N 6   
ALA C   O    doub N N 7   
ALA C   OXT  sing N N 8   
ALA CB  HB1  sing N N 9   
ALA CB  HB2  sing N N 10  
ALA CB  HB3  sing N N 11  
ALA OXT HXT  sing N N 12  
ARG N   CA   sing N N 13  
ARG N   H    sing N N 14  
ARG N   H2   sing N N 15  
ARG CA  C    sing N N 16  
ARG CA  CB   sing N N 17  
ARG CA  HA   sing N N 18  
ARG C   O    doub N N 19  
ARG C   OXT  sing N N 20  
ARG CB  CG   sing N N 21  
ARG CB  HB2  sing N N 22  
ARG CB  HB3  sing N N 23  
ARG CG  CD   sing N N 24  
ARG CG  HG2  sing N N 25  
ARG CG  HG3  sing N N 26  
ARG CD  NE   sing N N 27  
ARG CD  HD2  sing N N 28  
ARG CD  HD3  sing N N 29  
ARG NE  CZ   sing N N 30  
ARG NE  HE   sing N N 31  
ARG CZ  NH1  sing N N 32  
ARG CZ  NH2  doub N N 33  
ARG NH1 HH11 sing N N 34  
ARG NH1 HH12 sing N N 35  
ARG NH2 HH21 sing N N 36  
ARG NH2 HH22 sing N N 37  
ARG OXT HXT  sing N N 38  
ASN N   CA   sing N N 39  
ASN N   H    sing N N 40  
ASN N   H2   sing N N 41  
ASN CA  C    sing N N 42  
ASN CA  CB   sing N N 43  
ASN CA  HA   sing N N 44  
ASN C   O    doub N N 45  
ASN C   OXT  sing N N 46  
ASN CB  CG   sing N N 47  
ASN CB  HB2  sing N N 48  
ASN CB  HB3  sing N N 49  
ASN CG  OD1  doub N N 50  
ASN CG  ND2  sing N N 51  
ASN ND2 HD21 sing N N 52  
ASN ND2 HD22 sing N N 53  
ASN OXT HXT  sing N N 54  
ASP N   CA   sing N N 55  
ASP N   H    sing N N 56  
ASP N   H2   sing N N 57  
ASP CA  C    sing N N 58  
ASP CA  CB   sing N N 59  
ASP CA  HA   sing N N 60  
ASP C   O    doub N N 61  
ASP C   OXT  sing N N 62  
ASP CB  CG   sing N N 63  
ASP CB  HB2  sing N N 64  
ASP CB  HB3  sing N N 65  
ASP CG  OD1  doub N N 66  
ASP CG  OD2  sing N N 67  
ASP OD2 HD2  sing N N 68  
ASP OXT HXT  sing N N 69  
GLN N   CA   sing N N 70  
GLN N   H    sing N N 71  
GLN N   H2   sing N N 72  
GLN CA  C    sing N N 73  
GLN CA  CB   sing N N 74  
GLN CA  HA   sing N N 75  
GLN C   O    doub N N 76  
GLN C   OXT  sing N N 77  
GLN CB  CG   sing N N 78  
GLN CB  HB2  sing N N 79  
GLN CB  HB3  sing N N 80  
GLN CG  CD   sing N N 81  
GLN CG  HG2  sing N N 82  
GLN CG  HG3  sing N N 83  
GLN CD  OE1  doub N N 84  
GLN CD  NE2  sing N N 85  
GLN NE2 HE21 sing N N 86  
GLN NE2 HE22 sing N N 87  
GLN OXT HXT  sing N N 88  
GLU N   CA   sing N N 89  
GLU N   H    sing N N 90  
GLU N   H2   sing N N 91  
GLU CA  C    sing N N 92  
GLU CA  CB   sing N N 93  
GLU CA  HA   sing N N 94  
GLU C   O    doub N N 95  
GLU C   OXT  sing N N 96  
GLU CB  CG   sing N N 97  
GLU CB  HB2  sing N N 98  
GLU CB  HB3  sing N N 99  
GLU CG  CD   sing N N 100 
GLU CG  HG2  sing N N 101 
GLU CG  HG3  sing N N 102 
GLU CD  OE1  doub N N 103 
GLU CD  OE2  sing N N 104 
GLU OE2 HE2  sing N N 105 
GLU OXT HXT  sing N N 106 
GLY N   CA   sing N N 107 
GLY N   H    sing N N 108 
GLY N   H2   sing N N 109 
GLY CA  C    sing N N 110 
GLY CA  HA2  sing N N 111 
GLY CA  HA3  sing N N 112 
GLY C   O    doub N N 113 
GLY C   OXT  sing N N 114 
GLY OXT HXT  sing N N 115 
HEM CHA C1A  sing N N 116 
HEM CHA C4D  doub N N 117 
HEM CHA HHA  sing N N 118 
HEM CHB C4A  sing N N 119 
HEM CHB C1B  doub N N 120 
HEM CHB HHB  sing N N 121 
HEM CHC C4B  sing N N 122 
HEM CHC C1C  doub N N 123 
HEM CHC HHC  sing N N 124 
HEM CHD C4C  doub N N 125 
HEM CHD C1D  sing N N 126 
HEM CHD HHD  sing N N 127 
HEM C1A C2A  doub Y N 128 
HEM C1A NA   sing Y N 129 
HEM C2A C3A  sing Y N 130 
HEM C2A CAA  sing N N 131 
HEM C3A C4A  doub Y N 132 
HEM C3A CMA  sing N N 133 
HEM C4A NA   sing Y N 134 
HEM CMA HMA  sing N N 135 
HEM CMA HMAA sing N N 136 
HEM CMA HMAB sing N N 137 
HEM CAA CBA  sing N N 138 
HEM CAA HAA  sing N N 139 
HEM CAA HAAA sing N N 140 
HEM CBA CGA  sing N N 141 
HEM CBA HBA  sing N N 142 
HEM CBA HBAA sing N N 143 
HEM CGA O1A  doub N N 144 
HEM CGA O2A  sing N N 145 
HEM C1B C2B  sing N N 146 
HEM C1B NB   sing N N 147 
HEM C2B C3B  doub N N 148 
HEM C2B CMB  sing N N 149 
HEM C3B C4B  sing N N 150 
HEM C3B CAB  sing N N 151 
HEM C4B NB   doub N N 152 
HEM CMB HMB  sing N N 153 
HEM CMB HMBA sing N N 154 
HEM CMB HMBB sing N N 155 
HEM CAB CBB  doub N N 156 
HEM CAB HAB  sing N N 157 
HEM CBB HBB  sing N N 158 
HEM CBB HBBA sing N N 159 
HEM C1C C2C  sing Y N 160 
HEM C1C NC   sing Y N 161 
HEM C2C C3C  doub Y N 162 
HEM C2C CMC  sing N N 163 
HEM C3C C4C  sing Y N 164 
HEM C3C CAC  sing N N 165 
HEM C4C NC   sing Y N 166 
HEM CMC HMC  sing N N 167 
HEM CMC HMCA sing N N 168 
HEM CMC HMCB sing N N 169 
HEM CAC CBC  doub N N 170 
HEM CAC HAC  sing N N 171 
HEM CBC HBC  sing N N 172 
HEM CBC HBCA sing N N 173 
HEM C1D C2D  sing N N 174 
HEM C1D ND   doub N N 175 
HEM C2D C3D  doub N N 176 
HEM C2D CMD  sing N N 177 
HEM C3D C4D  sing N N 178 
HEM C3D CAD  sing N N 179 
HEM C4D ND   sing N N 180 
HEM CMD HMD  sing N N 181 
HEM CMD HMDA sing N N 182 
HEM CMD HMDB sing N N 183 
HEM CAD CBD  sing N N 184 
HEM CAD HAD  sing N N 185 
HEM CAD HADA sing N N 186 
HEM CBD CGD  sing N N 187 
HEM CBD HBD  sing N N 188 
HEM CBD HBDA sing N N 189 
HEM CGD O1D  doub N N 190 
HEM CGD O2D  sing N N 191 
HEM O2A H2A  sing N N 192 
HEM O2D H2D  sing N N 193 
HEM FE  NA   sing N N 194 
HEM FE  NB   sing N N 195 
HEM FE  NC   sing N N 196 
HEM FE  ND   sing N N 197 
HIS N   CA   sing N N 198 
HIS N   H    sing N N 199 
HIS N   H2   sing N N 200 
HIS CA  C    sing N N 201 
HIS CA  CB   sing N N 202 
HIS CA  HA   sing N N 203 
HIS C   O    doub N N 204 
HIS C   OXT  sing N N 205 
HIS CB  CG   sing N N 206 
HIS CB  HB2  sing N N 207 
HIS CB  HB3  sing N N 208 
HIS CG  ND1  sing Y N 209 
HIS CG  CD2  doub Y N 210 
HIS ND1 CE1  doub Y N 211 
HIS ND1 HD1  sing N N 212 
HIS CD2 NE2  sing Y N 213 
HIS CD2 HD2  sing N N 214 
HIS CE1 NE2  sing Y N 215 
HIS CE1 HE1  sing N N 216 
HIS NE2 HE2  sing N N 217 
HIS OXT HXT  sing N N 218 
HOH O   H1   sing N N 219 
HOH O   H2   sing N N 220 
ILE N   CA   sing N N 221 
ILE N   H    sing N N 222 
ILE N   H2   sing N N 223 
ILE CA  C    sing N N 224 
ILE CA  CB   sing N N 225 
ILE CA  HA   sing N N 226 
ILE C   O    doub N N 227 
ILE C   OXT  sing N N 228 
ILE CB  CG1  sing N N 229 
ILE CB  CG2  sing N N 230 
ILE CB  HB   sing N N 231 
ILE CG1 CD1  sing N N 232 
ILE CG1 HG12 sing N N 233 
ILE CG1 HG13 sing N N 234 
ILE CG2 HG21 sing N N 235 
ILE CG2 HG22 sing N N 236 
ILE CG2 HG23 sing N N 237 
ILE CD1 HD11 sing N N 238 
ILE CD1 HD12 sing N N 239 
ILE CD1 HD13 sing N N 240 
ILE OXT HXT  sing N N 241 
IMD N1  C2   sing Y N 242 
IMD N1  C5   sing Y N 243 
IMD N1  HN1  sing N N 244 
IMD C2  N3   doub Y N 245 
IMD C2  H2   sing N N 246 
IMD N3  C4   sing Y N 247 
IMD N3  HN3  sing N N 248 
IMD C4  C5   doub Y N 249 
IMD C4  H4   sing N N 250 
IMD C5  H5   sing N N 251 
LEU N   CA   sing N N 252 
LEU N   H    sing N N 253 
LEU N   H2   sing N N 254 
LEU CA  C    sing N N 255 
LEU CA  CB   sing N N 256 
LEU CA  HA   sing N N 257 
LEU C   O    doub N N 258 
LEU C   OXT  sing N N 259 
LEU CB  CG   sing N N 260 
LEU CB  HB2  sing N N 261 
LEU CB  HB3  sing N N 262 
LEU CG  CD1  sing N N 263 
LEU CG  CD2  sing N N 264 
LEU CG  HG   sing N N 265 
LEU CD1 HD11 sing N N 266 
LEU CD1 HD12 sing N N 267 
LEU CD1 HD13 sing N N 268 
LEU CD2 HD21 sing N N 269 
LEU CD2 HD22 sing N N 270 
LEU CD2 HD23 sing N N 271 
LEU OXT HXT  sing N N 272 
LYS N   CA   sing N N 273 
LYS N   H    sing N N 274 
LYS N   H2   sing N N 275 
LYS CA  C    sing N N 276 
LYS CA  CB   sing N N 277 
LYS CA  HA   sing N N 278 
LYS C   O    doub N N 279 
LYS C   OXT  sing N N 280 
LYS CB  CG   sing N N 281 
LYS CB  HB2  sing N N 282 
LYS CB  HB3  sing N N 283 
LYS CG  CD   sing N N 284 
LYS CG  HG2  sing N N 285 
LYS CG  HG3  sing N N 286 
LYS CD  CE   sing N N 287 
LYS CD  HD2  sing N N 288 
LYS CD  HD3  sing N N 289 
LYS CE  NZ   sing N N 290 
LYS CE  HE2  sing N N 291 
LYS CE  HE3  sing N N 292 
LYS NZ  HZ1  sing N N 293 
LYS NZ  HZ2  sing N N 294 
LYS NZ  HZ3  sing N N 295 
LYS OXT HXT  sing N N 296 
MET N   CA   sing N N 297 
MET N   H    sing N N 298 
MET N   H2   sing N N 299 
MET CA  C    sing N N 300 
MET CA  CB   sing N N 301 
MET CA  HA   sing N N 302 
MET C   O    doub N N 303 
MET C   OXT  sing N N 304 
MET CB  CG   sing N N 305 
MET CB  HB2  sing N N 306 
MET CB  HB3  sing N N 307 
MET CG  SD   sing N N 308 
MET CG  HG2  sing N N 309 
MET CG  HG3  sing N N 310 
MET SD  CE   sing N N 311 
MET CE  HE1  sing N N 312 
MET CE  HE2  sing N N 313 
MET CE  HE3  sing N N 314 
MET OXT HXT  sing N N 315 
MPD C1  C2   sing N N 316 
MPD C1  H11  sing N N 317 
MPD C1  H12  sing N N 318 
MPD C1  H13  sing N N 319 
MPD C2  O2   sing N N 320 
MPD C2  CM   sing N N 321 
MPD C2  C3   sing N N 322 
MPD O2  HO2  sing N N 323 
MPD CM  HM1  sing N N 324 
MPD CM  HM2  sing N N 325 
MPD CM  HM3  sing N N 326 
MPD C3  C4   sing N N 327 
MPD C3  H31  sing N N 328 
MPD C3  H32  sing N N 329 
MPD C4  O4   sing N N 330 
MPD C4  C5   sing N N 331 
MPD C4  H4   sing N N 332 
MPD O4  HO4  sing N N 333 
MPD C5  H51  sing N N 334 
MPD C5  H52  sing N N 335 
MPD C5  H53  sing N N 336 
PHE N   CA   sing N N 337 
PHE N   H    sing N N 338 
PHE N   H2   sing N N 339 
PHE CA  C    sing N N 340 
PHE CA  CB   sing N N 341 
PHE CA  HA   sing N N 342 
PHE C   O    doub N N 343 
PHE C   OXT  sing N N 344 
PHE CB  CG   sing N N 345 
PHE CB  HB2  sing N N 346 
PHE CB  HB3  sing N N 347 
PHE CG  CD1  doub Y N 348 
PHE CG  CD2  sing Y N 349 
PHE CD1 CE1  sing Y N 350 
PHE CD1 HD1  sing N N 351 
PHE CD2 CE2  doub Y N 352 
PHE CD2 HD2  sing N N 353 
PHE CE1 CZ   doub Y N 354 
PHE CE1 HE1  sing N N 355 
PHE CE2 CZ   sing Y N 356 
PHE CE2 HE2  sing N N 357 
PHE CZ  HZ   sing N N 358 
PHE OXT HXT  sing N N 359 
PRO N   CA   sing N N 360 
PRO N   CD   sing N N 361 
PRO N   H    sing N N 362 
PRO CA  C    sing N N 363 
PRO CA  CB   sing N N 364 
PRO CA  HA   sing N N 365 
PRO C   O    doub N N 366 
PRO C   OXT  sing N N 367 
PRO CB  CG   sing N N 368 
PRO CB  HB2  sing N N 369 
PRO CB  HB3  sing N N 370 
PRO CG  CD   sing N N 371 
PRO CG  HG2  sing N N 372 
PRO CG  HG3  sing N N 373 
PRO CD  HD2  sing N N 374 
PRO CD  HD3  sing N N 375 
PRO OXT HXT  sing N N 376 
SER N   CA   sing N N 377 
SER N   H    sing N N 378 
SER N   H2   sing N N 379 
SER CA  C    sing N N 380 
SER CA  CB   sing N N 381 
SER CA  HA   sing N N 382 
SER C   O    doub N N 383 
SER C   OXT  sing N N 384 
SER CB  OG   sing N N 385 
SER CB  HB2  sing N N 386 
SER CB  HB3  sing N N 387 
SER OG  HG   sing N N 388 
SER OXT HXT  sing N N 389 
THR N   CA   sing N N 390 
THR N   H    sing N N 391 
THR N   H2   sing N N 392 
THR CA  C    sing N N 393 
THR CA  CB   sing N N 394 
THR CA  HA   sing N N 395 
THR C   O    doub N N 396 
THR C   OXT  sing N N 397 
THR CB  OG1  sing N N 398 
THR CB  CG2  sing N N 399 
THR CB  HB   sing N N 400 
THR OG1 HG1  sing N N 401 
THR CG2 HG21 sing N N 402 
THR CG2 HG22 sing N N 403 
THR CG2 HG23 sing N N 404 
THR OXT HXT  sing N N 405 
TRP N   CA   sing N N 406 
TRP N   H    sing N N 407 
TRP N   H2   sing N N 408 
TRP CA  C    sing N N 409 
TRP CA  CB   sing N N 410 
TRP CA  HA   sing N N 411 
TRP C   O    doub N N 412 
TRP C   OXT  sing N N 413 
TRP CB  CG   sing N N 414 
TRP CB  HB2  sing N N 415 
TRP CB  HB3  sing N N 416 
TRP CG  CD1  doub Y N 417 
TRP CG  CD2  sing Y N 418 
TRP CD1 NE1  sing Y N 419 
TRP CD1 HD1  sing N N 420 
TRP CD2 CE2  doub Y N 421 
TRP CD2 CE3  sing Y N 422 
TRP NE1 CE2  sing Y N 423 
TRP NE1 HE1  sing N N 424 
TRP CE2 CZ2  sing Y N 425 
TRP CE3 CZ3  doub Y N 426 
TRP CE3 HE3  sing N N 427 
TRP CZ2 CH2  doub Y N 428 
TRP CZ2 HZ2  sing N N 429 
TRP CZ3 CH2  sing Y N 430 
TRP CZ3 HZ3  sing N N 431 
TRP CH2 HH2  sing N N 432 
TRP OXT HXT  sing N N 433 
TYR N   CA   sing N N 434 
TYR N   H    sing N N 435 
TYR N   H2   sing N N 436 
TYR CA  C    sing N N 437 
TYR CA  CB   sing N N 438 
TYR CA  HA   sing N N 439 
TYR C   O    doub N N 440 
TYR C   OXT  sing N N 441 
TYR CB  CG   sing N N 442 
TYR CB  HB2  sing N N 443 
TYR CB  HB3  sing N N 444 
TYR CG  CD1  doub Y N 445 
TYR CG  CD2  sing Y N 446 
TYR CD1 CE1  sing Y N 447 
TYR CD1 HD1  sing N N 448 
TYR CD2 CE2  doub Y N 449 
TYR CD2 HD2  sing N N 450 
TYR CE1 CZ   doub Y N 451 
TYR CE1 HE1  sing N N 452 
TYR CE2 CZ   sing Y N 453 
TYR CE2 HE2  sing N N 454 
TYR CZ  OH   sing N N 455 
TYR OH  HH   sing N N 456 
TYR OXT HXT  sing N N 457 
VAL N   CA   sing N N 458 
VAL N   H    sing N N 459 
VAL N   H2   sing N N 460 
VAL CA  C    sing N N 461 
VAL CA  CB   sing N N 462 
VAL CA  HA   sing N N 463 
VAL C   O    doub N N 464 
VAL C   OXT  sing N N 465 
VAL CB  CG1  sing N N 466 
VAL CB  CG2  sing N N 467 
VAL CB  HB   sing N N 468 
VAL CG1 HG11 sing N N 469 
VAL CG1 HG12 sing N N 470 
VAL CG1 HG13 sing N N 471 
VAL CG2 HG21 sing N N 472 
VAL CG2 HG22 sing N N 473 
VAL CG2 HG23 sing N N 474 
VAL OXT HXT  sing N N 475 
# 
loop_
_pdbx_audit_support.funding_organization 
_pdbx_audit_support.country 
_pdbx_audit_support.grant_number 
_pdbx_audit_support.ordinal 
'Ministry of Education (MoE, Czech Republic)' 'Czech Republic' LM2015043                         1 
'European Regional Development Fund'          'Czech Republic' CZ.02.1.01/0.0/0.0/16_013/0001776 2 
# 
_pdbx_entity_instance_feature.ordinal        1 
_pdbx_entity_instance_feature.comp_id        IMD 
_pdbx_entity_instance_feature.asym_id        ? 
_pdbx_entity_instance_feature.seq_num        ? 
_pdbx_entity_instance_feature.auth_comp_id   IMD 
_pdbx_entity_instance_feature.auth_asym_id   ? 
_pdbx_entity_instance_feature.auth_seq_num   ? 
_pdbx_entity_instance_feature.feature_type   'SUBJECT OF INVESTIGATION' 
_pdbx_entity_instance_feature.details        ? 
# 
loop_
_pdbx_entity_nonpoly.entity_id 
_pdbx_entity_nonpoly.name 
_pdbx_entity_nonpoly.comp_id 
2 'PROTOPORPHYRIN IX CONTAINING FE' HEM 
3 '(4S)-2-METHYL-2,4-PENTANEDIOL'   MPD 
4 IMIDAZOLE                         IMD 
5 water                             HOH 
# 
_pdbx_initial_refinement_model.id               1 
_pdbx_initial_refinement_model.entity_id_list   ? 
_pdbx_initial_refinement_model.type             'experimental model' 
_pdbx_initial_refinement_model.source_name      PDB 
_pdbx_initial_refinement_model.accession_code   5OHF 
_pdbx_initial_refinement_model.details          ? 
# 
_pdbx_related_exp_data_set.data_reference       10.15785/SBGRID/715 
_pdbx_related_exp_data_set.data_set_type        'diffraction image data' 
_pdbx_related_exp_data_set.details              ? 
_pdbx_related_exp_data_set.metadata_reference   ? 
_pdbx_related_exp_data_set.ordinal              1 
# 
_pdbx_struct_assembly_auth_evidence.id                     1 
_pdbx_struct_assembly_auth_evidence.assembly_id            1 
_pdbx_struct_assembly_auth_evidence.experimental_support   none 
_pdbx_struct_assembly_auth_evidence.details                ? 
# 
